data_4ZVV
#
_entry.id   4ZVV
#
_cell.length_a   79.164
_cell.length_b   81.288
_cell.length_c   102.470
_cell.angle_alpha   90.00
_cell.angle_beta   98.31
_cell.angle_gamma   90.00
#
_symmetry.space_group_name_H-M   'P 1 21 1'
#
loop_
_entity.id
_entity.type
_entity.pdbx_description
1 polymer 'L-lactate dehydrogenase A chain'
2 non-polymer NICOTINAMIDE-ADENINE-DINUCLEOTIDE
3 non-polymer 'SULFATE ION'
4 non-polymer (2~{R})-5-(2-chlorophenyl)sulfanyl-2-(4-morpholin-4-ylphenyl)-4-oxidanyl-2-thiophen-3-yl-1,3-dihydropyridin-6-one
5 water water
#
_entity_poly.entity_id   1
_entity_poly.type   'polypeptide(L)'
_entity_poly.pdbx_seq_one_letter_code
;MATLKDQLIYNLLKEEQTPQNKITVVGVGAVGMACAISILMKDLADELALVDVIEDKLKGEMMDLQHGSLFLRTPKIVSG
KDYNVTANSKLVIITAGARQQEGESRLNLVQRNVNIFKFIIPNVVKYSPNCKLLIVSNPVDILTYVAWKISGFPKNRVIG
SGCNLDSARFRYLMGERLGVHPLSCHGWVLGEHGDSSVPVWSGMNVAGVSLKTLHPDLGTDKDKEQWKEVHKQVVESAYE
VIKLKGYTSWAIGLSVADLAESIMKNLRRVHPVSTMIKGLYGIKDDVFLSVPCILGQNGISDLVKVTLTSEEEARLKKSA
DTLWGIQKELQF
;
_entity_poly.pdbx_strand_id   A,B,C,D
#
loop_
_chem_comp.id
_chem_comp.type
_chem_comp.name
_chem_comp.formula
GN0 non-polymer (2~{R})-5-(2-chlorophenyl)sulfanyl-2-(4-morpholin-4-ylphenyl)-4-oxidanyl-2-thiophen-3-yl-1,3-dihydropyridin-6-one 'C25 H23 Cl N2 O3 S2'
NAD non-polymer NICOTINAMIDE-ADENINE-DINUCLEOTIDE 'C21 H27 N7 O14 P2'
SO4 non-polymer 'SULFATE ION' 'O4 S -2'
#
# COMPACT_ATOMS: atom_id res chain seq x y z
N ALA A 2 -1.21 -33.72 26.23
CA ALA A 2 -1.53 -32.95 25.00
C ALA A 2 -0.49 -31.88 24.71
N THR A 3 -0.30 -31.56 23.42
CA THR A 3 0.68 -30.57 23.00
C THR A 3 0.27 -29.17 23.45
N LEU A 4 1.27 -28.29 23.62
CA LEU A 4 1.03 -26.89 23.95
C LEU A 4 0.09 -26.26 22.92
N LYS A 5 0.34 -26.58 21.65
CA LYS A 5 -0.52 -26.12 20.56
C LYS A 5 -1.98 -26.49 20.80
N ASP A 6 -2.23 -27.77 21.11
CA ASP A 6 -3.59 -28.25 21.35
C ASP A 6 -4.24 -27.68 22.61
N GLN A 7 -3.44 -27.40 23.63
CA GLN A 7 -3.94 -26.76 24.85
C GLN A 7 -4.35 -25.31 24.60
N LEU A 8 -3.63 -24.66 23.69
CA LEU A 8 -3.84 -23.26 23.37
C LEU A 8 -4.95 -23.05 22.33
N ILE A 9 -4.97 -23.93 21.33
CA ILE A 9 -5.80 -23.76 20.15
C ILE A 9 -6.76 -24.93 19.91
N TYR A 10 -8.04 -24.63 19.76
CA TYR A 10 -9.02 -25.63 19.32
C TYR A 10 -9.22 -25.55 17.81
N ASN A 11 -9.09 -26.69 17.14
CA ASN A 11 -9.21 -26.77 15.69
C ASN A 11 -10.64 -27.08 15.23
N LEU A 12 -11.14 -26.25 14.32
CA LEU A 12 -12.46 -26.44 13.73
C LEU A 12 -12.41 -27.34 12.50
N LEU A 13 -11.33 -27.22 11.72
CA LEU A 13 -11.10 -28.03 10.53
C LEU A 13 -9.63 -27.99 10.15
N LYS A 14 -9.13 -29.11 9.62
CA LYS A 14 -7.73 -29.21 9.22
C LYS A 14 -7.54 -29.21 7.70
N GLU A 15 -8.59 -29.61 6.98
CA GLU A 15 -8.55 -29.68 5.51
C GLU A 15 -8.13 -28.35 4.87
N GLU A 16 -7.33 -28.44 3.81
CA GLU A 16 -6.67 -27.27 3.23
C GLU A 16 -7.05 -27.10 1.75
N GLN A 17 -7.30 -25.84 1.35
CA GLN A 17 -7.71 -25.53 -0.03
C GLN A 17 -6.55 -25.55 -1.00
N THR A 18 -6.86 -25.92 -2.25
CA THR A 18 -5.90 -25.78 -3.36
C THR A 18 -5.62 -24.30 -3.57
N PRO A 19 -4.35 -23.95 -3.90
CA PRO A 19 -3.95 -22.54 -4.00
C PRO A 19 -4.90 -21.70 -4.85
N GLN A 20 -5.23 -20.51 -4.36
CA GLN A 20 -6.19 -19.62 -5.03
C GLN A 20 -5.48 -18.56 -5.87
N ASN A 21 -4.51 -17.88 -5.25
CA ASN A 21 -3.77 -16.81 -5.91
C ASN A 21 -2.26 -17.07 -5.87
N LYS A 22 -1.87 -18.22 -6.43
CA LYS A 22 -0.49 -18.68 -6.37
C LYS A 22 0.34 -18.18 -7.55
N ILE A 23 1.56 -17.74 -7.25
CA ILE A 23 2.54 -17.38 -8.28
C ILE A 23 3.81 -18.23 -8.12
N THR A 24 4.33 -18.71 -9.24
CA THR A 24 5.64 -19.38 -9.25
C THR A 24 6.68 -18.53 -9.97
N VAL A 25 7.91 -18.59 -9.48
CA VAL A 25 9.03 -17.96 -10.17
C VAL A 25 10.11 -19.00 -10.43
N VAL A 26 10.43 -19.22 -11.71
CA VAL A 26 11.45 -20.18 -12.11
C VAL A 26 12.75 -19.44 -12.41
N GLY A 27 13.84 -19.92 -11.85
CA GLY A 27 15.11 -19.21 -11.89
C GLY A 27 15.23 -18.30 -10.69
N VAL A 28 16.25 -18.53 -9.87
CA VAL A 28 16.44 -17.79 -8.62
C VAL A 28 17.74 -16.98 -8.64
N GLY A 29 18.06 -16.42 -9.80
CA GLY A 29 19.17 -15.49 -9.94
C GLY A 29 18.72 -14.08 -9.56
N ALA A 30 19.55 -13.10 -9.86
CA ALA A 30 19.25 -11.70 -9.53
C ALA A 30 17.87 -11.28 -10.03
N VAL A 31 17.50 -11.77 -11.21
CA VAL A 31 16.23 -11.42 -11.85
C VAL A 31 15.04 -12.08 -11.15
N GLY A 32 15.13 -13.39 -10.93
CA GLY A 32 14.07 -14.14 -10.26
C GLY A 32 13.79 -13.67 -8.85
N MET A 33 14.85 -13.35 -8.11
CA MET A 33 14.71 -12.90 -6.73
C MET A 33 14.19 -11.46 -6.63
N ALA A 34 14.56 -10.63 -7.61
CA ALA A 34 14.07 -9.26 -7.67
C ALA A 34 12.58 -9.22 -7.97
N CYS A 35 12.12 -10.11 -8.86
CA CYS A 35 10.69 -10.30 -9.10
C CYS A 35 10.01 -10.82 -7.84
N ALA A 36 10.64 -11.80 -7.19
CA ALA A 36 10.08 -12.43 -6.00
C ALA A 36 9.78 -11.40 -4.92
N ILE A 37 10.74 -10.54 -4.63
CA ILE A 37 10.57 -9.54 -3.56
C ILE A 37 9.55 -8.44 -3.93
N SER A 38 9.51 -8.05 -5.20
CA SER A 38 8.57 -7.04 -5.68
C SER A 38 7.13 -7.55 -5.64
N ILE A 39 6.95 -8.82 -5.99
CA ILE A 39 5.65 -9.48 -5.88
C ILE A 39 5.20 -9.56 -4.42
N LEU A 40 6.11 -10.00 -3.55
CA LEU A 40 5.81 -10.11 -2.12
C LEU A 40 5.40 -8.76 -1.54
N MET A 41 6.18 -7.73 -1.81
CA MET A 41 5.97 -6.42 -1.19
C MET A 41 4.73 -5.68 -1.69
N LYS A 42 4.26 -6.08 -2.88
CA LYS A 42 3.05 -5.52 -3.48
C LYS A 42 1.79 -6.34 -3.16
N ASP A 43 1.99 -7.47 -2.47
CA ASP A 43 0.89 -8.34 -1.99
C ASP A 43 0.01 -8.89 -3.11
N LEU A 44 0.63 -9.54 -4.10
CA LEU A 44 -0.10 -10.04 -5.28
C LEU A 44 -0.41 -11.54 -5.24
N ALA A 45 -0.01 -12.20 -4.16
CA ALA A 45 -0.17 -13.64 -4.05
C ALA A 45 -0.35 -14.10 -2.61
N ASP A 46 -1.13 -15.17 -2.42
CA ASP A 46 -1.25 -15.81 -1.11
C ASP A 46 -0.28 -16.99 -0.98
N GLU A 47 0.36 -17.35 -2.09
CA GLU A 47 1.38 -18.39 -2.10
C GLU A 47 2.44 -18.08 -3.16
N LEU A 48 3.70 -18.31 -2.81
CA LEU A 48 4.80 -18.14 -3.76
C LEU A 48 5.71 -19.37 -3.79
N ALA A 49 5.89 -19.89 -5.00
CA ALA A 49 6.79 -21.01 -5.22
C ALA A 49 8.06 -20.54 -5.94
N LEU A 50 9.18 -21.18 -5.59
CA LEU A 50 10.48 -20.85 -6.18
C LEU A 50 11.13 -22.12 -6.71
N VAL A 51 11.62 -22.07 -7.93
CA VAL A 51 12.23 -23.23 -8.59
C VAL A 51 13.58 -22.85 -9.20
N ASP A 52 14.55 -23.77 -9.10
CA ASP A 52 15.89 -23.63 -9.68
C ASP A 52 16.56 -25.01 -9.73
N VAL A 53 17.70 -25.11 -10.39
CA VAL A 53 18.48 -26.37 -10.42
C VAL A 53 19.59 -26.39 -9.37
N ILE A 54 20.08 -25.20 -8.99
CA ILE A 54 21.06 -25.06 -7.91
C ILE A 54 20.32 -25.14 -6.58
N GLU A 55 20.33 -26.35 -5.99
CA GLU A 55 19.49 -26.66 -4.82
C GLU A 55 19.87 -25.96 -3.51
N ASP A 56 21.16 -25.69 -3.30
CA ASP A 56 21.60 -25.06 -2.07
C ASP A 56 21.23 -23.58 -1.96
N LYS A 57 21.40 -22.83 -3.05
CA LYS A 57 21.06 -21.40 -3.05
C LYS A 57 19.53 -21.21 -3.08
N LEU A 58 18.83 -22.12 -3.75
CA LEU A 58 17.37 -22.11 -3.79
C LEU A 58 16.77 -22.17 -2.38
N LYS A 59 17.25 -23.13 -1.59
CA LYS A 59 16.82 -23.28 -0.20
C LYS A 59 17.13 -22.03 0.61
N GLY A 60 18.34 -21.51 0.44
CA GLY A 60 18.81 -20.31 1.14
C GLY A 60 17.97 -19.09 0.89
N GLU A 61 17.51 -18.93 -0.36
CA GLU A 61 16.63 -17.83 -0.73
C GLU A 61 15.23 -17.97 -0.12
N MET A 62 14.70 -19.18 -0.18
CA MET A 62 13.40 -19.49 0.44
C MET A 62 13.42 -19.07 1.91
N MET A 63 14.39 -19.60 2.65
CA MET A 63 14.53 -19.29 4.09
C MET A 63 14.62 -17.79 4.36
N ASP A 64 15.45 -17.09 3.59
CA ASP A 64 15.66 -15.65 3.75
C ASP A 64 14.34 -14.87 3.59
N LEU A 65 13.58 -15.23 2.55
CA LEU A 65 12.25 -14.67 2.33
C LEU A 65 11.29 -15.00 3.47
N GLN A 66 11.36 -16.24 3.96
CA GLN A 66 10.48 -16.71 5.02
C GLN A 66 10.74 -16.01 6.35
N HIS A 67 11.98 -15.63 6.60
CA HIS A 67 12.34 -14.93 7.83
C HIS A 67 11.82 -13.50 7.84
N GLY A 68 11.33 -13.04 6.69
CA GLY A 68 10.73 -11.72 6.55
C GLY A 68 9.21 -11.72 6.64
N SER A 69 8.64 -12.90 6.85
CA SER A 69 7.18 -13.10 6.86
C SER A 69 6.42 -12.16 7.80
N LEU A 70 7.04 -11.81 8.93
CA LEU A 70 6.47 -10.85 9.88
C LEU A 70 6.10 -9.53 9.20
N PHE A 71 6.89 -9.13 8.20
CA PHE A 71 6.69 -7.85 7.52
C PHE A 71 6.04 -8.01 6.15
N LEU A 72 5.57 -9.22 5.88
CA LEU A 72 4.90 -9.52 4.61
C LEU A 72 3.47 -10.00 4.84
N ARG A 73 2.67 -9.99 3.77
CA ARG A 73 1.29 -10.49 3.81
C ARG A 73 1.11 -11.64 2.81
N THR A 74 2.17 -12.43 2.62
CA THR A 74 2.12 -13.64 1.82
C THR A 74 2.57 -14.80 2.70
N PRO A 75 1.58 -15.54 3.24
CA PRO A 75 1.81 -16.48 4.35
C PRO A 75 2.53 -17.77 3.96
N LYS A 76 2.48 -18.15 2.69
CA LYS A 76 3.07 -19.41 2.24
C LYS A 76 4.13 -19.22 1.17
N ILE A 77 5.37 -19.55 1.51
CA ILE A 77 6.49 -19.49 0.57
C ILE A 77 7.20 -20.84 0.54
N VAL A 78 7.15 -21.49 -0.61
CA VAL A 78 7.77 -22.81 -0.78
C VAL A 78 8.82 -22.77 -1.89
N SER A 79 9.72 -23.76 -1.86
CA SER A 79 10.69 -23.95 -2.93
C SER A 79 11.02 -25.43 -3.10
N GLY A 80 11.64 -25.77 -4.23
CA GLY A 80 12.03 -27.15 -4.50
C GLY A 80 12.46 -27.36 -5.94
N LYS A 81 13.28 -28.39 -6.15
CA LYS A 81 13.73 -28.79 -7.48
C LYS A 81 12.60 -29.43 -8.27
N ASP A 82 11.71 -30.14 -7.55
CA ASP A 82 10.57 -30.81 -8.17
C ASP A 82 9.39 -29.85 -8.34
N TYR A 83 8.78 -29.89 -9.52
CA TYR A 83 7.73 -28.94 -9.89
C TYR A 83 6.37 -29.15 -9.21
N ASN A 84 6.27 -30.21 -8.40
CA ASN A 84 5.08 -30.43 -7.57
C ASN A 84 4.80 -29.26 -6.62
N VAL A 85 5.83 -28.47 -6.35
CA VAL A 85 5.68 -27.28 -5.49
C VAL A 85 5.03 -26.10 -6.23
N THR A 86 4.86 -26.25 -7.54
CA THR A 86 4.26 -25.19 -8.37
C THR A 86 2.78 -25.42 -8.66
N ALA A 87 2.27 -26.58 -8.24
CA ALA A 87 0.90 -27.00 -8.52
C ALA A 87 -0.13 -25.90 -8.29
N ASN A 88 -1.02 -25.74 -9.27
CA ASN A 88 -2.15 -24.80 -9.21
C ASN A 88 -1.74 -23.32 -9.18
N SER A 89 -0.60 -23.01 -9.78
CA SER A 89 -0.15 -21.63 -9.98
C SER A 89 -1.04 -20.94 -10.99
N LYS A 90 -1.47 -19.73 -10.66
CA LYS A 90 -2.24 -18.90 -11.60
C LYS A 90 -1.29 -18.26 -12.60
N LEU A 91 -0.09 -17.90 -12.12
CA LEU A 91 0.93 -17.30 -12.96
C LEU A 91 2.29 -17.94 -12.71
N VAL A 92 3.00 -18.23 -13.79
CA VAL A 92 4.37 -18.76 -13.70
C VAL A 92 5.34 -17.83 -14.44
N ILE A 93 6.32 -17.33 -13.70
CA ILE A 93 7.31 -16.40 -14.26
C ILE A 93 8.65 -17.11 -14.47
N ILE A 94 9.09 -17.13 -15.73
CA ILE A 94 10.31 -17.85 -16.11
C ILE A 94 11.49 -16.88 -16.30
N THR A 95 12.49 -17.02 -15.43
CA THR A 95 13.67 -16.15 -15.46
C THR A 95 14.96 -16.98 -15.59
N ALA A 96 14.81 -18.29 -15.76
CA ALA A 96 15.95 -19.19 -15.87
C ALA A 96 16.66 -19.05 -17.23
N GLY A 97 17.98 -18.89 -17.19
CA GLY A 97 18.77 -18.68 -18.40
C GLY A 97 20.22 -19.13 -18.28
N ALA A 98 20.82 -19.41 -19.44
CA ALA A 98 22.24 -19.78 -19.52
C ALA A 98 23.09 -18.50 -19.72
N ARG A 99 24.21 -18.42 -19.00
CA ARG A 99 25.07 -17.24 -19.05
C ARG A 99 25.77 -17.07 -20.40
N GLN A 100 26.20 -15.79 -20.69
CA GLN A 100 26.82 -15.47 -21.98
C GLN A 100 28.33 -15.72 -21.91
N GLN A 101 28.85 -16.43 -22.92
CA GLN A 101 30.26 -16.79 -22.99
C GLN A 101 31.01 -16.00 -24.08
N GLU A 102 32.32 -15.87 -23.90
CA GLU A 102 33.18 -15.16 -24.84
C GLU A 102 33.29 -15.91 -26.17
N GLY A 103 33.27 -15.15 -27.27
CA GLY A 103 33.34 -15.70 -28.62
C GLY A 103 32.31 -16.79 -28.87
N GLU A 104 31.06 -16.49 -28.50
CA GLU A 104 29.98 -17.47 -28.55
C GLU A 104 28.96 -17.11 -29.65
N SER A 105 28.53 -18.13 -30.40
CA SER A 105 27.62 -17.94 -31.55
C SER A 105 26.20 -17.49 -31.14
N ARG A 106 25.61 -16.63 -31.97
CA ARG A 106 24.25 -16.14 -31.76
C ARG A 106 23.23 -17.28 -31.70
N LEU A 107 23.30 -18.18 -32.69
CA LEU A 107 22.43 -19.37 -32.75
C LEU A 107 22.74 -20.34 -31.60
N ASN A 108 23.95 -20.22 -31.02
CA ASN A 108 24.38 -21.11 -29.96
C ASN A 108 23.71 -20.84 -28.60
N LEU A 109 23.69 -19.56 -28.19
CA LEU A 109 23.15 -19.19 -26.87
C LEU A 109 21.66 -19.47 -26.75
N VAL A 110 20.91 -19.18 -27.83
CA VAL A 110 19.48 -19.43 -27.87
C VAL A 110 19.16 -20.92 -27.71
N GLN A 111 19.90 -21.77 -28.43
CA GLN A 111 19.71 -23.23 -28.33
C GLN A 111 19.99 -23.78 -26.94
N ARG A 112 21.02 -23.28 -26.27
CA ARG A 112 21.31 -23.69 -24.89
C ARG A 112 20.13 -23.35 -23.99
N ASN A 113 19.55 -22.17 -24.21
CA ASN A 113 18.35 -21.75 -23.49
C ASN A 113 17.10 -22.54 -23.86
N VAL A 114 17.02 -22.97 -25.13
CA VAL A 114 15.92 -23.82 -25.60
C VAL A 114 15.90 -25.13 -24.82
N ASN A 115 17.07 -25.75 -24.63
CA ASN A 115 17.19 -27.02 -23.91
C ASN A 115 16.80 -26.90 -22.44
N ILE A 116 17.10 -25.76 -21.83
CA ILE A 116 16.66 -25.43 -20.48
C ILE A 116 15.12 -25.38 -20.43
N PHE A 117 14.53 -24.80 -21.48
CA PHE A 117 13.08 -24.67 -21.60
C PHE A 117 12.38 -26.00 -21.93
N LYS A 118 13.11 -26.90 -22.57
CA LYS A 118 12.59 -28.23 -22.91
C LYS A 118 12.33 -29.09 -21.66
N PHE A 119 12.99 -28.74 -20.56
CA PHE A 119 12.74 -29.40 -19.28
C PHE A 119 11.70 -28.62 -18.47
N ILE A 120 11.91 -27.30 -18.36
CA ILE A 120 11.03 -26.42 -17.60
C ILE A 120 9.57 -26.48 -18.08
N ILE A 121 9.34 -26.08 -19.33
CA ILE A 121 7.99 -25.89 -19.85
C ILE A 121 7.03 -27.09 -19.66
N PRO A 122 7.45 -28.31 -20.05
CA PRO A 122 6.55 -29.46 -19.85
C PRO A 122 6.25 -29.71 -18.37
N ASN A 123 7.21 -29.41 -17.50
CA ASN A 123 6.98 -29.55 -16.05
C ASN A 123 5.94 -28.56 -15.50
N VAL A 124 5.97 -27.32 -15.98
CA VAL A 124 4.98 -26.32 -15.52
C VAL A 124 3.55 -26.67 -15.92
N VAL A 125 3.34 -27.05 -17.19
CA VAL A 125 2.01 -27.46 -17.66
C VAL A 125 1.49 -28.70 -16.93
N LYS A 126 2.40 -29.61 -16.60
CA LYS A 126 2.06 -30.82 -15.85
C LYS A 126 1.36 -30.50 -14.53
N TYR A 127 1.84 -29.46 -13.82
CA TYR A 127 1.26 -29.09 -12.52
C TYR A 127 0.34 -27.86 -12.53
N SER A 128 0.50 -26.99 -13.53
CA SER A 128 -0.38 -25.82 -13.69
C SER A 128 -0.85 -25.66 -15.13
N PRO A 129 -1.70 -26.60 -15.62
CA PRO A 129 -2.10 -26.58 -17.03
C PRO A 129 -2.96 -25.39 -17.45
N ASN A 130 -3.55 -24.69 -16.47
CA ASN A 130 -4.38 -23.51 -16.78
C ASN A 130 -3.74 -22.16 -16.44
N CYS A 131 -2.45 -22.16 -16.14
CA CYS A 131 -1.73 -20.93 -15.76
C CYS A 131 -1.49 -19.99 -16.95
N LYS A 132 -0.98 -18.81 -16.64
CA LYS A 132 -0.39 -17.93 -17.65
C LYS A 132 1.12 -17.98 -17.52
N LEU A 133 1.81 -17.94 -18.65
CA LEU A 133 3.27 -17.92 -18.67
C LEU A 133 3.77 -16.52 -18.95
N LEU A 134 4.61 -16.02 -18.05
CA LEU A 134 5.29 -14.75 -18.25
C LEU A 134 6.79 -15.00 -18.40
N ILE A 135 7.29 -14.83 -19.62
CA ILE A 135 8.68 -15.17 -19.95
C ILE A 135 9.58 -13.95 -19.80
N VAL A 136 10.69 -14.13 -19.10
CA VAL A 136 11.65 -13.04 -18.86
C VAL A 136 13.00 -13.32 -19.51
N SER A 137 13.41 -14.60 -19.46
CA SER A 137 14.70 -15.06 -20.00
C SER A 137 15.02 -14.54 -21.41
N ASN A 138 16.28 -14.22 -21.65
CA ASN A 138 16.74 -13.72 -22.95
C ASN A 138 17.24 -14.81 -23.92
N PRO A 139 17.10 -14.59 -25.24
CA PRO A 139 16.42 -13.43 -25.86
C PRO A 139 14.91 -13.57 -25.77
N VAL A 140 14.29 -12.63 -25.05
CA VAL A 140 12.90 -12.79 -24.60
C VAL A 140 11.89 -13.07 -25.72
N ASP A 141 12.07 -12.48 -26.89
CA ASP A 141 11.12 -12.63 -27.99
C ASP A 141 11.10 -14.03 -28.60
N ILE A 142 12.26 -14.67 -28.72
CA ILE A 142 12.36 -16.03 -29.23
C ILE A 142 11.88 -17.05 -28.20
N LEU A 143 12.30 -16.86 -26.94
CA LEU A 143 11.96 -17.79 -25.87
C LEU A 143 10.47 -17.77 -25.49
N THR A 144 9.83 -16.62 -25.68
CA THR A 144 8.37 -16.54 -25.54
C THR A 144 7.73 -17.45 -26.59
N TYR A 145 8.21 -17.36 -27.83
CA TYR A 145 7.77 -18.25 -28.91
C TYR A 145 8.05 -19.71 -28.59
N VAL A 146 9.25 -19.99 -28.07
CA VAL A 146 9.64 -21.36 -27.67
C VAL A 146 8.69 -21.91 -26.62
N ALA A 147 8.40 -21.09 -25.61
CA ALA A 147 7.48 -21.46 -24.53
C ALA A 147 6.07 -21.73 -25.06
N TRP A 148 5.64 -20.91 -26.02
CA TRP A 148 4.33 -21.07 -26.65
C TRP A 148 4.22 -22.39 -27.41
N LYS A 149 5.29 -22.74 -28.11
CA LYS A 149 5.31 -23.94 -28.94
C LYS A 149 5.37 -25.24 -28.13
N ILE A 150 6.12 -25.23 -27.02
CA ILE A 150 6.25 -26.41 -26.17
C ILE A 150 5.05 -26.61 -25.23
N SER A 151 4.52 -25.51 -24.71
CA SER A 151 3.37 -25.57 -23.81
C SER A 151 2.10 -26.07 -24.51
N GLY A 152 1.92 -25.64 -25.74
CA GLY A 152 0.68 -25.91 -26.48
C GLY A 152 -0.44 -24.98 -26.04
N PHE A 153 -0.09 -24.01 -25.19
CA PHE A 153 -1.03 -23.02 -24.67
C PHE A 153 -1.54 -22.11 -25.79
N PRO A 154 -2.80 -21.64 -25.66
CA PRO A 154 -3.27 -20.54 -26.52
C PRO A 154 -2.37 -19.32 -26.36
N LYS A 155 -2.17 -18.60 -27.46
CA LYS A 155 -1.26 -17.44 -27.48
C LYS A 155 -1.56 -16.40 -26.40
N ASN A 156 -2.84 -16.26 -26.04
CA ASN A 156 -3.25 -15.30 -25.00
C ASN A 156 -2.63 -15.59 -23.64
N ARG A 157 -2.23 -16.85 -23.42
CA ARG A 157 -1.67 -17.27 -22.13
C ARG A 157 -0.14 -17.35 -22.12
N VAL A 158 0.51 -16.92 -23.21
CA VAL A 158 1.97 -16.88 -23.27
C VAL A 158 2.44 -15.44 -23.52
N ILE A 159 3.00 -14.83 -22.47
CA ILE A 159 3.33 -13.41 -22.48
C ILE A 159 4.83 -13.18 -22.27
N GLY A 160 5.44 -12.43 -23.19
CA GLY A 160 6.84 -12.06 -23.06
C GLY A 160 6.98 -10.69 -22.43
N SER A 161 7.89 -10.56 -21.46
CA SER A 161 8.17 -9.27 -20.82
C SER A 161 8.49 -8.21 -21.87
N GLY A 162 9.11 -8.65 -22.96
CA GLY A 162 9.31 -7.84 -24.16
C GLY A 162 9.89 -6.47 -23.92
N CYS A 163 9.17 -5.44 -24.37
CA CYS A 163 9.65 -4.06 -24.30
C CYS A 163 9.19 -3.30 -23.07
N ASN A 164 8.73 -4.03 -22.04
CA ASN A 164 8.26 -3.39 -20.82
C ASN A 164 9.36 -2.63 -20.08
N LEU A 165 10.52 -3.28 -19.89
CA LEU A 165 11.68 -2.62 -19.29
C LEU A 165 12.19 -1.49 -20.17
N ASP A 166 12.20 -1.73 -21.49
CA ASP A 166 12.61 -0.71 -22.47
C ASP A 166 11.83 0.58 -22.30
N SER A 167 10.50 0.47 -22.28
CA SER A 167 9.62 1.62 -22.12
C SER A 167 9.78 2.29 -20.76
N ALA A 168 9.99 1.49 -19.72
CA ALA A 168 10.15 2.01 -18.36
C ALA A 168 11.39 2.90 -18.24
N ARG A 169 12.52 2.43 -18.77
CA ARG A 169 13.76 3.20 -18.80
C ARG A 169 13.59 4.47 -19.63
N PHE A 170 12.95 4.33 -20.79
CA PHE A 170 12.70 5.45 -21.71
C PHE A 170 11.92 6.57 -21.03
N ARG A 171 10.87 6.18 -20.30
CA ARG A 171 10.00 7.13 -19.61
C ARG A 171 10.70 7.78 -18.41
N TYR A 172 11.69 7.09 -17.86
CA TYR A 172 12.53 7.66 -16.80
C TYR A 172 13.43 8.77 -17.36
N LEU A 173 14.02 8.51 -18.52
CA LEU A 173 14.93 9.46 -19.16
C LEU A 173 14.17 10.67 -19.67
N MET A 174 13.02 10.41 -20.30
CA MET A 174 12.10 11.47 -20.72
C MET A 174 11.76 12.34 -19.52
N GLY A 175 11.31 11.69 -18.45
CA GLY A 175 10.96 12.34 -17.19
C GLY A 175 12.08 13.21 -16.63
N GLU A 176 13.31 12.69 -16.68
CA GLU A 176 14.47 13.44 -16.22
C GLU A 176 14.70 14.70 -17.05
N ARG A 177 14.50 14.58 -18.36
CA ARG A 177 14.64 15.72 -19.26
C ARG A 177 13.60 16.81 -19.04
N LEU A 178 12.36 16.40 -18.79
CA LEU A 178 11.25 17.35 -18.74
C LEU A 178 10.94 17.87 -17.33
N GLY A 179 11.61 17.30 -16.32
CA GLY A 179 11.36 17.67 -14.93
C GLY A 179 9.95 17.31 -14.48
N VAL A 180 9.52 16.10 -14.85
CA VAL A 180 8.20 15.60 -14.48
C VAL A 180 8.24 14.08 -14.30
N HIS A 181 7.55 13.59 -13.28
CA HIS A 181 7.47 12.18 -12.94
C HIS A 181 7.11 11.32 -14.15
N PRO A 182 7.86 10.21 -14.37
CA PRO A 182 7.68 9.23 -15.45
C PRO A 182 6.24 8.76 -15.65
N LEU A 183 5.48 8.66 -14.57
CA LEU A 183 4.07 8.31 -14.65
C LEU A 183 3.28 9.25 -15.57
N SER A 184 3.70 10.51 -15.59
CA SER A 184 3.06 11.53 -16.42
C SER A 184 3.74 11.70 -17.79
N CYS A 185 4.90 11.05 -17.98
CA CYS A 185 5.59 11.05 -19.25
C CYS A 185 5.25 9.80 -20.04
N HIS A 186 4.51 9.97 -21.13
CA HIS A 186 4.01 8.83 -21.90
C HIS A 186 4.81 8.62 -23.16
N GLY A 187 5.20 7.37 -23.41
CA GLY A 187 6.04 7.03 -24.54
C GLY A 187 6.17 5.52 -24.63
N TRP A 188 6.11 5.02 -25.86
CA TRP A 188 6.13 3.59 -26.10
C TRP A 188 7.30 3.18 -26.99
N VAL A 189 8.04 2.18 -26.52
CA VAL A 189 9.06 1.53 -27.32
C VAL A 189 8.51 0.12 -27.61
N LEU A 190 8.39 -0.21 -28.89
CA LEU A 190 7.76 -1.46 -29.29
C LEU A 190 8.74 -2.35 -30.06
N GLY A 191 8.22 -3.41 -30.65
CA GLY A 191 9.03 -4.31 -31.47
C GLY A 191 9.88 -5.25 -30.64
N GLU A 192 11.12 -5.46 -31.12
CA GLU A 192 12.03 -6.42 -30.51
C GLU A 192 12.75 -5.85 -29.30
N HIS A 193 12.64 -6.52 -28.17
CA HIS A 193 13.31 -6.11 -26.93
C HIS A 193 14.82 -5.99 -27.11
N GLY A 194 15.40 -4.96 -26.48
CA GLY A 194 16.84 -4.78 -26.46
C GLY A 194 17.34 -3.82 -27.53
N ASP A 195 18.50 -4.18 -28.10
CA ASP A 195 19.18 -3.37 -29.12
C ASP A 195 18.27 -2.83 -30.22
N SER A 196 17.41 -3.70 -30.75
CA SER A 196 16.64 -3.40 -31.96
C SER A 196 15.25 -2.84 -31.71
N SER A 197 14.98 -2.42 -30.48
CA SER A 197 13.67 -1.88 -30.10
C SER A 197 13.32 -0.62 -30.89
N VAL A 198 12.02 -0.33 -30.99
CA VAL A 198 11.55 0.78 -31.82
C VAL A 198 10.81 1.83 -30.99
N PRO A 199 11.36 3.05 -30.91
CA PRO A 199 10.70 4.14 -30.22
C PRO A 199 9.61 4.77 -31.09
N VAL A 200 8.39 4.80 -30.58
CA VAL A 200 7.25 5.33 -31.33
C VAL A 200 7.06 6.83 -31.02
N TRP A 201 7.79 7.65 -31.76
CA TRP A 201 7.88 9.09 -31.50
C TRP A 201 6.54 9.82 -31.52
N SER A 202 5.60 9.30 -32.29
CA SER A 202 4.28 9.90 -32.47
C SER A 202 3.38 9.82 -31.25
N GLY A 203 3.64 8.82 -30.39
CA GLY A 203 2.80 8.58 -29.20
C GLY A 203 3.38 9.20 -27.95
N MET A 204 4.44 9.97 -28.12
CA MET A 204 5.16 10.60 -27.02
C MET A 204 4.47 11.88 -26.59
N ASN A 205 4.00 11.92 -25.34
CA ASN A 205 3.24 13.07 -24.86
C ASN A 205 3.25 13.29 -23.35
N VAL A 206 2.93 14.52 -22.97
CA VAL A 206 2.56 14.86 -21.61
C VAL A 206 1.17 15.50 -21.68
N ALA A 207 0.24 15.00 -20.87
CA ALA A 207 -1.12 15.54 -20.82
C ALA A 207 -1.80 15.62 -22.20
N GLY A 208 -1.54 14.63 -23.05
CA GLY A 208 -2.15 14.57 -24.37
C GLY A 208 -1.52 15.45 -25.44
N VAL A 209 -0.53 16.26 -25.05
CA VAL A 209 0.18 17.14 -25.98
C VAL A 209 1.34 16.40 -26.64
N SER A 210 1.19 16.12 -27.93
CA SER A 210 2.20 15.38 -28.70
C SER A 210 3.49 16.18 -28.87
N LEU A 211 4.61 15.56 -28.51
CA LEU A 211 5.93 16.20 -28.64
C LEU A 211 6.37 16.25 -30.10
N LYS A 212 5.98 15.23 -30.86
CA LYS A 212 6.26 15.15 -32.30
C LYS A 212 5.61 16.31 -33.05
N THR A 213 4.35 16.59 -32.71
CA THR A 213 3.61 17.71 -33.29
C THR A 213 4.27 19.05 -32.95
N LEU A 214 4.74 19.21 -31.71
CA LEU A 214 5.44 20.42 -31.29
C LEU A 214 6.84 20.54 -31.91
N HIS A 215 7.52 19.40 -32.04
CA HIS A 215 8.91 19.36 -32.45
C HIS A 215 9.12 18.27 -33.51
N PRO A 216 8.86 18.59 -34.79
CA PRO A 216 8.88 17.59 -35.88
C PRO A 216 10.21 16.85 -36.07
N ASP A 217 11.30 17.40 -35.53
CA ASP A 217 12.61 16.74 -35.57
C ASP A 217 12.73 15.59 -34.57
N LEU A 218 11.72 15.44 -33.71
CA LEU A 218 11.71 14.41 -32.67
C LEU A 218 11.96 13.02 -33.25
N GLY A 219 13.11 12.45 -32.91
CA GLY A 219 13.47 11.11 -33.36
C GLY A 219 14.43 11.03 -34.54
N THR A 220 14.68 12.17 -35.18
CA THR A 220 15.58 12.22 -36.33
C THR A 220 17.01 12.52 -35.87
N ASP A 221 17.98 12.07 -36.68
CA ASP A 221 19.41 12.30 -36.40
C ASP A 221 19.79 13.78 -36.35
N LYS A 222 19.07 14.60 -37.12
CA LYS A 222 19.39 16.02 -37.27
C LYS A 222 18.81 16.92 -36.16
N ASP A 223 17.92 16.35 -35.33
CA ASP A 223 17.37 17.06 -34.17
C ASP A 223 18.47 17.76 -33.38
N LYS A 224 18.36 19.08 -33.26
CA LYS A 224 19.37 19.90 -32.58
C LYS A 224 19.38 19.64 -31.07
N GLU A 225 18.26 19.14 -30.55
CA GLU A 225 18.13 18.82 -29.12
C GLU A 225 18.49 17.37 -28.82
N GLN A 226 18.72 16.59 -29.88
CA GLN A 226 19.17 15.20 -29.78
C GLN A 226 18.24 14.31 -28.96
N TRP A 227 16.93 14.56 -29.07
CA TRP A 227 15.91 13.78 -28.36
C TRP A 227 15.97 12.29 -28.68
N LYS A 228 16.57 11.95 -29.83
CA LYS A 228 16.80 10.56 -30.21
C LYS A 228 17.78 9.87 -29.25
N GLU A 229 18.67 10.65 -28.65
CA GLU A 229 19.62 10.12 -27.66
C GLU A 229 18.92 9.48 -26.47
N VAL A 230 17.70 9.93 -26.18
CA VAL A 230 16.88 9.35 -25.12
C VAL A 230 16.67 7.84 -25.33
N HIS A 231 16.37 7.44 -26.56
CA HIS A 231 16.26 6.03 -26.90
C HIS A 231 17.63 5.34 -26.93
N LYS A 232 18.64 6.02 -27.47
CA LYS A 232 20.00 5.48 -27.52
C LYS A 232 20.56 5.29 -26.11
N GLN A 233 20.14 6.16 -25.20
CA GLN A 233 20.54 6.11 -23.79
C GLN A 233 19.90 4.94 -23.05
N VAL A 234 18.76 4.46 -23.55
CA VAL A 234 18.12 3.25 -23.04
C VAL A 234 19.03 2.05 -23.24
N VAL A 235 19.41 1.82 -24.50
CA VAL A 235 20.33 0.74 -24.87
C VAL A 235 21.66 0.85 -24.11
N GLU A 236 22.23 2.05 -24.12
CA GLU A 236 23.54 2.28 -23.50
C GLU A 236 23.54 2.06 -21.99
N SER A 237 22.45 2.45 -21.32
CA SER A 237 22.34 2.27 -19.87
C SER A 237 22.31 0.78 -19.49
N ALA A 238 21.75 -0.05 -20.37
CA ALA A 238 21.68 -1.49 -20.13
C ALA A 238 23.07 -2.12 -20.12
N TYR A 239 23.90 -1.75 -21.09
CA TYR A 239 25.28 -2.22 -21.16
C TYR A 239 26.13 -1.63 -20.03
N GLU A 240 25.84 -0.38 -19.67
CA GLU A 240 26.56 0.30 -18.59
C GLU A 240 26.33 -0.37 -17.23
N VAL A 241 25.07 -0.68 -16.92
CA VAL A 241 24.71 -1.34 -15.67
C VAL A 241 25.43 -2.68 -15.52
N ILE A 242 25.39 -3.50 -16.58
CA ILE A 242 26.12 -4.77 -16.61
C ILE A 242 27.61 -4.55 -16.34
N LYS A 243 28.19 -3.56 -17.00
CA LYS A 243 29.61 -3.19 -16.83
C LYS A 243 29.92 -2.80 -15.37
N LEU A 244 29.01 -2.06 -14.75
CA LEU A 244 29.26 -1.47 -13.42
C LEU A 244 29.01 -2.40 -12.23
N LYS A 245 28.06 -3.32 -12.36
CA LYS A 245 27.75 -4.24 -11.27
C LYS A 245 27.73 -5.73 -11.67
N GLY A 246 27.64 -6.00 -12.97
CA GLY A 246 27.73 -7.37 -13.48
C GLY A 246 26.39 -8.00 -13.85
N TYR A 247 25.31 -7.35 -13.44
CA TYR A 247 23.95 -7.84 -13.68
C TYR A 247 22.95 -6.71 -13.45
N THR A 248 21.67 -6.97 -13.74
CA THR A 248 20.62 -5.98 -13.55
C THR A 248 19.38 -6.62 -12.93
N SER A 249 18.93 -6.10 -11.80
CA SER A 249 17.91 -6.76 -11.00
C SER A 249 16.69 -5.90 -10.65
N TRP A 250 16.92 -4.80 -9.92
CA TRP A 250 15.82 -4.02 -9.36
C TRP A 250 14.77 -3.57 -10.37
N ALA A 251 15.21 -2.88 -11.43
CA ALA A 251 14.31 -2.37 -12.47
C ALA A 251 13.49 -3.47 -13.15
N ILE A 252 14.14 -4.58 -13.51
CA ILE A 252 13.44 -5.69 -14.14
C ILE A 252 12.40 -6.31 -13.19
N GLY A 253 12.79 -6.44 -11.93
CA GLY A 253 11.90 -6.96 -10.88
C GLY A 253 10.64 -6.14 -10.76
N LEU A 254 10.78 -4.83 -10.66
CA LEU A 254 9.64 -3.92 -10.51
C LEU A 254 8.69 -3.97 -11.70
N SER A 255 9.24 -3.95 -12.91
CA SER A 255 8.43 -4.02 -14.14
C SER A 255 7.61 -5.32 -14.19
N VAL A 256 8.29 -6.46 -14.03
CA VAL A 256 7.64 -7.77 -14.00
C VAL A 256 6.47 -7.82 -13.01
N ALA A 257 6.68 -7.27 -11.82
CA ALA A 257 5.66 -7.25 -10.78
C ALA A 257 4.47 -6.38 -11.16
N ASP A 258 4.73 -5.32 -11.93
CA ASP A 258 3.65 -4.47 -12.44
C ASP A 258 2.77 -5.24 -13.40
N LEU A 259 3.40 -6.08 -14.23
CA LEU A 259 2.68 -6.97 -15.14
C LEU A 259 1.88 -7.99 -14.35
N ALA A 260 2.51 -8.57 -13.33
CA ALA A 260 1.86 -9.54 -12.45
C ALA A 260 0.61 -8.93 -11.80
N GLU A 261 0.70 -7.66 -11.41
CA GLU A 261 -0.43 -6.95 -10.80
C GLU A 261 -1.65 -6.92 -11.73
N SER A 262 -1.44 -6.52 -12.98
CA SER A 262 -2.53 -6.45 -13.96
C SER A 262 -3.18 -7.81 -14.20
N ILE A 263 -2.38 -8.87 -14.26
CA ILE A 263 -2.87 -10.23 -14.47
C ILE A 263 -3.63 -10.76 -13.24
N MET A 264 -2.98 -10.70 -12.07
CA MET A 264 -3.55 -11.24 -10.82
C MET A 264 -4.84 -10.54 -10.38
N LYS A 265 -4.94 -9.25 -10.68
CA LYS A 265 -6.09 -8.45 -10.26
C LYS A 265 -6.98 -8.10 -11.44
N ASN A 266 -6.74 -8.74 -12.58
CA ASN A 266 -7.55 -8.55 -13.79
C ASN A 266 -7.81 -7.06 -14.07
N LEU A 267 -6.74 -6.29 -14.15
CA LEU A 267 -6.87 -4.83 -14.25
C LEU A 267 -7.28 -4.34 -15.64
N ARG A 268 -6.85 -5.06 -16.67
CA ARG A 268 -7.08 -4.65 -18.06
C ARG A 268 -6.38 -3.31 -18.38
N ARG A 269 -5.21 -3.10 -17.78
CA ARG A 269 -4.33 -2.00 -18.14
C ARG A 269 -3.56 -2.36 -19.41
N VAL A 270 -3.02 -1.36 -20.08
CA VAL A 270 -2.25 -1.57 -21.31
C VAL A 270 -0.76 -1.54 -21.01
N HIS A 271 -0.05 -2.59 -21.44
CA HIS A 271 1.39 -2.70 -21.22
C HIS A 271 2.11 -3.04 -22.53
N PRO A 272 3.34 -2.53 -22.70
CA PRO A 272 4.12 -2.96 -23.86
C PRO A 272 4.77 -4.31 -23.59
N VAL A 273 4.12 -5.37 -24.06
CA VAL A 273 4.65 -6.73 -23.91
C VAL A 273 4.67 -7.48 -25.24
N SER A 274 5.37 -8.61 -25.25
CA SER A 274 5.60 -9.37 -26.46
C SER A 274 4.48 -10.38 -26.68
N THR A 275 3.87 -10.34 -27.86
CA THR A 275 2.79 -11.26 -28.21
C THR A 275 2.94 -11.75 -29.64
N MET A 276 2.23 -12.83 -29.98
CA MET A 276 2.28 -13.40 -31.32
C MET A 276 1.66 -12.43 -32.30
N ILE A 277 2.51 -11.88 -33.17
CA ILE A 277 2.16 -10.73 -34.00
C ILE A 277 1.81 -11.04 -35.46
N LYS A 278 1.84 -12.32 -35.84
CA LYS A 278 1.51 -12.71 -37.22
C LYS A 278 0.16 -12.13 -37.66
N GLY A 279 0.15 -11.53 -38.85
CA GLY A 279 -1.06 -10.91 -39.38
C GLY A 279 -1.01 -9.39 -39.35
N LEU A 280 -0.24 -8.85 -38.40
CA LEU A 280 -0.09 -7.40 -38.27
C LEU A 280 1.22 -6.90 -38.89
N TYR A 281 1.18 -5.65 -39.36
CA TYR A 281 2.34 -4.98 -39.95
C TYR A 281 3.04 -5.80 -41.03
N GLY A 282 2.24 -6.42 -41.91
CA GLY A 282 2.75 -7.21 -43.03
C GLY A 282 3.62 -8.41 -42.66
N ILE A 283 3.73 -8.71 -41.37
CA ILE A 283 4.52 -9.85 -40.88
C ILE A 283 3.79 -11.17 -41.18
N LYS A 284 4.54 -12.13 -41.72
CA LYS A 284 3.95 -13.38 -42.22
C LYS A 284 4.48 -14.63 -41.51
N ASP A 285 5.06 -14.45 -40.32
CA ASP A 285 5.66 -15.56 -39.58
C ASP A 285 5.25 -15.62 -38.11
N ASP A 286 5.41 -16.79 -37.51
CA ASP A 286 5.08 -17.02 -36.10
C ASP A 286 6.08 -16.30 -35.19
N VAL A 287 5.90 -15.00 -35.05
CA VAL A 287 6.86 -14.18 -34.32
C VAL A 287 6.19 -13.42 -33.16
N PHE A 288 6.93 -13.32 -32.05
CA PHE A 288 6.49 -12.54 -30.90
C PHE A 288 7.21 -11.20 -30.86
N LEU A 289 6.43 -10.12 -30.92
CA LEU A 289 6.96 -8.76 -30.85
C LEU A 289 6.16 -7.93 -29.86
N SER A 290 6.80 -6.90 -29.32
CA SER A 290 6.13 -6.05 -28.35
C SER A 290 5.20 -5.03 -28.97
N VAL A 291 4.05 -4.87 -28.32
CA VAL A 291 2.93 -4.08 -28.81
C VAL A 291 2.07 -3.83 -27.57
N PRO A 292 1.34 -2.69 -27.52
CA PRO A 292 0.45 -2.46 -26.40
C PRO A 292 -0.63 -3.52 -26.30
N CYS A 293 -0.66 -4.22 -25.16
CA CYS A 293 -1.64 -5.28 -24.93
C CYS A 293 -2.42 -4.99 -23.66
N ILE A 294 -3.70 -5.35 -23.67
CA ILE A 294 -4.53 -5.27 -22.48
C ILE A 294 -4.31 -6.55 -21.68
N LEU A 295 -3.90 -6.40 -20.42
CA LEU A 295 -3.58 -7.54 -19.57
C LEU A 295 -4.61 -7.76 -18.48
N GLY A 296 -5.11 -8.99 -18.37
CA GLY A 296 -6.10 -9.34 -17.36
C GLY A 296 -5.95 -10.78 -16.90
N GLN A 297 -7.02 -11.34 -16.33
CA GLN A 297 -6.97 -12.68 -15.75
C GLN A 297 -6.79 -13.80 -16.78
N ASN A 298 -7.07 -13.51 -18.03
CA ASN A 298 -6.80 -14.43 -19.15
C ASN A 298 -5.56 -14.04 -19.95
N GLY A 299 -4.72 -13.19 -19.36
CA GLY A 299 -3.52 -12.69 -20.03
C GLY A 299 -3.88 -11.61 -21.02
N ILE A 300 -3.38 -11.76 -22.25
CA ILE A 300 -3.66 -10.80 -23.32
C ILE A 300 -4.99 -11.13 -23.96
N SER A 301 -5.98 -10.27 -23.76
CA SER A 301 -7.29 -10.46 -24.38
C SER A 301 -7.42 -9.60 -25.62
N ASP A 302 -6.71 -8.47 -25.62
CA ASP A 302 -6.80 -7.47 -26.67
C ASP A 302 -5.43 -6.81 -26.85
N LEU A 303 -5.21 -6.23 -28.02
CA LEU A 303 -4.04 -5.41 -28.26
C LEU A 303 -4.43 -4.10 -28.96
N VAL A 304 -3.61 -3.06 -28.77
CA VAL A 304 -3.83 -1.78 -29.42
C VAL A 304 -3.17 -1.77 -30.78
N LYS A 305 -3.91 -1.38 -31.81
CA LYS A 305 -3.36 -1.27 -33.16
C LYS A 305 -2.73 0.10 -33.31
N VAL A 306 -1.40 0.15 -33.13
CA VAL A 306 -0.65 1.40 -33.23
C VAL A 306 -0.40 1.71 -34.71
N THR A 307 -0.66 2.96 -35.10
CA THR A 307 -0.30 3.44 -36.43
C THR A 307 1.20 3.70 -36.47
N LEU A 308 1.88 3.04 -37.40
CA LEU A 308 3.32 3.19 -37.54
C LEU A 308 3.69 3.84 -38.86
N THR A 309 4.72 4.69 -38.82
CA THR A 309 5.33 5.21 -40.03
C THR A 309 5.97 4.04 -40.77
N SER A 310 6.24 4.22 -42.06
CA SER A 310 6.86 3.18 -42.88
C SER A 310 8.28 2.81 -42.40
N GLU A 311 8.96 3.76 -41.77
CA GLU A 311 10.28 3.51 -41.18
C GLU A 311 10.19 2.56 -39.98
N GLU A 312 9.18 2.79 -39.13
CA GLU A 312 8.93 1.94 -37.96
C GLU A 312 8.48 0.54 -38.36
N GLU A 313 7.51 0.51 -39.30
CA GLU A 313 7.01 -0.76 -39.86
C GLU A 313 8.17 -1.60 -40.43
N ALA A 314 9.03 -0.95 -41.22
CA ALA A 314 10.18 -1.63 -41.83
C ALA A 314 11.10 -2.27 -40.79
N ARG A 315 11.42 -1.52 -39.74
CA ARG A 315 12.28 -2.00 -38.65
C ARG A 315 11.66 -3.20 -37.93
N LEU A 316 10.33 -3.20 -37.85
CA LEU A 316 9.59 -4.30 -37.23
C LEU A 316 9.65 -5.56 -38.08
N LYS A 317 9.45 -5.39 -39.39
CA LYS A 317 9.51 -6.49 -40.35
C LYS A 317 10.89 -7.12 -40.41
N LYS A 318 11.93 -6.29 -40.25
CA LYS A 318 13.31 -6.76 -40.25
C LYS A 318 13.57 -7.62 -39.02
N SER A 319 13.08 -7.16 -37.86
CA SER A 319 13.19 -7.91 -36.61
C SER A 319 12.51 -9.28 -36.74
N ALA A 320 11.27 -9.27 -37.25
CA ALA A 320 10.52 -10.50 -37.48
C ALA A 320 11.33 -11.51 -38.30
N ASP A 321 11.93 -11.03 -39.40
CA ASP A 321 12.76 -11.87 -40.28
C ASP A 321 14.03 -12.33 -39.58
N THR A 322 14.67 -11.42 -38.84
CA THR A 322 15.83 -11.74 -38.02
C THR A 322 15.52 -12.81 -36.99
N LEU A 323 14.36 -12.68 -36.34
CA LEU A 323 13.93 -13.62 -35.30
C LEU A 323 13.51 -14.97 -35.88
N TRP A 324 12.80 -14.94 -37.01
CA TRP A 324 12.33 -16.18 -37.63
C TRP A 324 13.48 -17.03 -38.15
N GLY A 325 14.51 -16.38 -38.69
CA GLY A 325 15.72 -17.05 -39.18
C GLY A 325 16.31 -17.99 -38.14
N ILE A 326 16.31 -17.53 -36.89
CA ILE A 326 16.79 -18.31 -35.75
C ILE A 326 15.79 -19.43 -35.43
N GLN A 327 14.54 -19.05 -35.19
CA GLN A 327 13.48 -19.97 -34.74
C GLN A 327 13.28 -21.21 -35.62
N LYS A 328 13.28 -21.00 -36.93
CA LYS A 328 13.10 -22.09 -37.91
C LYS A 328 14.28 -23.08 -37.91
N GLU A 329 15.42 -22.64 -37.37
CA GLU A 329 16.61 -23.46 -37.26
C GLU A 329 16.84 -23.97 -35.85
N LEU A 330 15.76 -23.98 -35.06
CA LEU A 330 15.83 -24.47 -33.67
C LEU A 330 15.37 -25.91 -33.55
N GLN A 331 16.13 -26.70 -32.79
CA GLN A 331 15.82 -28.10 -32.53
C GLN A 331 15.14 -28.25 -31.17
N PHE A 332 13.87 -28.66 -31.19
CA PHE A 332 13.07 -28.87 -29.98
C PHE A 332 11.82 -29.69 -30.26
N ALA B 2 14.31 28.69 -27.98
CA ALA B 2 13.42 27.86 -27.13
C ALA B 2 13.79 26.37 -27.22
N THR B 3 13.52 25.64 -26.15
CA THR B 3 13.65 24.18 -26.13
C THR B 3 12.24 23.58 -26.19
N LEU B 4 12.16 22.28 -26.49
CA LEU B 4 10.89 21.55 -26.46
C LEU B 4 10.28 21.61 -25.05
N LYS B 5 11.13 21.50 -24.03
CA LYS B 5 10.70 21.62 -22.64
C LYS B 5 9.98 22.95 -22.40
N ASP B 6 10.54 24.04 -22.93
CA ASP B 6 9.93 25.37 -22.83
C ASP B 6 8.68 25.52 -23.70
N GLN B 7 8.68 24.85 -24.85
CA GLN B 7 7.48 24.74 -25.70
C GLN B 7 6.35 24.09 -24.92
N LEU B 8 6.68 22.99 -24.26
CA LEU B 8 5.71 22.16 -23.56
C LEU B 8 5.25 22.74 -22.23
N ILE B 9 6.20 23.32 -21.48
CA ILE B 9 5.96 23.66 -20.08
C ILE B 9 6.28 25.12 -19.77
N TYR B 10 5.28 25.84 -19.26
CA TYR B 10 5.48 27.17 -18.70
C TYR B 10 5.85 27.06 -17.22
N ASN B 11 6.95 27.69 -16.84
CA ASN B 11 7.42 27.67 -15.46
C ASN B 11 6.90 28.85 -14.65
N LEU B 12 6.26 28.56 -13.51
CA LEU B 12 5.76 29.61 -12.62
C LEU B 12 6.85 30.18 -11.72
N LEU B 13 7.67 29.29 -11.15
CA LEU B 13 8.83 29.68 -10.36
C LEU B 13 9.92 28.62 -10.38
N LYS B 14 11.13 29.02 -10.03
CA LYS B 14 12.29 28.15 -10.15
C LYS B 14 12.93 27.82 -8.78
N GLU B 15 12.20 28.08 -7.69
CA GLU B 15 12.70 27.85 -6.33
C GLU B 15 13.21 26.42 -6.16
N GLU B 16 14.52 26.28 -5.95
CA GLU B 16 15.10 24.97 -5.68
C GLU B 16 14.80 24.59 -4.23
N GLN B 17 14.55 23.29 -4.02
CA GLN B 17 13.99 22.82 -2.76
C GLN B 17 14.78 21.66 -2.17
N THR B 18 14.68 21.51 -0.85
CA THR B 18 15.35 20.43 -0.13
C THR B 18 14.36 19.31 0.17
N PRO B 19 14.85 18.06 0.29
CA PRO B 19 13.99 16.94 0.66
C PRO B 19 13.41 17.10 2.07
N GLN B 20 12.17 16.68 2.25
CA GLN B 20 11.50 16.78 3.54
C GLN B 20 11.57 15.44 4.29
N ASN B 21 11.83 14.37 3.55
CA ASN B 21 11.91 13.03 4.13
C ASN B 21 13.04 12.20 3.50
N LYS B 22 14.28 12.68 3.67
CA LYS B 22 15.44 12.05 3.05
C LYS B 22 15.99 10.89 3.87
N ILE B 23 16.28 9.79 3.19
CA ILE B 23 16.96 8.64 3.80
C ILE B 23 18.29 8.34 3.08
N THR B 24 19.33 8.07 3.86
CA THR B 24 20.63 7.69 3.34
C THR B 24 21.02 6.28 3.77
N VAL B 25 21.49 5.48 2.83
CA VAL B 25 22.05 4.17 3.14
C VAL B 25 23.54 4.16 2.81
N VAL B 26 24.36 3.87 3.83
CA VAL B 26 25.81 3.81 3.66
C VAL B 26 26.26 2.36 3.55
N GLY B 27 26.82 2.01 2.40
CA GLY B 27 27.19 0.62 2.13
C GLY B 27 26.17 0.05 1.17
N VAL B 28 26.63 -0.31 -0.02
CA VAL B 28 25.75 -0.64 -1.14
C VAL B 28 25.79 -2.15 -1.46
N GLY B 29 26.09 -2.96 -0.45
CA GLY B 29 26.11 -4.40 -0.58
C GLY B 29 24.73 -5.02 -0.46
N ALA B 30 24.69 -6.36 -0.36
CA ALA B 30 23.44 -7.12 -0.32
C ALA B 30 22.45 -6.62 0.73
N VAL B 31 22.95 -6.36 1.94
CA VAL B 31 22.12 -5.79 3.01
C VAL B 31 21.69 -4.38 2.65
N GLY B 32 22.66 -3.54 2.27
CA GLY B 32 22.40 -2.15 1.91
C GLY B 32 21.31 -1.99 0.87
N MET B 33 21.36 -2.80 -0.19
CA MET B 33 20.35 -2.77 -1.24
C MET B 33 19.01 -3.34 -0.80
N ALA B 34 19.04 -4.38 0.05
CA ALA B 34 17.82 -4.96 0.60
C ALA B 34 17.01 -3.91 1.36
N CYS B 35 17.71 -3.09 2.14
CA CYS B 35 17.11 -1.99 2.87
C CYS B 35 16.54 -0.94 1.91
N ALA B 36 17.36 -0.53 0.94
CA ALA B 36 16.97 0.48 -0.04
C ALA B 36 15.68 0.10 -0.78
N ILE B 37 15.67 -1.10 -1.35
CA ILE B 37 14.51 -1.57 -2.12
C ILE B 37 13.25 -1.67 -1.26
N SER B 38 13.40 -2.16 -0.03
CA SER B 38 12.29 -2.27 0.90
C SER B 38 11.75 -0.87 1.23
N ILE B 39 12.66 0.02 1.63
CA ILE B 39 12.32 1.41 1.92
C ILE B 39 11.63 2.08 0.74
N LEU B 40 12.23 1.99 -0.45
CA LEU B 40 11.64 2.54 -1.67
C LEU B 40 10.21 2.02 -1.88
N MET B 41 10.02 0.72 -1.72
CA MET B 41 8.72 0.11 -1.94
C MET B 41 7.69 0.38 -0.84
N LYS B 42 8.14 0.90 0.30
CA LYS B 42 7.24 1.28 1.38
C LYS B 42 6.89 2.77 1.35
N ASP B 43 7.46 3.50 0.38
CA ASP B 43 7.24 4.94 0.20
C ASP B 43 7.59 5.77 1.44
N LEU B 44 8.74 5.48 2.05
CA LEU B 44 9.14 6.15 3.29
C LEU B 44 9.94 7.44 3.05
N ALA B 45 10.50 7.60 1.86
CA ALA B 45 11.39 8.71 1.56
C ALA B 45 10.99 9.48 0.30
N ASP B 46 11.23 10.79 0.30
CA ASP B 46 11.09 11.58 -0.92
C ASP B 46 12.43 11.73 -1.65
N GLU B 47 13.48 11.21 -1.01
CA GLU B 47 14.80 11.12 -1.61
C GLU B 47 15.64 10.03 -0.94
N LEU B 48 16.28 9.22 -1.78
CA LEU B 48 17.19 8.18 -1.30
C LEU B 48 18.61 8.48 -1.75
N ALA B 49 19.53 8.51 -0.80
CA ALA B 49 20.95 8.68 -1.09
C ALA B 49 21.71 7.39 -0.78
N LEU B 50 22.70 7.09 -1.59
CA LEU B 50 23.56 5.92 -1.38
C LEU B 50 25.03 6.31 -1.41
N VAL B 51 25.82 5.76 -0.51
CA VAL B 51 27.28 5.95 -0.55
C VAL B 51 28.01 4.64 -0.30
N ASP B 52 29.17 4.50 -0.93
CA ASP B 52 30.04 3.34 -0.77
C ASP B 52 31.45 3.77 -1.22
N VAL B 53 32.46 2.95 -0.92
CA VAL B 53 33.83 3.21 -1.37
C VAL B 53 34.11 2.67 -2.78
N ILE B 54 33.30 1.69 -3.19
CA ILE B 54 33.43 1.08 -4.52
C ILE B 54 32.56 1.86 -5.51
N GLU B 55 33.22 2.70 -6.31
CA GLU B 55 32.54 3.64 -7.21
C GLU B 55 31.75 2.98 -8.34
N ASP B 56 32.28 1.91 -8.92
CA ASP B 56 31.65 1.25 -10.07
C ASP B 56 30.34 0.55 -9.70
N LYS B 57 30.33 -0.17 -8.58
CA LYS B 57 29.12 -0.82 -8.08
C LYS B 57 28.07 0.21 -7.65
N LEU B 58 28.54 1.27 -6.97
CA LEU B 58 27.68 2.33 -6.47
C LEU B 58 26.84 2.98 -7.58
N LYS B 59 27.51 3.44 -8.65
CA LYS B 59 26.82 4.05 -9.78
C LYS B 59 25.84 3.07 -10.44
N GLY B 60 26.29 1.83 -10.66
CA GLY B 60 25.48 0.78 -11.27
C GLY B 60 24.23 0.40 -10.47
N GLU B 61 24.34 0.43 -9.15
CA GLU B 61 23.19 0.21 -8.28
C GLU B 61 22.24 1.39 -8.35
N MET B 62 22.78 2.61 -8.26
CA MET B 62 21.97 3.83 -8.37
C MET B 62 21.13 3.83 -9.65
N MET B 63 21.79 3.56 -10.78
CA MET B 63 21.13 3.51 -12.08
C MET B 63 19.98 2.51 -12.09
N ASP B 64 20.26 1.30 -11.60
CA ASP B 64 19.28 0.21 -11.61
C ASP B 64 17.98 0.60 -10.88
N LEU B 65 18.12 1.17 -9.68
CA LEU B 65 16.98 1.69 -8.93
C LEU B 65 16.25 2.77 -9.72
N GLN B 66 17.01 3.74 -10.23
CA GLN B 66 16.46 4.85 -11.02
C GLN B 66 15.61 4.36 -12.18
N HIS B 67 16.01 3.26 -12.80
CA HIS B 67 15.28 2.70 -13.93
C HIS B 67 13.92 2.10 -13.55
N GLY B 68 13.70 1.92 -12.25
CA GLY B 68 12.43 1.41 -11.75
C GLY B 68 11.48 2.52 -11.30
N SER B 69 11.83 3.76 -11.61
CA SER B 69 11.12 4.95 -11.11
C SER B 69 9.64 5.01 -11.47
N LEU B 70 9.31 4.51 -12.66
CA LEU B 70 7.94 4.47 -13.14
C LEU B 70 7.02 3.76 -12.15
N PHE B 71 7.56 2.76 -11.47
CA PHE B 71 6.78 1.94 -10.54
C PHE B 71 7.01 2.31 -9.08
N LEU B 72 7.73 3.41 -8.86
CA LEU B 72 8.05 3.87 -7.51
C LEU B 72 7.46 5.25 -7.20
N ARG B 73 7.57 5.67 -5.94
CA ARG B 73 7.00 6.94 -5.49
C ARG B 73 8.06 7.85 -4.86
N THR B 74 9.33 7.55 -5.13
CA THR B 74 10.45 8.35 -4.65
C THR B 74 11.10 9.06 -5.84
N PRO B 75 10.86 10.38 -5.97
CA PRO B 75 11.21 11.14 -7.17
C PRO B 75 12.72 11.36 -7.38
N LYS B 76 13.52 11.11 -6.35
CA LYS B 76 14.95 11.37 -6.44
C LYS B 76 15.82 10.32 -5.76
N ILE B 77 16.71 9.73 -6.55
CA ILE B 77 17.71 8.78 -6.04
C ILE B 77 19.10 9.24 -6.48
N VAL B 78 19.94 9.57 -5.50
CA VAL B 78 21.30 10.02 -5.77
C VAL B 78 22.33 9.07 -5.16
N SER B 79 23.59 9.23 -5.57
CA SER B 79 24.70 8.47 -5.00
C SER B 79 26.03 9.17 -5.22
N GLY B 80 27.04 8.78 -4.45
CA GLY B 80 28.37 9.36 -4.53
C GLY B 80 29.25 8.92 -3.39
N LYS B 81 30.55 9.10 -3.53
CA LYS B 81 31.50 8.79 -2.46
C LYS B 81 31.64 9.97 -1.51
N ASP B 82 31.28 11.16 -1.99
CA ASP B 82 31.29 12.38 -1.19
C ASP B 82 29.98 12.45 -0.41
N TYR B 83 30.08 12.83 0.86
CA TYR B 83 28.92 12.85 1.76
C TYR B 83 28.03 14.09 1.62
N ASN B 84 28.38 14.97 0.67
CA ASN B 84 27.51 16.10 0.33
C ASN B 84 26.20 15.66 -0.34
N VAL B 85 26.16 14.40 -0.76
CA VAL B 85 24.93 13.82 -1.33
C VAL B 85 23.95 13.37 -0.24
N THR B 86 24.38 13.43 1.02
CA THR B 86 23.59 12.95 2.16
C THR B 86 23.01 14.08 2.99
N ALA B 87 23.32 15.32 2.60
CA ALA B 87 22.94 16.52 3.35
C ALA B 87 21.45 16.56 3.71
N ASN B 88 21.18 16.87 4.98
CA ASN B 88 19.82 16.95 5.54
C ASN B 88 19.02 15.64 5.42
N SER B 89 19.68 14.52 5.72
CA SER B 89 19.00 13.24 5.84
C SER B 89 18.32 13.15 7.20
N LYS B 90 17.13 12.55 7.24
CA LYS B 90 16.45 12.29 8.50
C LYS B 90 16.91 10.98 9.13
N LEU B 91 17.05 9.95 8.30
CA LEU B 91 17.56 8.66 8.76
C LEU B 91 18.79 8.25 7.96
N VAL B 92 19.82 7.83 8.69
CA VAL B 92 21.06 7.39 8.07
C VAL B 92 21.33 5.95 8.51
N ILE B 93 21.21 5.03 7.56
CA ILE B 93 21.43 3.62 7.86
C ILE B 93 22.83 3.20 7.44
N ILE B 94 23.56 2.60 8.38
CA ILE B 94 24.94 2.21 8.12
C ILE B 94 25.08 0.70 8.04
N THR B 95 25.30 0.22 6.82
CA THR B 95 25.46 -1.20 6.54
C THR B 95 26.88 -1.51 6.08
N ALA B 96 27.77 -0.53 6.18
CA ALA B 96 29.15 -0.68 5.71
C ALA B 96 30.01 -1.46 6.71
N GLY B 97 30.96 -2.22 6.18
CA GLY B 97 31.84 -3.02 7.02
C GLY B 97 32.84 -3.85 6.24
N ALA B 98 33.92 -4.23 6.93
CA ALA B 98 34.89 -5.17 6.37
C ALA B 98 34.34 -6.60 6.52
N ARG B 99 34.92 -7.51 5.74
CA ARG B 99 34.67 -8.95 5.95
C ARG B 99 35.91 -9.61 6.57
N GLN B 100 35.66 -10.61 7.40
CA GLN B 100 36.74 -11.34 8.06
C GLN B 100 37.56 -12.16 7.06
N GLN B 101 38.87 -11.85 7.00
CA GLN B 101 39.80 -12.58 6.15
C GLN B 101 40.23 -13.88 6.83
N GLU B 102 41.01 -14.70 6.13
CA GLU B 102 41.41 -16.02 6.63
C GLU B 102 42.34 -15.95 7.85
N GLY B 103 43.40 -15.14 7.74
CA GLY B 103 44.36 -14.97 8.85
C GLY B 103 43.75 -14.18 10.04
N GLU B 104 42.65 -13.49 9.75
CA GLU B 104 42.03 -12.56 10.71
C GLU B 104 41.34 -13.21 11.90
N SER B 105 41.53 -12.59 13.05
CA SER B 105 40.82 -12.93 14.28
C SER B 105 39.76 -11.87 14.57
N ARG B 106 38.80 -12.22 15.43
CA ARG B 106 37.66 -11.34 15.74
C ARG B 106 38.08 -9.95 16.20
N LEU B 107 39.10 -9.88 17.06
CA LEU B 107 39.62 -8.61 17.56
C LEU B 107 40.10 -7.69 16.44
N ASN B 108 40.87 -8.28 15.51
CA ASN B 108 41.41 -7.53 14.38
C ASN B 108 40.31 -6.98 13.46
N LEU B 109 39.26 -7.78 13.27
CA LEU B 109 38.11 -7.42 12.43
C LEU B 109 37.30 -6.27 13.04
N VAL B 110 37.10 -6.32 14.35
CA VAL B 110 36.37 -5.26 15.06
C VAL B 110 37.04 -3.90 14.87
N GLN B 111 38.35 -3.86 15.11
CA GLN B 111 39.13 -2.62 15.01
C GLN B 111 39.14 -2.07 13.57
N ARG B 112 39.09 -2.97 12.60
CA ARG B 112 39.04 -2.57 11.19
C ARG B 112 37.70 -1.89 10.83
N ASN B 113 36.60 -2.41 11.37
CA ASN B 113 35.29 -1.77 11.25
C ASN B 113 35.27 -0.42 11.98
N VAL B 114 35.85 -0.39 13.19
CA VAL B 114 36.05 0.83 13.95
C VAL B 114 36.76 1.90 13.10
N ASN B 115 37.83 1.50 12.43
CA ASN B 115 38.57 2.39 11.53
C ASN B 115 37.69 2.92 10.40
N ILE B 116 36.78 2.08 9.91
CA ILE B 116 35.84 2.49 8.86
C ILE B 116 34.85 3.53 9.41
N PHE B 117 34.36 3.30 10.64
CA PHE B 117 33.45 4.23 11.30
C PHE B 117 34.12 5.57 11.62
N LYS B 118 35.42 5.53 11.88
CA LYS B 118 36.20 6.76 12.09
C LYS B 118 36.18 7.67 10.87
N PHE B 119 35.88 7.09 9.71
CA PHE B 119 35.75 7.86 8.47
C PHE B 119 34.29 8.24 8.21
N ILE B 120 33.40 7.26 8.37
CA ILE B 120 31.99 7.44 8.03
C ILE B 120 31.26 8.36 9.00
N ILE B 121 31.38 8.07 10.29
CA ILE B 121 30.60 8.77 11.31
C ILE B 121 30.84 10.29 11.34
N PRO B 122 32.11 10.74 11.31
CA PRO B 122 32.30 12.20 11.27
C PRO B 122 31.71 12.82 10.01
N ASN B 123 31.81 12.11 8.89
CA ASN B 123 31.27 12.58 7.63
C ASN B 123 29.74 12.64 7.60
N VAL B 124 29.10 11.69 8.27
CA VAL B 124 27.64 11.67 8.38
C VAL B 124 27.09 12.87 9.15
N VAL B 125 27.62 13.10 10.36
CA VAL B 125 27.11 14.20 11.22
C VAL B 125 27.41 15.58 10.63
N LYS B 126 28.49 15.66 9.85
CA LYS B 126 28.89 16.89 9.17
C LYS B 126 27.73 17.46 8.33
N TYR B 127 27.06 16.59 7.58
CA TYR B 127 26.00 17.00 6.67
C TYR B 127 24.58 16.79 7.21
N SER B 128 24.41 15.81 8.09
CA SER B 128 23.12 15.56 8.72
C SER B 128 23.24 15.47 10.25
N PRO B 129 23.45 16.62 10.92
CA PRO B 129 23.66 16.63 12.37
C PRO B 129 22.42 16.32 13.22
N ASN B 130 21.24 16.36 12.60
CA ASN B 130 19.99 16.05 13.28
C ASN B 130 19.35 14.72 12.83
N CYS B 131 20.14 13.89 12.16
CA CYS B 131 19.63 12.60 11.67
C CYS B 131 19.51 11.57 12.80
N LYS B 132 18.80 10.49 12.52
CA LYS B 132 18.83 9.30 13.36
C LYS B 132 19.82 8.33 12.74
N LEU B 133 20.71 7.77 13.56
CA LEU B 133 21.66 6.78 13.07
C LEU B 133 21.15 5.36 13.32
N LEU B 134 20.88 4.64 12.23
CA LEU B 134 20.51 3.24 12.33
C LEU B 134 21.70 2.36 11.93
N ILE B 135 22.25 1.66 12.91
CA ILE B 135 23.43 0.83 12.69
C ILE B 135 23.04 -0.63 12.42
N VAL B 136 23.51 -1.15 11.29
CA VAL B 136 23.24 -2.54 10.93
C VAL B 136 24.50 -3.41 10.99
N SER B 137 25.65 -2.79 10.68
CA SER B 137 26.94 -3.50 10.55
C SER B 137 27.36 -4.25 11.81
N ASN B 138 27.90 -5.46 11.62
CA ASN B 138 28.35 -6.30 12.74
C ASN B 138 29.82 -6.09 13.13
N PRO B 139 30.13 -6.21 14.44
CA PRO B 139 29.21 -6.52 15.55
C PRO B 139 28.36 -5.32 15.95
N VAL B 140 27.05 -5.44 15.72
CA VAL B 140 26.12 -4.32 15.80
C VAL B 140 26.11 -3.60 17.15
N ASP B 141 26.19 -4.36 18.24
CA ASP B 141 26.14 -3.77 19.58
C ASP B 141 27.37 -2.93 19.88
N ILE B 142 28.55 -3.48 19.56
CA ILE B 142 29.81 -2.76 19.67
C ILE B 142 29.82 -1.53 18.76
N LEU B 143 29.43 -1.71 17.49
CA LEU B 143 29.49 -0.63 16.51
C LEU B 143 28.41 0.44 16.71
N THR B 144 27.28 0.07 17.32
CA THR B 144 26.30 1.07 17.76
C THR B 144 26.97 2.02 18.74
N TYR B 145 27.77 1.44 19.64
CA TYR B 145 28.50 2.21 20.65
C TYR B 145 29.57 3.09 20.00
N VAL B 146 30.24 2.56 18.98
CA VAL B 146 31.25 3.30 18.23
C VAL B 146 30.62 4.48 17.49
N ALA B 147 29.44 4.27 16.92
CA ALA B 147 28.67 5.35 16.31
C ALA B 147 28.36 6.41 17.36
N TRP B 148 27.90 5.97 18.53
CA TRP B 148 27.55 6.85 19.63
C TRP B 148 28.73 7.71 20.07
N LYS B 149 29.89 7.09 20.23
CA LYS B 149 31.08 7.78 20.73
C LYS B 149 31.60 8.85 19.77
N ILE B 150 31.70 8.51 18.49
CA ILE B 150 32.26 9.41 17.48
C ILE B 150 31.29 10.53 17.08
N SER B 151 30.01 10.19 16.92
CA SER B 151 29.00 11.18 16.55
C SER B 151 28.88 12.27 17.61
N GLY B 152 28.87 11.86 18.87
CA GLY B 152 28.59 12.78 19.98
C GLY B 152 27.10 13.02 20.11
N PHE B 153 26.32 12.18 19.42
CA PHE B 153 24.86 12.25 19.43
C PHE B 153 24.30 11.82 20.78
N PRO B 154 23.13 12.38 21.17
CA PRO B 154 22.43 11.84 22.33
C PRO B 154 21.93 10.42 22.03
N LYS B 155 21.92 9.57 23.04
CA LYS B 155 21.58 8.15 22.89
C LYS B 155 20.28 7.87 22.10
N ASN B 156 19.33 8.80 22.16
CA ASN B 156 18.04 8.59 21.49
C ASN B 156 18.13 8.60 19.96
N ARG B 157 19.18 9.19 19.41
CA ARG B 157 19.37 9.26 17.97
C ARG B 157 20.44 8.28 17.45
N VAL B 158 20.88 7.37 18.31
CA VAL B 158 21.80 6.29 17.91
C VAL B 158 21.15 4.93 18.19
N ILE B 159 20.74 4.27 17.11
CA ILE B 159 19.94 3.06 17.21
C ILE B 159 20.64 1.88 16.54
N GLY B 160 20.79 0.80 17.28
CA GLY B 160 21.32 -0.44 16.74
C GLY B 160 20.20 -1.35 16.31
N SER B 161 20.30 -1.88 15.09
CA SER B 161 19.32 -2.86 14.60
C SER B 161 19.13 -3.97 15.63
N GLY B 162 20.25 -4.48 16.14
CA GLY B 162 20.25 -5.39 17.29
C GLY B 162 19.47 -6.67 17.12
N CYS B 163 18.52 -6.90 18.02
CA CYS B 163 17.78 -8.16 18.08
C CYS B 163 16.51 -8.19 17.23
N ASN B 164 16.33 -7.18 16.37
CA ASN B 164 15.14 -7.07 15.54
C ASN B 164 14.97 -8.25 14.59
N LEU B 165 16.06 -8.66 13.95
CA LEU B 165 16.05 -9.82 13.05
C LEU B 165 15.90 -11.13 13.84
N ASP B 166 16.54 -11.19 15.00
CA ASP B 166 16.43 -12.33 15.91
C ASP B 166 14.95 -12.58 16.22
N SER B 167 14.27 -11.53 16.69
CA SER B 167 12.85 -11.59 17.02
C SER B 167 12.00 -11.93 15.79
N ALA B 168 12.37 -11.37 14.65
CA ALA B 168 11.66 -11.63 13.39
C ALA B 168 11.71 -13.12 13.04
N ARG B 169 12.93 -13.68 13.04
CA ARG B 169 13.15 -15.10 12.79
C ARG B 169 12.48 -16.00 13.82
N PHE B 170 12.60 -15.62 15.09
CA PHE B 170 11.98 -16.36 16.19
C PHE B 170 10.47 -16.45 16.03
N ARG B 171 9.84 -15.31 15.77
CA ARG B 171 8.39 -15.24 15.60
C ARG B 171 7.90 -16.03 14.38
N TYR B 172 8.74 -16.12 13.35
CA TYR B 172 8.43 -16.96 12.18
C TYR B 172 8.35 -18.43 12.56
N LEU B 173 9.32 -18.90 13.34
CA LEU B 173 9.40 -20.31 13.74
C LEU B 173 8.25 -20.67 14.69
N MET B 174 8.03 -19.80 15.67
CA MET B 174 6.92 -19.93 16.61
C MET B 174 5.57 -20.01 15.87
N GLY B 175 5.42 -19.19 14.83
CA GLY B 175 4.25 -19.21 13.97
C GLY B 175 4.08 -20.53 13.24
N GLU B 176 5.19 -21.05 12.71
CA GLU B 176 5.20 -22.36 12.05
C GLU B 176 4.81 -23.49 13.00
N ARG B 177 5.21 -23.35 14.26
CA ARG B 177 4.86 -24.34 15.29
C ARG B 177 3.36 -24.32 15.63
N LEU B 178 2.79 -23.11 15.65
CA LEU B 178 1.41 -22.93 16.13
C LEU B 178 0.37 -22.80 15.01
N GLY B 179 0.84 -22.72 13.76
CA GLY B 179 -0.05 -22.50 12.62
C GLY B 179 -0.75 -21.15 12.70
N VAL B 180 0.01 -20.13 13.10
CA VAL B 180 -0.51 -18.78 13.24
C VAL B 180 0.47 -17.82 12.57
N HIS B 181 -0.06 -16.76 11.96
CA HIS B 181 0.79 -15.74 11.33
C HIS B 181 1.70 -15.11 12.39
N PRO B 182 2.99 -14.90 12.04
CA PRO B 182 3.98 -14.30 12.95
C PRO B 182 3.48 -13.03 13.63
N LEU B 183 2.69 -12.23 12.91
CA LEU B 183 2.06 -11.03 13.46
C LEU B 183 1.27 -11.27 14.74
N SER B 184 0.64 -12.44 14.85
CA SER B 184 -0.16 -12.78 16.01
C SER B 184 0.59 -13.66 17.02
N CYS B 185 1.81 -14.04 16.68
CA CYS B 185 2.70 -14.74 17.61
C CYS B 185 3.68 -13.74 18.22
N HIS B 186 3.56 -13.54 19.53
CA HIS B 186 4.36 -12.53 20.22
C HIS B 186 5.45 -13.15 21.07
N GLY B 187 6.68 -12.74 20.79
CA GLY B 187 7.86 -13.24 21.49
C GLY B 187 9.00 -12.26 21.33
N TRP B 188 9.78 -12.09 22.39
CA TRP B 188 10.85 -11.11 22.39
C TRP B 188 12.21 -11.73 22.69
N VAL B 189 13.14 -11.54 21.76
CA VAL B 189 14.52 -11.92 21.94
C VAL B 189 15.31 -10.65 22.23
N LEU B 190 15.93 -10.58 23.41
CA LEU B 190 16.62 -9.36 23.84
C LEU B 190 18.11 -9.57 24.11
N GLY B 191 18.81 -8.48 24.42
CA GLY B 191 20.21 -8.53 24.80
C GLY B 191 21.18 -8.32 23.65
N GLU B 192 22.27 -9.09 23.69
CA GLU B 192 23.31 -9.05 22.68
C GLU B 192 22.81 -9.72 21.40
N HIS B 193 23.00 -9.06 20.25
CA HIS B 193 22.59 -9.65 18.98
C HIS B 193 23.49 -10.82 18.58
N GLY B 194 22.88 -11.90 18.12
CA GLY B 194 23.61 -13.06 17.62
C GLY B 194 23.55 -14.28 18.52
N ASP B 195 24.69 -14.98 18.63
CA ASP B 195 24.79 -16.24 19.37
C ASP B 195 24.36 -16.15 20.83
N SER B 196 24.52 -14.97 21.43
CA SER B 196 24.27 -14.79 22.86
C SER B 196 22.97 -14.04 23.20
N SER B 197 22.01 -14.06 22.26
CA SER B 197 20.72 -13.40 22.48
C SER B 197 19.87 -14.16 23.47
N VAL B 198 18.88 -13.46 24.07
CA VAL B 198 18.08 -14.03 25.14
C VAL B 198 16.59 -14.04 24.82
N PRO B 199 16.00 -15.24 24.69
CA PRO B 199 14.55 -15.38 24.52
C PRO B 199 13.81 -15.19 25.85
N VAL B 200 12.90 -14.22 25.91
CA VAL B 200 12.13 -13.95 27.12
C VAL B 200 10.85 -14.78 27.13
N TRP B 201 10.96 -16.00 27.66
CA TRP B 201 9.86 -16.98 27.66
C TRP B 201 8.56 -16.47 28.29
N SER B 202 8.69 -15.67 29.35
CA SER B 202 7.54 -15.14 30.08
C SER B 202 6.65 -14.23 29.25
N GLY B 203 7.20 -13.65 28.18
CA GLY B 203 6.46 -12.73 27.33
C GLY B 203 5.89 -13.34 26.07
N MET B 204 6.19 -14.63 25.85
CA MET B 204 5.69 -15.33 24.67
C MET B 204 4.21 -15.64 24.82
N ASN B 205 3.41 -15.14 23.88
CA ASN B 205 1.96 -15.26 23.99
C ASN B 205 1.22 -15.16 22.65
N VAL B 206 0.01 -15.70 22.62
CA VAL B 206 -0.92 -15.49 21.53
C VAL B 206 -2.22 -14.97 22.13
N ALA B 207 -2.78 -13.93 21.51
CA ALA B 207 -4.03 -13.33 21.97
C ALA B 207 -4.01 -12.97 23.46
N GLY B 208 -2.81 -12.66 23.96
CA GLY B 208 -2.64 -12.29 25.35
C GLY B 208 -2.57 -13.45 26.34
N VAL B 209 -2.65 -14.69 25.83
CA VAL B 209 -2.54 -15.85 26.72
C VAL B 209 -1.11 -16.39 26.78
N SER B 210 -0.58 -16.46 28.00
CA SER B 210 0.84 -16.73 28.23
C SER B 210 1.20 -18.20 28.02
N LEU B 211 2.16 -18.44 27.12
CA LEU B 211 2.64 -19.80 26.83
C LEU B 211 3.33 -20.43 28.04
N LYS B 212 4.08 -19.62 28.78
CA LYS B 212 4.73 -20.08 30.01
C LYS B 212 3.69 -20.55 31.04
N THR B 213 2.62 -19.76 31.20
CA THR B 213 1.58 -20.06 32.17
C THR B 213 0.93 -21.44 31.92
N LEU B 214 0.49 -21.70 30.69
CA LEU B 214 -0.17 -22.98 30.41
C LEU B 214 0.81 -24.13 30.11
N HIS B 215 2.09 -23.80 29.95
CA HIS B 215 3.14 -24.81 29.71
C HIS B 215 4.41 -24.45 30.48
N PRO B 216 4.41 -24.67 31.81
CA PRO B 216 5.46 -24.13 32.71
C PRO B 216 6.90 -24.59 32.42
N ASP B 217 7.07 -25.72 31.72
CA ASP B 217 8.41 -26.19 31.36
C ASP B 217 8.99 -25.48 30.13
N LEU B 218 8.23 -24.56 29.55
CA LEU B 218 8.69 -23.73 28.43
C LEU B 218 9.95 -22.96 28.83
N GLY B 219 11.04 -23.17 28.11
CA GLY B 219 12.31 -22.49 28.40
C GLY B 219 13.39 -23.37 29.02
N THR B 220 13.00 -24.57 29.48
CA THR B 220 13.91 -25.46 30.19
C THR B 220 14.21 -26.76 29.44
N ASP B 221 15.34 -27.39 29.77
CA ASP B 221 15.74 -28.66 29.17
C ASP B 221 14.72 -29.78 29.40
N LYS B 222 13.97 -29.65 30.50
CA LYS B 222 12.99 -30.65 30.93
C LYS B 222 11.70 -30.62 30.09
N ASP B 223 11.70 -29.79 29.04
CA ASP B 223 10.53 -29.63 28.17
C ASP B 223 10.46 -30.76 27.13
N LYS B 224 9.30 -31.43 27.11
CA LYS B 224 9.06 -32.56 26.21
C LYS B 224 8.81 -32.10 24.77
N GLU B 225 8.51 -30.81 24.60
CA GLU B 225 8.23 -30.25 23.28
C GLU B 225 9.39 -29.42 22.72
N GLN B 226 10.43 -29.25 23.53
CA GLN B 226 11.75 -28.76 23.10
C GLN B 226 11.76 -27.34 22.51
N TRP B 227 11.02 -26.44 23.17
CA TRP B 227 10.87 -25.07 22.65
C TRP B 227 12.16 -24.22 22.70
N LYS B 228 13.19 -24.72 23.38
CA LYS B 228 14.50 -24.06 23.40
C LYS B 228 15.13 -24.18 22.03
N GLU B 229 14.74 -25.22 21.30
CA GLU B 229 15.23 -25.43 19.94
C GLU B 229 14.80 -24.29 19.03
N VAL B 230 13.62 -23.73 19.27
CA VAL B 230 13.12 -22.58 18.50
C VAL B 230 14.13 -21.43 18.50
N HIS B 231 14.64 -21.06 19.68
CA HIS B 231 15.70 -20.06 19.78
C HIS B 231 17.01 -20.58 19.21
N LYS B 232 17.30 -21.86 19.44
CA LYS B 232 18.50 -22.48 18.89
C LYS B 232 18.45 -22.55 17.37
N GLN B 233 17.27 -22.88 16.83
CA GLN B 233 17.05 -22.89 15.37
C GLN B 233 17.24 -21.51 14.75
N VAL B 234 16.88 -20.46 15.49
CA VAL B 234 17.11 -19.08 15.05
C VAL B 234 18.61 -18.85 14.81
N VAL B 235 19.43 -19.25 15.78
CA VAL B 235 20.88 -19.19 15.64
C VAL B 235 21.36 -20.04 14.46
N GLU B 236 20.90 -21.30 14.41
CA GLU B 236 21.25 -22.24 13.34
C GLU B 236 20.95 -21.66 11.97
N SER B 237 19.76 -21.08 11.82
CA SER B 237 19.30 -20.55 10.54
C SER B 237 20.20 -19.44 10.01
N ALA B 238 20.75 -18.64 10.91
CA ALA B 238 21.67 -17.56 10.55
C ALA B 238 22.93 -18.10 9.89
N TYR B 239 23.48 -19.18 10.47
CA TYR B 239 24.63 -19.85 9.88
C TYR B 239 24.24 -20.62 8.62
N GLU B 240 23.11 -21.31 8.66
CA GLU B 240 22.66 -22.13 7.54
C GLU B 240 22.47 -21.33 6.25
N VAL B 241 21.80 -20.18 6.35
CA VAL B 241 21.59 -19.28 5.20
C VAL B 241 22.92 -18.87 4.56
N ILE B 242 23.91 -18.56 5.40
CA ILE B 242 25.26 -18.22 4.91
C ILE B 242 25.93 -19.40 4.19
N LYS B 243 25.75 -20.62 4.71
CA LYS B 243 26.29 -21.82 4.06
C LYS B 243 25.64 -22.02 2.69
N LEU B 244 24.33 -21.77 2.62
CA LEU B 244 23.52 -22.06 1.43
C LEU B 244 23.67 -21.01 0.32
N LYS B 245 23.58 -19.74 0.68
CA LYS B 245 23.65 -18.67 -0.33
C LYS B 245 24.83 -17.69 -0.14
N GLY B 246 25.42 -17.70 1.05
CA GLY B 246 26.64 -16.93 1.31
C GLY B 246 26.44 -15.59 2.00
N TYR B 247 25.17 -15.17 2.12
CA TYR B 247 24.82 -13.88 2.73
C TYR B 247 23.34 -13.83 3.10
N THR B 248 22.99 -12.90 3.97
CA THR B 248 21.58 -12.61 4.29
C THR B 248 21.22 -11.24 3.72
N SER B 249 20.04 -11.15 3.11
CA SER B 249 19.60 -9.86 2.54
C SER B 249 18.13 -9.54 2.79
N TRP B 250 17.23 -10.37 2.31
CA TRP B 250 15.79 -10.02 2.29
C TRP B 250 15.17 -9.82 3.66
N ALA B 251 15.44 -10.74 4.59
CA ALA B 251 14.89 -10.65 5.95
C ALA B 251 15.38 -9.43 6.73
N ILE B 252 16.69 -9.15 6.67
CA ILE B 252 17.24 -7.99 7.36
C ILE B 252 16.77 -6.67 6.74
N GLY B 253 16.60 -6.66 5.41
CA GLY B 253 16.12 -5.47 4.70
C GLY B 253 14.70 -5.08 5.04
N LEU B 254 13.86 -6.10 5.28
CA LEU B 254 12.48 -5.88 5.69
C LEU B 254 12.39 -5.40 7.13
N SER B 255 13.22 -5.99 8.01
CA SER B 255 13.25 -5.59 9.42
C SER B 255 13.67 -4.12 9.57
N VAL B 256 14.72 -3.73 8.86
CA VAL B 256 15.22 -2.35 8.85
C VAL B 256 14.17 -1.36 8.33
N ALA B 257 13.52 -1.71 7.22
CA ALA B 257 12.48 -0.87 6.63
C ALA B 257 11.31 -0.69 7.59
N ASP B 258 11.01 -1.75 8.35
CA ASP B 258 10.00 -1.67 9.39
C ASP B 258 10.41 -0.69 10.50
N LEU B 259 11.69 -0.71 10.88
CA LEU B 259 12.20 0.29 11.83
C LEU B 259 12.13 1.69 11.22
N ALA B 260 12.40 1.76 9.92
CA ALA B 260 12.40 3.03 9.19
C ALA B 260 11.01 3.65 9.17
N GLU B 261 9.98 2.82 8.96
CA GLU B 261 8.59 3.29 8.92
C GLU B 261 8.18 3.99 10.22
N SER B 262 8.47 3.37 11.36
CA SER B 262 8.15 3.94 12.66
C SER B 262 8.84 5.29 12.89
N ILE B 263 10.14 5.32 12.64
CA ILE B 263 10.92 6.56 12.76
C ILE B 263 10.37 7.69 11.89
N MET B 264 10.19 7.40 10.60
CA MET B 264 9.78 8.41 9.61
C MET B 264 8.36 8.92 9.81
N LYS B 265 7.47 8.05 10.26
CA LYS B 265 6.05 8.39 10.39
C LYS B 265 5.66 8.67 11.84
N ASN B 266 6.65 8.69 12.73
CA ASN B 266 6.46 9.00 14.15
C ASN B 266 5.35 8.14 14.75
N LEU B 267 5.45 6.83 14.56
CA LEU B 267 4.38 5.91 14.94
C LEU B 267 4.38 5.60 16.43
N ARG B 268 5.57 5.62 17.03
CA ARG B 268 5.74 5.23 18.43
C ARG B 268 5.32 3.77 18.66
N ARG B 269 5.67 2.92 17.69
CA ARG B 269 5.56 1.47 17.86
C ARG B 269 6.74 0.99 18.69
N VAL B 270 6.58 -0.18 19.29
CA VAL B 270 7.64 -0.75 20.13
C VAL B 270 8.42 -1.83 19.38
N HIS B 271 9.72 -1.61 19.22
CA HIS B 271 10.60 -2.55 18.51
C HIS B 271 11.77 -3.01 19.37
N PRO B 272 12.27 -4.24 19.12
CA PRO B 272 13.47 -4.70 19.81
C PRO B 272 14.73 -4.22 19.09
N VAL B 273 15.33 -3.15 19.61
CA VAL B 273 16.52 -2.57 19.02
C VAL B 273 17.58 -2.32 20.09
N SER B 274 18.82 -2.09 19.64
CA SER B 274 19.94 -1.91 20.56
C SER B 274 20.03 -0.46 21.02
N THR B 275 20.17 -0.28 22.33
CA THR B 275 20.21 1.05 22.94
C THR B 275 21.09 1.04 24.19
N MET B 276 21.55 2.23 24.60
CA MET B 276 22.37 2.37 25.79
C MET B 276 21.64 1.77 26.99
N ILE B 277 22.26 0.74 27.59
CA ILE B 277 21.59 -0.05 28.62
C ILE B 277 22.06 0.23 30.05
N LYS B 278 23.03 1.14 30.17
CA LYS B 278 23.59 1.54 31.48
C LYS B 278 22.51 1.92 32.48
N GLY B 279 22.64 1.39 33.70
CA GLY B 279 21.66 1.66 34.75
C GLY B 279 20.49 0.70 34.75
N LEU B 280 20.53 -0.28 33.86
CA LEU B 280 19.54 -1.35 33.83
C LEU B 280 20.22 -2.68 34.15
N TYR B 281 19.55 -3.48 34.98
CA TYR B 281 20.02 -4.85 35.30
C TYR B 281 21.43 -4.89 35.91
N GLY B 282 21.78 -3.85 36.66
CA GLY B 282 23.07 -3.76 37.35
C GLY B 282 24.28 -3.52 36.45
N ILE B 283 24.03 -3.06 35.23
CA ILE B 283 25.10 -2.79 34.26
C ILE B 283 25.60 -1.36 34.38
N LYS B 284 26.91 -1.22 34.59
CA LYS B 284 27.53 0.09 34.83
C LYS B 284 28.29 0.65 33.62
N ASP B 285 28.62 -0.21 32.66
CA ASP B 285 29.43 0.19 31.52
C ASP B 285 28.63 0.78 30.37
N ASP B 286 29.28 1.64 29.57
CA ASP B 286 28.68 2.23 28.38
C ASP B 286 28.46 1.16 27.31
N VAL B 287 27.34 0.44 27.42
CA VAL B 287 27.08 -0.72 26.59
C VAL B 287 25.69 -0.66 25.94
N PHE B 288 25.62 -1.09 24.68
CA PHE B 288 24.36 -1.11 23.94
C PHE B 288 23.82 -2.53 23.82
N LEU B 289 22.60 -2.72 24.30
CA LEU B 289 21.91 -4.01 24.22
C LEU B 289 20.45 -3.80 23.86
N SER B 290 19.82 -4.85 23.36
CA SER B 290 18.43 -4.77 22.91
C SER B 290 17.40 -4.90 24.02
N VAL B 291 16.51 -3.92 24.07
CA VAL B 291 15.29 -3.94 24.88
C VAL B 291 14.20 -3.34 24.00
N PRO B 292 12.91 -3.56 24.36
CA PRO B 292 11.85 -2.94 23.56
C PRO B 292 11.92 -1.42 23.68
N CYS B 293 12.01 -0.73 22.54
CA CYS B 293 12.05 0.72 22.51
C CYS B 293 10.88 1.30 21.71
N ILE B 294 10.39 2.44 22.15
CA ILE B 294 9.37 3.21 21.42
C ILE B 294 10.08 4.09 20.38
N LEU B 295 9.87 3.75 19.10
CA LEU B 295 10.52 4.47 18.01
C LEU B 295 9.63 5.54 17.40
N GLY B 296 10.20 6.72 17.19
CA GLY B 296 9.47 7.85 16.62
C GLY B 296 10.40 8.80 15.90
N GLN B 297 9.91 10.02 15.68
CA GLN B 297 10.66 11.03 14.93
C GLN B 297 11.91 11.53 15.66
N ASN B 298 11.98 11.27 16.97
CA ASN B 298 13.16 11.59 17.76
C ASN B 298 14.03 10.35 18.03
N GLY B 299 13.79 9.28 17.28
CA GLY B 299 14.46 8.00 17.50
C GLY B 299 13.80 7.26 18.65
N ILE B 300 14.62 6.78 19.58
CA ILE B 300 14.14 6.11 20.78
C ILE B 300 13.74 7.14 21.82
N SER B 301 12.44 7.42 21.93
CA SER B 301 11.98 8.35 22.95
C SER B 301 11.89 7.69 24.31
N ASP B 302 11.47 6.43 24.33
CA ASP B 302 11.22 5.72 25.58
C ASP B 302 11.63 4.24 25.51
N LEU B 303 11.88 3.64 26.67
CA LEU B 303 12.21 2.21 26.79
C LEU B 303 11.15 1.48 27.62
N VAL B 304 10.76 0.30 27.16
CA VAL B 304 9.90 -0.59 27.95
C VAL B 304 10.77 -1.37 28.93
N LYS B 305 10.45 -1.23 30.22
CA LYS B 305 11.21 -1.92 31.27
C LYS B 305 10.71 -3.34 31.46
N VAL B 306 11.44 -4.29 30.89
CA VAL B 306 11.05 -5.70 30.95
C VAL B 306 11.54 -6.34 32.23
N THR B 307 10.62 -6.96 32.96
CA THR B 307 10.95 -7.66 34.19
C THR B 307 11.58 -9.01 33.84
N LEU B 308 12.91 -9.06 33.92
CA LEU B 308 13.67 -10.27 33.61
C LEU B 308 13.87 -11.14 34.85
N THR B 309 14.07 -12.43 34.64
CA THR B 309 14.42 -13.36 35.71
C THR B 309 15.92 -13.22 36.03
N SER B 310 16.33 -13.78 37.16
CA SER B 310 17.74 -13.74 37.59
C SER B 310 18.66 -14.31 36.50
N GLU B 311 18.26 -15.46 35.95
CA GLU B 311 18.96 -16.12 34.85
C GLU B 311 19.16 -15.18 33.65
N GLU B 312 18.06 -14.56 33.22
CA GLU B 312 18.06 -13.65 32.08
C GLU B 312 18.89 -12.40 32.37
N GLU B 313 18.68 -11.81 33.56
CA GLU B 313 19.47 -10.68 34.02
C GLU B 313 20.97 -11.00 33.99
N ALA B 314 21.32 -12.20 34.47
CA ALA B 314 22.71 -12.68 34.49
C ALA B 314 23.30 -12.78 33.09
N ARG B 315 22.50 -13.28 32.14
CA ARG B 315 22.93 -13.39 30.76
C ARG B 315 23.19 -12.03 30.12
N LEU B 316 22.33 -11.06 30.41
CA LEU B 316 22.51 -9.69 29.93
C LEU B 316 23.75 -9.01 30.51
N LYS B 317 23.97 -9.18 31.81
CA LYS B 317 25.12 -8.57 32.49
C LYS B 317 26.45 -9.16 32.01
N LYS B 318 26.44 -10.45 31.70
CA LYS B 318 27.61 -11.12 31.13
C LYS B 318 27.94 -10.59 29.74
N SER B 319 26.90 -10.42 28.92
CA SER B 319 27.04 -9.80 27.61
C SER B 319 27.65 -8.40 27.73
N ALA B 320 27.19 -7.65 28.73
CA ALA B 320 27.69 -6.30 28.99
C ALA B 320 29.16 -6.27 29.37
N ASP B 321 29.57 -7.21 30.21
CA ASP B 321 30.98 -7.30 30.63
C ASP B 321 31.88 -7.64 29.44
N THR B 322 31.47 -8.66 28.68
CA THR B 322 32.18 -9.09 27.47
C THR B 322 32.34 -7.96 26.47
N LEU B 323 31.25 -7.27 26.16
CA LEU B 323 31.24 -6.16 25.20
C LEU B 323 32.21 -5.04 25.59
N TRP B 324 32.24 -4.73 26.89
CA TRP B 324 33.14 -3.69 27.39
C TRP B 324 34.60 -4.12 27.37
N GLY B 325 34.84 -5.42 27.56
CA GLY B 325 36.19 -5.98 27.49
C GLY B 325 36.87 -5.72 26.15
N ILE B 326 36.06 -5.71 25.09
CA ILE B 326 36.53 -5.42 23.75
C ILE B 326 36.57 -3.90 23.52
N GLN B 327 35.50 -3.22 23.92
CA GLN B 327 35.37 -1.77 23.74
C GLN B 327 36.47 -0.97 24.43
N LYS B 328 36.87 -1.42 25.62
CA LYS B 328 37.92 -0.76 26.40
C LYS B 328 39.27 -0.74 25.69
N GLU B 329 39.51 -1.75 24.85
CA GLU B 329 40.80 -1.91 24.17
C GLU B 329 40.81 -1.34 22.75
N LEU B 330 39.72 -0.68 22.37
CA LEU B 330 39.58 -0.12 21.03
C LEU B 330 40.29 1.23 20.91
N GLN B 331 41.05 1.39 19.83
CA GLN B 331 41.73 2.64 19.54
C GLN B 331 40.96 3.43 18.48
N PHE B 332 40.48 4.61 18.88
CA PHE B 332 39.71 5.49 18.01
C PHE B 332 39.59 6.91 18.57
N ALA C 2 4.66 4.56 42.36
CA ALA C 2 4.68 5.16 40.99
C ALA C 2 3.52 4.67 40.13
N THR C 3 3.23 5.40 39.06
CA THR C 3 2.15 5.04 38.13
C THR C 3 2.48 3.78 37.35
N LEU C 4 1.46 3.14 36.78
CA LEU C 4 1.67 2.00 35.89
C LEU C 4 2.60 2.42 34.75
N LYS C 5 2.32 3.58 34.16
CA LYS C 5 3.12 4.14 33.07
C LYS C 5 4.60 4.27 33.43
N ASP C 6 4.88 4.79 34.63
CA ASP C 6 6.26 4.96 35.12
C ASP C 6 6.93 3.61 35.41
N GLN C 7 6.15 2.64 35.87
CA GLN C 7 6.65 1.28 36.11
C GLN C 7 7.01 0.56 34.81
N LEU C 8 6.19 0.79 33.78
CA LEU C 8 6.36 0.13 32.50
C LEU C 8 7.42 0.80 31.62
N ILE C 9 7.41 2.13 31.58
CA ILE C 9 8.16 2.86 30.56
C ILE C 9 9.13 3.90 31.13
N TYR C 10 10.41 3.76 30.78
CA TYR C 10 11.42 4.76 31.12
C TYR C 10 11.53 5.79 29.99
N ASN C 11 11.43 7.06 30.36
CA ASN C 11 11.45 8.15 29.38
C ASN C 11 12.85 8.72 29.17
N LEU C 12 13.27 8.81 27.90
CA LEU C 12 14.57 9.37 27.56
C LEU C 12 14.50 10.86 27.25
N LEU C 13 13.43 11.28 26.56
CA LEU C 13 13.20 12.69 26.27
C LEU C 13 11.71 13.03 26.36
N LYS C 14 11.42 14.30 26.64
CA LYS C 14 10.05 14.77 26.76
C LYS C 14 9.68 15.66 25.57
N GLU C 15 10.70 16.30 24.99
CA GLU C 15 10.53 17.31 23.95
C GLU C 15 9.66 16.85 22.76
N GLU C 16 8.83 17.77 22.28
CA GLU C 16 7.90 17.46 21.18
C GLU C 16 8.12 18.42 20.00
N GLN C 17 8.49 17.85 18.85
CA GLN C 17 8.67 18.62 17.63
C GLN C 17 7.33 19.09 17.06
N THR C 18 7.40 19.99 16.09
CA THR C 18 6.24 20.33 15.27
C THR C 18 5.93 19.14 14.33
N PRO C 19 4.64 18.89 14.07
CA PRO C 19 4.28 17.86 13.08
C PRO C 19 4.91 18.17 11.72
N GLN C 20 5.65 17.21 11.18
CA GLN C 20 6.41 17.42 9.93
C GLN C 20 5.56 17.29 8.66
N ASN C 21 4.51 16.48 8.73
CA ASN C 21 3.68 16.18 7.56
C ASN C 21 2.19 16.34 7.86
N LYS C 22 1.79 17.55 8.27
CA LYS C 22 0.43 17.81 8.73
C LYS C 22 -0.51 18.30 7.62
N ILE C 23 -1.73 17.76 7.63
CA ILE C 23 -2.79 18.17 6.71
C ILE C 23 -4.03 18.58 7.50
N THR C 24 -4.73 19.61 7.02
CA THR C 24 -5.96 20.08 7.65
C THR C 24 -7.14 20.06 6.68
N VAL C 25 -8.26 19.51 7.15
CA VAL C 25 -9.51 19.55 6.40
C VAL C 25 -10.49 20.51 7.08
N VAL C 26 -10.89 21.54 6.36
CA VAL C 26 -11.87 22.51 6.85
C VAL C 26 -13.23 22.19 6.26
N GLY C 27 -14.18 21.86 7.13
CA GLY C 27 -15.51 21.43 6.71
C GLY C 27 -15.59 19.92 6.78
N VAL C 28 -16.41 19.43 7.71
CA VAL C 28 -16.55 17.98 7.93
C VAL C 28 -17.87 17.43 7.39
N GLY C 29 -18.36 18.02 6.31
CA GLY C 29 -19.50 17.46 5.58
C GLY C 29 -19.07 16.19 4.85
N ALA C 30 -19.93 15.71 3.97
CA ALA C 30 -19.66 14.48 3.22
C ALA C 30 -18.32 14.57 2.48
N VAL C 31 -18.08 15.71 1.82
CA VAL C 31 -16.87 15.88 1.02
C VAL C 31 -15.60 15.88 1.87
N GLY C 32 -15.56 16.76 2.87
CA GLY C 32 -14.42 16.82 3.79
C GLY C 32 -14.08 15.46 4.38
N MET C 33 -15.11 14.75 4.85
CA MET C 33 -14.91 13.44 5.47
C MET C 33 -14.40 12.38 4.51
N ALA C 34 -14.85 12.44 3.26
CA ALA C 34 -14.35 11.54 2.21
C ALA C 34 -12.88 11.82 1.91
N CYS C 35 -12.54 13.10 1.81
CA CYS C 35 -11.14 13.52 1.69
C CYS C 35 -10.34 13.00 2.88
N ALA C 36 -10.91 13.13 4.08
CA ALA C 36 -10.27 12.70 5.32
C ALA C 36 -9.90 11.21 5.33
N ILE C 37 -10.88 10.36 5.07
CA ILE C 37 -10.64 8.91 5.12
C ILE C 37 -9.63 8.45 4.07
N SER C 38 -9.75 8.99 2.85
CA SER C 38 -8.85 8.65 1.75
C SER C 38 -7.40 9.04 2.08
N ILE C 39 -7.23 10.24 2.61
CA ILE C 39 -5.92 10.72 3.04
C ILE C 39 -5.30 9.80 4.10
N LEU C 40 -6.12 9.39 5.06
CA LEU C 40 -5.66 8.51 6.15
C LEU C 40 -5.27 7.13 5.64
N MET C 41 -6.05 6.60 4.70
CA MET C 41 -5.80 5.26 4.18
C MET C 41 -4.58 5.19 3.26
N LYS C 42 -4.18 6.34 2.72
CA LYS C 42 -2.99 6.42 1.88
C LYS C 42 -1.74 6.84 2.65
N ASP C 43 -1.87 6.94 3.98
CA ASP C 43 -0.76 7.27 4.88
C ASP C 43 -0.02 8.54 4.45
N LEU C 44 -0.79 9.60 4.15
CA LEU C 44 -0.23 10.81 3.59
C LEU C 44 0.21 11.83 4.64
N ALA C 45 -0.33 11.70 5.85
CA ALA C 45 -0.05 12.64 6.94
C ALA C 45 0.40 11.95 8.22
N ASP C 46 1.19 12.64 9.02
CA ASP C 46 1.54 12.17 10.36
C ASP C 46 0.64 12.80 11.43
N GLU C 47 -0.19 13.76 11.00
CA GLU C 47 -1.15 14.42 11.85
C GLU C 47 -2.28 14.97 10.99
N LEU C 48 -3.52 14.81 11.45
CA LEU C 48 -4.68 15.28 10.72
C LEU C 48 -5.57 16.14 11.62
N ALA C 49 -5.90 17.33 11.14
CA ALA C 49 -6.75 18.26 11.87
C ALA C 49 -8.04 18.54 11.12
N LEU C 50 -9.15 18.53 11.86
CA LEU C 50 -10.47 18.81 11.32
C LEU C 50 -11.07 20.07 11.93
N VAL C 51 -11.69 20.89 11.09
CA VAL C 51 -12.31 22.15 11.52
C VAL C 51 -13.69 22.31 10.89
N ASP C 52 -14.68 22.63 11.72
CA ASP C 52 -16.02 22.99 11.26
C ASP C 52 -16.66 23.95 12.27
N VAL C 53 -17.84 24.47 11.94
CA VAL C 53 -18.60 25.33 12.86
C VAL C 53 -19.62 24.53 13.68
N ILE C 54 -20.08 23.41 13.12
CA ILE C 54 -20.99 22.51 13.83
C ILE C 54 -20.18 21.65 14.81
N GLU C 55 -20.19 22.10 16.07
CA GLU C 55 -19.35 21.55 17.14
C GLU C 55 -19.55 20.06 17.43
N ASP C 56 -20.80 19.65 17.60
CA ASP C 56 -21.13 18.26 17.93
C ASP C 56 -20.68 17.27 16.85
N LYS C 57 -21.11 17.54 15.61
CA LYS C 57 -20.72 16.76 14.44
C LYS C 57 -19.21 16.59 14.33
N LEU C 58 -18.49 17.67 14.59
CA LEU C 58 -17.03 17.71 14.47
C LEU C 58 -16.32 16.78 15.46
N LYS C 59 -16.79 16.78 16.70
CA LYS C 59 -16.25 15.88 17.72
C LYS C 59 -16.62 14.44 17.39
N GLY C 60 -17.86 14.23 16.94
CA GLY C 60 -18.33 12.91 16.50
C GLY C 60 -17.43 12.31 15.43
N GLU C 61 -17.19 13.08 14.37
CA GLU C 61 -16.33 12.63 13.28
C GLU C 61 -14.90 12.35 13.75
N MET C 62 -14.35 13.26 14.56
CA MET C 62 -13.01 13.10 15.09
C MET C 62 -12.86 11.78 15.86
N MET C 63 -13.83 11.50 16.72
CA MET C 63 -13.81 10.29 17.55
C MET C 63 -13.94 9.01 16.74
N ASP C 64 -14.81 9.03 15.74
CA ASP C 64 -14.97 7.89 14.84
C ASP C 64 -13.61 7.57 14.22
N LEU C 65 -12.96 8.59 13.63
CA LEU C 65 -11.63 8.42 13.04
C LEU C 65 -10.62 7.90 14.06
N GLN C 66 -10.56 8.57 15.21
CA GLN C 66 -9.64 8.18 16.30
C GLN C 66 -9.77 6.69 16.65
N HIS C 67 -11.01 6.23 16.80
CA HIS C 67 -11.28 4.83 17.14
C HIS C 67 -10.75 3.84 16.11
N GLY C 68 -10.42 4.32 14.90
CA GLY C 68 -9.88 3.48 13.84
C GLY C 68 -8.36 3.43 13.80
N SER C 69 -7.72 4.10 14.76
CA SER C 69 -6.24 4.26 14.78
C SER C 69 -5.45 2.97 14.65
N LEU C 70 -5.96 1.88 15.22
CA LEU C 70 -5.31 0.57 15.14
C LEU C 70 -5.05 0.11 13.70
N PHE C 71 -5.87 0.61 12.76
CA PHE C 71 -5.77 0.21 11.35
C PHE C 71 -5.22 1.31 10.44
N LEU C 72 -4.68 2.35 11.07
CA LEU C 72 -4.11 3.49 10.35
C LEU C 72 -2.66 3.70 10.73
N ARG C 73 -1.96 4.55 9.97
CA ARG C 73 -0.60 4.96 10.32
C ARG C 73 -0.50 6.47 10.50
N THR C 74 -1.54 7.05 11.07
CA THR C 74 -1.57 8.47 11.43
C THR C 74 -1.78 8.56 12.94
N PRO C 75 -0.68 8.82 13.69
CA PRO C 75 -0.67 8.73 15.16
C PRO C 75 -1.47 9.79 15.90
N LYS C 76 -1.88 10.85 15.20
CA LYS C 76 -2.56 11.96 15.88
C LYS C 76 -3.65 12.60 15.02
N ILE C 77 -4.88 12.54 15.51
CA ILE C 77 -6.02 13.18 14.86
C ILE C 77 -6.66 14.15 15.85
N VAL C 78 -6.76 15.42 15.45
CA VAL C 78 -7.32 16.45 16.32
C VAL C 78 -8.41 17.24 15.60
N SER C 79 -9.25 17.93 16.37
CA SER C 79 -10.31 18.76 15.81
C SER C 79 -10.63 19.92 16.73
N GLY C 80 -11.32 20.91 16.19
CA GLY C 80 -11.75 22.05 16.99
C GLY C 80 -12.33 23.19 16.18
N LYS C 81 -13.00 24.09 16.88
CA LYS C 81 -13.57 25.31 16.30
C LYS C 81 -12.47 26.34 16.12
N ASP C 82 -11.49 26.33 17.04
CA ASP C 82 -10.35 27.24 17.00
C ASP C 82 -9.25 26.68 16.10
N TYR C 83 -8.60 27.57 15.37
CA TYR C 83 -7.62 27.20 14.34
C TYR C 83 -6.22 26.88 14.85
N ASN C 84 -6.02 26.96 16.17
CA ASN C 84 -4.75 26.58 16.78
C ASN C 84 -4.41 25.11 16.55
N VAL C 85 -5.44 24.28 16.41
CA VAL C 85 -5.29 22.86 16.12
C VAL C 85 -4.75 22.61 14.71
N THR C 86 -4.72 23.66 13.88
CA THR C 86 -4.29 23.54 12.49
C THR C 86 -2.86 24.04 12.28
N ALA C 87 -2.20 24.45 13.36
CA ALA C 87 -0.87 25.04 13.30
C ALA C 87 0.16 24.12 12.65
N ASN C 88 0.97 24.70 11.76
CA ASN C 88 2.05 24.00 11.05
C ASN C 88 1.61 22.96 10.02
N SER C 89 0.49 23.23 9.33
CA SER C 89 0.00 22.36 8.27
C SER C 89 0.80 22.55 6.99
N LYS C 90 1.22 21.44 6.37
CA LYS C 90 1.80 21.51 5.03
C LYS C 90 0.71 21.79 4.01
N LEU C 91 -0.47 21.18 4.22
CA LEU C 91 -1.56 21.25 3.26
C LEU C 91 -2.88 21.55 3.96
N VAL C 92 -3.64 22.48 3.39
CA VAL C 92 -4.94 22.85 3.95
C VAL C 92 -6.03 22.72 2.89
N ILE C 93 -6.97 21.83 3.15
CA ILE C 93 -8.05 21.52 2.22
C ILE C 93 -9.36 22.14 2.70
N ILE C 94 -9.95 22.99 1.86
CA ILE C 94 -11.19 23.70 2.21
C ILE C 94 -12.39 23.09 1.50
N THR C 95 -13.32 22.56 2.27
CA THR C 95 -14.52 21.94 1.72
C THR C 95 -15.80 22.59 2.26
N ALA C 96 -15.63 23.65 3.07
CA ALA C 96 -16.75 24.35 3.66
C ALA C 96 -17.57 25.09 2.60
N GLY C 97 -18.88 25.11 2.77
CA GLY C 97 -19.76 25.81 1.84
C GLY C 97 -21.18 25.93 2.34
N ALA C 98 -21.92 26.87 1.76
CA ALA C 98 -23.33 27.03 2.06
C ALA C 98 -24.16 26.12 1.14
N ARG C 99 -25.41 25.91 1.51
CA ARG C 99 -26.32 25.13 0.68
C ARG C 99 -27.29 26.06 -0.04
N GLN C 100 -27.29 25.99 -1.36
CA GLN C 100 -28.13 26.85 -2.20
C GLN C 100 -29.61 26.56 -1.96
N GLN C 101 -30.38 27.63 -1.79
CA GLN C 101 -31.82 27.50 -1.59
C GLN C 101 -32.56 27.81 -2.90
N GLU C 102 -33.81 27.36 -2.98
CA GLU C 102 -34.59 27.44 -4.22
C GLU C 102 -34.93 28.88 -4.63
N GLY C 103 -35.12 29.76 -3.65
CA GLY C 103 -35.38 31.18 -3.92
C GLY C 103 -34.09 32.04 -3.91
N GLU C 104 -32.93 31.39 -4.09
CA GLU C 104 -31.64 32.04 -3.95
C GLU C 104 -30.88 32.19 -5.26
N SER C 105 -30.38 33.40 -5.50
CA SER C 105 -29.55 33.71 -6.67
C SER C 105 -28.20 32.97 -6.64
N ARG C 106 -27.52 32.94 -7.79
CA ARG C 106 -26.16 32.39 -7.87
C ARG C 106 -25.16 33.37 -7.25
N LEU C 107 -25.31 34.66 -7.57
CA LEU C 107 -24.49 35.73 -7.01
C LEU C 107 -24.62 35.77 -5.48
N ASN C 108 -25.83 35.56 -4.98
CA ASN C 108 -26.09 35.51 -3.54
C ASN C 108 -25.44 34.31 -2.89
N LEU C 109 -25.43 33.17 -3.59
CA LEU C 109 -24.83 31.94 -3.09
C LEU C 109 -23.30 32.07 -3.02
N VAL C 110 -22.71 32.63 -4.08
CA VAL C 110 -21.26 32.84 -4.16
C VAL C 110 -20.79 33.79 -3.06
N GLN C 111 -21.54 34.87 -2.86
CA GLN C 111 -21.27 35.86 -1.81
C GLN C 111 -21.32 35.21 -0.42
N ARG C 112 -22.28 34.31 -0.22
CA ARG C 112 -22.41 33.58 1.05
C ARG C 112 -21.16 32.75 1.35
N ASN C 113 -20.58 32.14 0.31
CA ASN C 113 -19.32 31.40 0.47
C ASN C 113 -18.09 32.30 0.53
N VAL C 114 -18.21 33.52 0.01
CA VAL C 114 -17.16 34.53 0.19
C VAL C 114 -17.12 34.94 1.67
N ASN C 115 -18.31 35.16 2.24
CA ASN C 115 -18.46 35.47 3.67
C ASN C 115 -17.91 34.38 4.57
N ILE C 116 -18.03 33.14 4.11
CA ILE C 116 -17.48 31.98 4.81
C ILE C 116 -15.94 31.98 4.73
N PHE C 117 -15.42 32.20 3.53
CA PHE C 117 -13.97 32.28 3.28
C PHE C 117 -13.31 33.50 3.95
N LYS C 118 -14.08 34.56 4.15
CA LYS C 118 -13.60 35.75 4.85
C LYS C 118 -13.27 35.43 6.31
N PHE C 119 -13.91 34.40 6.85
CA PHE C 119 -13.61 33.92 8.20
C PHE C 119 -12.50 32.87 8.22
N ILE C 120 -12.60 31.86 7.35
CA ILE C 120 -11.68 30.72 7.35
C ILE C 120 -10.24 31.11 7.00
N ILE C 121 -10.07 31.71 5.82
CA ILE C 121 -8.75 31.99 5.25
C ILE C 121 -7.80 32.77 6.16
N PRO C 122 -8.24 33.92 6.74
CA PRO C 122 -7.34 34.64 7.66
C PRO C 122 -6.82 33.76 8.80
N ASN C 123 -7.69 32.90 9.33
CA ASN C 123 -7.32 32.00 10.43
C ASN C 123 -6.33 30.91 10.04
N VAL C 124 -6.46 30.39 8.82
CA VAL C 124 -5.54 29.39 8.28
C VAL C 124 -4.14 29.99 8.08
N VAL C 125 -4.10 31.19 7.51
CA VAL C 125 -2.85 31.90 7.24
C VAL C 125 -2.09 32.24 8.53
N LYS C 126 -2.84 32.59 9.57
CA LYS C 126 -2.26 32.93 10.87
C LYS C 126 -1.52 31.76 11.53
N TYR C 127 -2.04 30.55 11.34
CA TYR C 127 -1.45 29.38 12.00
C TYR C 127 -0.56 28.52 11.10
N SER C 128 -0.77 28.65 9.79
CA SER C 128 0.06 27.94 8.81
C SER C 128 0.40 28.88 7.64
N PRO C 129 1.27 29.88 7.88
CA PRO C 129 1.62 30.88 6.86
C PRO C 129 2.28 30.28 5.62
N ASN C 130 3.02 29.17 5.80
CA ASN C 130 3.74 28.55 4.69
C ASN C 130 3.00 27.41 3.98
N CYS C 131 1.72 27.23 4.32
CA CYS C 131 0.95 26.11 3.80
C CYS C 131 0.51 26.28 2.34
N LYS C 132 0.13 25.16 1.72
CA LYS C 132 -0.52 25.17 0.42
C LYS C 132 -2.03 25.08 0.61
N LEU C 133 -2.78 25.84 -0.19
CA LEU C 133 -4.23 25.83 -0.15
C LEU C 133 -4.81 25.02 -1.29
N LEU C 134 -5.68 24.07 -0.95
CA LEU C 134 -6.40 23.27 -1.93
C LEU C 134 -7.89 23.50 -1.75
N ILE C 135 -8.51 24.15 -2.74
CA ILE C 135 -9.91 24.57 -2.63
C ILE C 135 -10.84 23.61 -3.38
N VAL C 136 -11.88 23.15 -2.68
CA VAL C 136 -12.87 22.23 -3.24
C VAL C 136 -14.27 22.89 -3.30
N SER C 137 -14.53 23.79 -2.35
CA SER C 137 -15.81 24.51 -2.27
C SER C 137 -16.26 25.10 -3.60
N ASN C 138 -17.54 24.93 -3.93
CA ASN C 138 -18.12 25.47 -5.16
C ASN C 138 -18.65 26.90 -5.04
N PRO C 139 -18.59 27.69 -6.13
CA PRO C 139 -17.97 27.37 -7.42
C PRO C 139 -16.45 27.43 -7.31
N VAL C 140 -15.82 26.28 -7.47
CA VAL C 140 -14.39 26.11 -7.14
C VAL C 140 -13.48 27.18 -7.73
N ASP C 141 -13.66 27.47 -9.02
CA ASP C 141 -12.84 28.44 -9.73
C ASP C 141 -12.94 29.86 -9.14
N ILE C 142 -14.15 30.26 -8.77
CA ILE C 142 -14.35 31.57 -8.13
C ILE C 142 -13.74 31.58 -6.72
N LEU C 143 -13.97 30.51 -5.97
CA LEU C 143 -13.49 30.43 -4.59
C LEU C 143 -12.00 30.19 -4.47
N THR C 144 -11.39 29.64 -5.51
CA THR C 144 -9.93 29.54 -5.56
C THR C 144 -9.35 30.95 -5.69
N TYR C 145 -9.99 31.78 -6.55
CA TYR C 145 -9.62 33.19 -6.69
C TYR C 145 -9.76 33.93 -5.35
N VAL C 146 -10.90 33.72 -4.70
CA VAL C 146 -11.19 34.37 -3.41
C VAL C 146 -10.11 34.03 -2.39
N ALA C 147 -9.81 32.74 -2.26
CA ALA C 147 -8.76 32.26 -1.36
C ALA C 147 -7.41 32.91 -1.66
N TRP C 148 -7.06 32.97 -2.94
CA TRP C 148 -5.83 33.62 -3.40
C TRP C 148 -5.77 35.08 -2.98
N LYS C 149 -6.89 35.78 -3.15
CA LYS C 149 -7.00 37.20 -2.81
C LYS C 149 -6.91 37.48 -1.31
N ILE C 150 -7.66 36.73 -0.53
CA ILE C 150 -7.70 36.95 0.93
C ILE C 150 -6.38 36.55 1.59
N SER C 151 -5.86 35.38 1.24
CA SER C 151 -4.61 34.87 1.82
C SER C 151 -3.42 35.78 1.54
N GLY C 152 -3.34 36.29 0.31
CA GLY C 152 -2.18 37.06 -0.14
C GLY C 152 -1.01 36.15 -0.48
N PHE C 153 -1.30 34.85 -0.61
CA PHE C 153 -0.31 33.85 -1.01
C PHE C 153 0.09 34.03 -2.47
N PRO C 154 1.32 33.62 -2.83
CA PRO C 154 1.65 33.52 -4.25
C PRO C 154 0.79 32.45 -4.92
N LYS C 155 0.48 32.65 -6.20
CA LYS C 155 -0.43 31.78 -6.94
C LYS C 155 -0.10 30.28 -6.87
N ASN C 156 1.18 29.95 -6.87
CA ASN C 156 1.64 28.57 -6.80
C ASN C 156 1.19 27.81 -5.55
N ARG C 157 0.82 28.54 -4.50
CA ARG C 157 0.37 27.92 -3.26
C ARG C 157 -1.16 27.82 -3.14
N VAL C 158 -1.89 28.41 -4.10
CA VAL C 158 -3.35 28.32 -4.10
C VAL C 158 -3.82 27.42 -5.24
N ILE C 159 -4.27 26.21 -4.89
CA ILE C 159 -4.67 25.19 -5.85
C ILE C 159 -6.17 24.95 -5.76
N GLY C 160 -6.83 24.96 -6.90
CA GLY C 160 -8.25 24.65 -6.98
C GLY C 160 -8.46 23.24 -7.49
N SER C 161 -9.49 22.57 -7.00
CA SER C 161 -9.79 21.20 -7.42
C SER C 161 -10.08 21.16 -8.91
N GLY C 162 -10.84 22.15 -9.38
CA GLY C 162 -11.08 22.37 -10.80
C GLY C 162 -11.65 21.18 -11.54
N CYS C 163 -10.99 20.80 -12.63
CA CYS C 163 -11.48 19.72 -13.47
C CYS C 163 -10.83 18.36 -13.20
N ASN C 164 -10.34 18.16 -11.97
CA ASN C 164 -9.75 16.88 -11.58
C ASN C 164 -10.81 15.77 -11.55
N LEU C 165 -11.96 16.07 -10.94
CA LEU C 165 -13.06 15.13 -10.88
C LEU C 165 -13.72 14.92 -12.25
N ASP C 166 -13.93 16.00 -12.99
CA ASP C 166 -14.48 15.95 -14.35
C ASP C 166 -13.65 14.99 -15.21
N SER C 167 -12.33 15.19 -15.19
CA SER C 167 -11.40 14.30 -15.87
C SER C 167 -11.54 12.86 -15.37
N ALA C 168 -11.51 12.70 -14.04
CA ALA C 168 -11.61 11.37 -13.42
C ALA C 168 -12.83 10.60 -13.95
N ARG C 169 -13.98 11.26 -13.96
CA ARG C 169 -15.22 10.69 -14.46
C ARG C 169 -15.15 10.44 -15.96
N PHE C 170 -14.60 11.41 -16.69
CA PHE C 170 -14.43 11.28 -18.13
C PHE C 170 -13.63 10.02 -18.48
N ARG C 171 -12.57 9.76 -17.72
CA ARG C 171 -11.71 8.62 -17.98
C ARG C 171 -12.38 7.29 -17.60
N TYR C 172 -13.25 7.33 -16.60
CA TYR C 172 -14.06 6.15 -16.26
C TYR C 172 -15.00 5.77 -17.40
N LEU C 173 -15.72 6.75 -17.93
CA LEU C 173 -16.69 6.53 -19.01
C LEU C 173 -16.02 6.06 -20.29
N MET C 174 -14.93 6.74 -20.66
CA MET C 174 -14.09 6.34 -21.79
C MET C 174 -13.63 4.88 -21.65
N GLY C 175 -13.14 4.53 -20.48
CA GLY C 175 -12.66 3.19 -20.18
C GLY C 175 -13.72 2.11 -20.24
N GLU C 176 -14.94 2.46 -19.84
CA GLU C 176 -16.06 1.52 -19.88
C GLU C 176 -16.53 1.33 -21.32
N ARG C 177 -16.30 2.34 -22.16
CA ARG C 177 -16.66 2.28 -23.57
C ARG C 177 -15.68 1.44 -24.38
N LEU C 178 -14.40 1.49 -24.00
CA LEU C 178 -13.35 0.77 -24.73
C LEU C 178 -12.93 -0.55 -24.09
N GLY C 179 -13.57 -0.89 -22.96
CA GLY C 179 -13.24 -2.11 -22.21
C GLY C 179 -11.81 -2.14 -21.70
N VAL C 180 -11.32 -0.98 -21.29
CA VAL C 180 -9.94 -0.80 -20.84
C VAL C 180 -9.94 0.00 -19.54
N HIS C 181 -9.02 -0.33 -18.63
CA HIS C 181 -8.89 0.38 -17.35
C HIS C 181 -8.61 1.86 -17.55
N PRO C 182 -9.35 2.75 -16.82
CA PRO C 182 -9.19 4.20 -16.90
C PRO C 182 -7.75 4.69 -16.74
N LEU C 183 -6.93 3.95 -15.98
CA LEU C 183 -5.51 4.27 -15.84
C LEU C 183 -4.78 4.31 -17.19
N SER C 184 -5.31 3.57 -18.15
CA SER C 184 -4.73 3.48 -19.49
C SER C 184 -5.51 4.31 -20.52
N CYS C 185 -6.62 4.88 -20.07
CA CYS C 185 -7.43 5.76 -20.89
C CYS C 185 -7.09 7.20 -20.54
N HIS C 186 -6.48 7.90 -21.49
CA HIS C 186 -5.94 9.22 -21.22
C HIS C 186 -6.83 10.30 -21.84
N GLY C 187 -7.29 11.22 -21.00
CA GLY C 187 -8.27 12.22 -21.42
C GLY C 187 -8.27 13.42 -20.50
N TRP C 188 -8.40 14.59 -21.08
CA TRP C 188 -8.28 15.83 -20.33
C TRP C 188 -9.48 16.75 -20.54
N VAL C 189 -10.22 16.97 -19.46
CA VAL C 189 -11.27 17.99 -19.43
C VAL C 189 -10.71 19.21 -18.72
N LEU C 190 -10.82 20.37 -19.37
CA LEU C 190 -10.18 21.59 -18.86
C LEU C 190 -11.14 22.78 -18.75
N GLY C 191 -10.60 23.91 -18.33
CA GLY C 191 -11.36 25.14 -18.21
C GLY C 191 -12.15 25.21 -16.91
N GLU C 192 -13.40 25.64 -17.03
CA GLU C 192 -14.27 25.82 -15.87
C GLU C 192 -14.85 24.50 -15.40
N HIS C 193 -14.73 24.23 -14.11
CA HIS C 193 -15.31 23.02 -13.52
C HIS C 193 -16.83 23.02 -13.69
N GLY C 194 -17.37 21.85 -13.98
CA GLY C 194 -18.82 21.67 -14.02
C GLY C 194 -19.41 21.67 -15.42
N ASP C 195 -20.55 22.35 -15.55
CA ASP C 195 -21.34 22.36 -16.79
C ASP C 195 -20.61 22.90 -18.00
N SER C 196 -19.70 23.85 -17.77
CA SER C 196 -19.02 24.55 -18.86
C SER C 196 -17.60 24.03 -19.16
N SER C 197 -17.27 22.85 -18.63
CA SER C 197 -15.94 22.26 -18.84
C SER C 197 -15.67 21.89 -20.30
N VAL C 198 -14.39 21.83 -20.67
CA VAL C 198 -13.99 21.60 -22.05
C VAL C 198 -13.19 20.30 -22.22
N PRO C 199 -13.77 19.31 -22.93
CA PRO C 199 -13.03 18.10 -23.28
C PRO C 199 -12.09 18.35 -24.45
N VAL C 200 -10.82 17.99 -24.29
CA VAL C 200 -9.83 18.19 -25.35
C VAL C 200 -9.67 16.91 -26.15
N TRP C 201 -10.48 16.81 -27.21
CA TRP C 201 -10.54 15.61 -28.04
C TRP C 201 -9.21 15.25 -28.70
N SER C 202 -8.39 16.25 -28.97
CA SER C 202 -7.08 16.05 -29.61
C SER C 202 -6.09 15.27 -28.72
N GLY C 203 -6.32 15.32 -27.41
CA GLY C 203 -5.46 14.63 -26.45
C GLY C 203 -5.90 13.24 -26.07
N MET C 204 -7.18 12.93 -26.28
CA MET C 204 -7.73 11.61 -25.94
C MET C 204 -7.03 10.49 -26.70
N ASN C 205 -6.42 9.58 -25.96
CA ASN C 205 -5.62 8.50 -26.55
C ASN C 205 -5.49 7.29 -25.64
N VAL C 206 -5.28 6.14 -26.27
CA VAL C 206 -4.86 4.93 -25.57
C VAL C 206 -3.49 4.55 -26.13
N ALA C 207 -2.57 4.19 -25.26
CA ALA C 207 -1.22 3.79 -25.65
C ALA C 207 -0.55 4.79 -26.59
N GLY C 208 -0.93 6.06 -26.43
CA GLY C 208 -0.37 7.14 -27.22
C GLY C 208 -0.84 7.23 -28.67
N VAL C 209 -1.87 6.47 -29.03
CA VAL C 209 -2.43 6.62 -30.37
C VAL C 209 -3.71 7.46 -30.29
N SER C 210 -3.72 8.56 -31.05
CA SER C 210 -4.79 9.55 -30.97
C SER C 210 -6.10 9.04 -31.55
N LEU C 211 -7.18 9.17 -30.76
CA LEU C 211 -8.52 8.82 -31.22
C LEU C 211 -9.01 9.80 -32.28
N LYS C 212 -8.58 11.07 -32.16
CA LYS C 212 -8.90 12.11 -33.13
C LYS C 212 -8.28 11.83 -34.50
N THR C 213 -7.08 11.25 -34.49
CA THR C 213 -6.38 10.91 -35.73
C THR C 213 -7.08 9.73 -36.44
N LEU C 214 -7.48 8.73 -35.65
CA LEU C 214 -8.23 7.59 -36.18
C LEU C 214 -9.64 7.98 -36.60
N HIS C 215 -10.23 8.93 -35.88
CA HIS C 215 -11.63 9.32 -36.09
C HIS C 215 -11.73 10.85 -36.09
N PRO C 216 -11.56 11.47 -37.27
CA PRO C 216 -11.46 12.94 -37.40
C PRO C 216 -12.71 13.68 -36.93
N ASP C 217 -13.86 13.01 -36.96
CA ASP C 217 -15.11 13.60 -36.48
C ASP C 217 -15.32 13.41 -34.97
N LEU C 218 -14.29 12.91 -34.28
CA LEU C 218 -14.34 12.68 -32.84
C LEU C 218 -14.76 13.91 -32.04
N GLY C 219 -15.79 13.75 -31.21
CA GLY C 219 -16.27 14.82 -30.34
C GLY C 219 -17.08 15.88 -31.06
N THR C 220 -17.19 15.75 -32.37
CA THR C 220 -17.92 16.71 -33.20
C THR C 220 -19.43 16.46 -33.10
N ASP C 221 -20.20 17.46 -33.53
CA ASP C 221 -21.65 17.41 -33.57
C ASP C 221 -22.18 16.34 -34.55
N LYS C 222 -21.48 16.16 -35.66
CA LYS C 222 -21.91 15.24 -36.72
C LYS C 222 -21.21 13.86 -36.69
N ASP C 223 -20.75 13.45 -35.51
CA ASP C 223 -20.06 12.17 -35.35
C ASP C 223 -21.04 11.01 -35.22
N LYS C 224 -20.94 10.06 -36.16
CA LYS C 224 -21.78 8.84 -36.17
C LYS C 224 -21.90 8.19 -34.79
N GLU C 225 -20.76 8.04 -34.13
CA GLU C 225 -20.69 7.32 -32.85
C GLU C 225 -20.96 8.23 -31.66
N GLN C 226 -20.94 9.55 -31.91
CA GLN C 226 -21.20 10.54 -30.87
C GLN C 226 -20.36 10.28 -29.61
N TRP C 227 -19.04 10.38 -29.74
CA TRP C 227 -18.16 10.26 -28.57
C TRP C 227 -18.28 11.49 -27.69
N LYS C 228 -18.96 12.51 -28.22
CA LYS C 228 -19.37 13.68 -27.45
C LYS C 228 -20.22 13.25 -26.24
N GLU C 229 -20.93 12.13 -26.39
CA GLU C 229 -21.72 11.52 -25.32
C GLU C 229 -20.92 11.36 -24.02
N VAL C 230 -19.66 10.95 -24.16
CA VAL C 230 -18.78 10.71 -23.01
C VAL C 230 -18.71 11.94 -22.10
N HIS C 231 -18.49 13.11 -22.69
CA HIS C 231 -18.44 14.35 -21.91
C HIS C 231 -19.84 14.76 -21.43
N LYS C 232 -20.84 14.61 -22.31
CA LYS C 232 -22.22 14.86 -21.94
C LYS C 232 -22.61 14.09 -20.67
N GLN C 233 -22.24 12.81 -20.63
CA GLN C 233 -22.59 11.93 -19.52
C GLN C 233 -21.81 12.22 -18.24
N VAL C 234 -20.66 12.88 -18.35
CA VAL C 234 -19.92 13.36 -17.18
C VAL C 234 -20.81 14.35 -16.42
N VAL C 235 -21.35 15.32 -17.14
CA VAL C 235 -22.23 16.35 -16.60
C VAL C 235 -23.50 15.72 -16.00
N GLU C 236 -24.17 14.90 -16.79
CA GLU C 236 -25.44 14.27 -16.40
C GLU C 236 -25.33 13.40 -15.16
N SER C 237 -24.23 12.64 -15.06
CA SER C 237 -24.02 11.73 -13.94
C SER C 237 -23.83 12.45 -12.61
N ALA C 238 -23.27 13.66 -12.66
CA ALA C 238 -23.12 14.49 -11.47
C ALA C 238 -24.49 14.83 -10.89
N TYR C 239 -25.40 15.28 -11.76
CA TYR C 239 -26.78 15.59 -11.35
C TYR C 239 -27.51 14.34 -10.91
N GLU C 240 -27.28 13.24 -11.63
CA GLU C 240 -27.90 11.96 -11.30
C GLU C 240 -27.54 11.49 -9.88
N VAL C 241 -26.26 11.56 -9.53
CA VAL C 241 -25.82 11.18 -8.18
C VAL C 241 -26.51 12.03 -7.12
N ILE C 242 -26.59 13.35 -7.36
CA ILE C 242 -27.30 14.25 -6.45
C ILE C 242 -28.77 13.84 -6.30
N LYS C 243 -29.43 13.57 -7.42
CA LYS C 243 -30.82 13.11 -7.41
C LYS C 243 -31.00 11.80 -6.62
N LEU C 244 -30.01 10.91 -6.72
CA LEU C 244 -30.12 9.56 -6.15
C LEU C 244 -29.76 9.48 -4.66
N LYS C 245 -28.66 10.08 -4.26
CA LYS C 245 -28.22 10.02 -2.86
C LYS C 245 -28.13 11.38 -2.15
N GLY C 246 -28.27 12.47 -2.90
CA GLY C 246 -28.31 13.82 -2.32
C GLY C 246 -26.99 14.54 -2.26
N TYR C 247 -25.89 13.80 -2.34
CA TYR C 247 -24.55 14.35 -2.24
C TYR C 247 -23.54 13.46 -2.97
N THR C 248 -22.34 13.98 -3.19
CA THR C 248 -21.24 13.19 -3.74
C THR C 248 -20.09 13.23 -2.74
N SER C 249 -19.45 12.09 -2.53
CA SER C 249 -18.37 12.00 -1.55
C SER C 249 -17.16 11.19 -2.00
N TRP C 250 -17.38 9.91 -2.28
CA TRP C 250 -16.26 8.99 -2.50
C TRP C 250 -15.32 9.40 -3.62
N ALA C 251 -15.87 9.69 -4.79
CA ALA C 251 -15.08 10.07 -5.95
C ALA C 251 -14.26 11.34 -5.71
N ILE C 252 -14.92 12.42 -5.25
CA ILE C 252 -14.21 13.66 -4.96
C ILE C 252 -13.13 13.44 -3.89
N GLY C 253 -13.48 12.65 -2.86
CA GLY C 253 -12.54 12.29 -1.80
C GLY C 253 -11.27 11.65 -2.34
N LEU C 254 -11.44 10.73 -3.27
CA LEU C 254 -10.32 10.01 -3.89
C LEU C 254 -9.47 10.90 -4.81
N SER C 255 -10.10 11.83 -5.51
CA SER C 255 -9.39 12.73 -6.41
C SER C 255 -8.55 13.74 -5.62
N VAL C 256 -9.11 14.23 -4.53
CA VAL C 256 -8.39 15.15 -3.64
C VAL C 256 -7.21 14.45 -2.98
N ALA C 257 -7.42 13.23 -2.47
CA ALA C 257 -6.33 12.43 -1.92
C ALA C 257 -5.19 12.29 -2.94
N ASP C 258 -5.56 12.03 -4.19
CA ASP C 258 -4.60 11.95 -5.30
C ASP C 258 -3.73 13.21 -5.42
N LEU C 259 -4.36 14.39 -5.40
CA LEU C 259 -3.62 15.65 -5.44
C LEU C 259 -2.70 15.79 -4.24
N ALA C 260 -3.27 15.56 -3.05
CA ALA C 260 -2.53 15.61 -1.80
C ALA C 260 -1.28 14.75 -1.87
N GLU C 261 -1.41 13.56 -2.46
CA GLU C 261 -0.28 12.64 -2.58
C GLU C 261 0.88 13.27 -3.36
N SER C 262 0.57 13.90 -4.49
CA SER C 262 1.60 14.55 -5.31
C SER C 262 2.29 15.69 -4.57
N ILE C 263 1.51 16.47 -3.83
CA ILE C 263 2.02 17.62 -3.07
C ILE C 263 2.85 17.19 -1.86
N MET C 264 2.27 16.31 -1.04
CA MET C 264 2.91 15.83 0.19
C MET C 264 4.18 15.02 -0.09
N LYS C 265 4.23 14.34 -1.22
CA LYS C 265 5.38 13.50 -1.55
C LYS C 265 6.26 14.10 -2.65
N ASN C 266 5.94 15.33 -3.07
CA ASN C 266 6.70 16.05 -4.10
C ASN C 266 6.92 15.21 -5.36
N LEU C 267 5.85 14.58 -5.84
CA LEU C 267 5.94 13.63 -6.95
C LEU C 267 6.17 14.30 -8.30
N ARG C 268 5.61 15.50 -8.48
CA ARG C 268 5.67 16.24 -9.75
C ARG C 268 4.91 15.54 -10.88
N ARG C 269 3.78 14.94 -10.53
CA ARG C 269 2.84 14.39 -11.52
C ARG C 269 1.99 15.52 -12.08
N VAL C 270 1.44 15.30 -13.27
CA VAL C 270 0.57 16.28 -13.91
C VAL C 270 -0.88 16.01 -13.51
N HIS C 271 -1.61 17.08 -13.21
CA HIS C 271 -3.00 16.98 -12.76
C HIS C 271 -3.83 18.13 -13.31
N PRO C 272 -5.06 17.85 -13.74
CA PRO C 272 -5.93 18.94 -14.16
C PRO C 272 -6.47 19.67 -12.94
N VAL C 273 -5.83 20.78 -12.58
CA VAL C 273 -6.27 21.60 -11.46
C VAL C 273 -6.44 23.07 -11.87
N SER C 274 -7.18 23.81 -11.06
CA SER C 274 -7.44 25.22 -11.33
C SER C 274 -6.29 26.10 -10.84
N THR C 275 -5.84 27.00 -11.72
CA THR C 275 -4.73 27.91 -11.41
C THR C 275 -4.94 29.29 -12.06
N MET C 276 -4.03 30.22 -11.75
CA MET C 276 -4.07 31.55 -12.36
C MET C 276 -3.83 31.44 -13.87
N ILE C 277 -4.88 31.75 -14.63
CA ILE C 277 -4.87 31.52 -16.07
C ILE C 277 -4.55 32.78 -16.89
N LYS C 278 -4.43 33.91 -16.19
CA LYS C 278 -4.14 35.20 -16.84
C LYS C 278 -2.83 35.14 -17.63
N GLY C 279 -2.92 35.53 -18.91
CA GLY C 279 -1.74 35.59 -19.77
C GLY C 279 -1.75 34.63 -20.94
N LEU C 280 -2.73 33.72 -20.97
CA LEU C 280 -2.82 32.75 -22.07
C LEU C 280 -4.26 32.49 -22.53
N TYR C 281 -4.38 31.96 -23.75
CA TYR C 281 -5.66 31.77 -24.44
C TYR C 281 -6.48 33.07 -24.50
N GLY C 282 -5.76 34.21 -24.57
CA GLY C 282 -6.36 35.53 -24.72
C GLY C 282 -7.06 36.07 -23.48
N ILE C 283 -6.60 35.64 -22.30
CA ILE C 283 -7.24 36.05 -21.04
C ILE C 283 -6.40 37.09 -20.31
N LYS C 284 -7.06 38.20 -19.95
CA LYS C 284 -6.39 39.36 -19.32
C LYS C 284 -6.81 39.58 -17.87
N ASP C 285 -7.84 38.85 -17.42
CA ASP C 285 -8.40 39.03 -16.08
C ASP C 285 -7.83 38.05 -15.04
N ASP C 286 -7.88 38.45 -13.77
CA ASP C 286 -7.46 37.61 -12.67
C ASP C 286 -8.46 36.49 -12.41
N VAL C 287 -8.29 35.37 -13.12
CA VAL C 287 -9.22 34.26 -13.08
C VAL C 287 -8.52 32.90 -13.04
N PHE C 288 -9.12 31.95 -12.33
CA PHE C 288 -8.57 30.62 -12.16
C PHE C 288 -9.31 29.60 -13.02
N LEU C 289 -8.55 28.82 -13.80
CA LEU C 289 -9.12 27.78 -14.65
C LEU C 289 -8.24 26.54 -14.66
N SER C 290 -8.81 25.41 -15.10
CA SER C 290 -8.08 24.16 -15.10
C SER C 290 -7.24 23.95 -16.34
N VAL C 291 -5.96 23.68 -16.11
CA VAL C 291 -5.02 23.23 -17.12
C VAL C 291 -4.10 22.21 -16.45
N PRO C 292 -3.56 21.25 -17.22
CA PRO C 292 -2.68 20.27 -16.58
C PRO C 292 -1.51 20.98 -15.89
N CYS C 293 -1.39 20.80 -14.57
CA CYS C 293 -0.33 21.41 -13.79
C CYS C 293 0.57 20.36 -13.14
N ILE C 294 1.84 20.71 -12.95
CA ILE C 294 2.78 19.85 -12.23
C ILE C 294 2.70 20.14 -10.73
N LEU C 295 2.47 19.08 -9.95
CA LEU C 295 2.27 19.22 -8.50
C LEU C 295 3.41 18.62 -7.68
N GLY C 296 3.92 19.42 -6.74
CA GLY C 296 4.97 18.99 -5.82
C GLY C 296 4.89 19.79 -4.52
N GLN C 297 5.96 19.72 -3.72
CA GLN C 297 5.96 20.37 -2.40
C GLN C 297 5.76 21.89 -2.47
N ASN C 298 5.84 22.45 -3.68
CA ASN C 298 5.62 23.87 -3.93
C ASN C 298 4.19 24.19 -4.34
N GLY C 299 3.34 23.16 -4.39
CA GLY C 299 2.05 23.28 -5.05
C GLY C 299 2.31 23.24 -6.55
N ILE C 300 1.80 24.23 -7.27
CA ILE C 300 1.97 24.30 -8.72
C ILE C 300 3.28 24.98 -9.12
N SER C 301 4.27 24.19 -9.52
CA SER C 301 5.54 24.73 -9.97
C SER C 301 5.52 25.10 -11.46
N ASP C 302 4.81 24.28 -12.23
CA ASP C 302 4.76 24.45 -13.69
C ASP C 302 3.36 24.19 -14.22
N LEU C 303 3.10 24.64 -15.45
CA LEU C 303 1.88 24.27 -16.15
C LEU C 303 2.17 23.86 -17.59
N VAL C 304 1.37 22.93 -18.10
CA VAL C 304 1.52 22.44 -19.48
C VAL C 304 0.72 23.31 -20.44
N LYS C 305 1.36 23.71 -21.54
CA LYS C 305 0.71 24.55 -22.54
C LYS C 305 0.02 23.70 -23.60
N VAL C 306 -1.21 23.28 -23.28
CA VAL C 306 -2.01 22.48 -24.21
C VAL C 306 -2.38 23.31 -25.43
N THR C 307 -2.21 22.72 -26.60
CA THR C 307 -2.58 23.36 -27.85
C THR C 307 -4.09 23.22 -28.05
N LEU C 308 -4.80 24.34 -27.99
CA LEU C 308 -6.26 24.35 -28.12
C LEU C 308 -6.69 24.91 -29.47
N THR C 309 -7.80 24.39 -30.00
CA THR C 309 -8.40 24.91 -31.22
C THR C 309 -9.08 26.26 -30.93
N SER C 310 -9.45 26.96 -32.01
CA SER C 310 -10.11 28.26 -31.90
C SER C 310 -11.40 28.17 -31.07
N GLU C 311 -12.24 27.18 -31.40
CA GLU C 311 -13.51 26.97 -30.69
C GLU C 311 -13.31 26.61 -29.21
N GLU C 312 -12.24 25.87 -28.92
CA GLU C 312 -11.88 25.52 -27.54
C GLU C 312 -11.38 26.74 -26.78
N GLU C 313 -10.44 27.48 -27.39
CA GLU C 313 -9.97 28.76 -26.85
C GLU C 313 -11.14 29.70 -26.57
N ALA C 314 -12.07 29.78 -27.52
CA ALA C 314 -13.27 30.60 -27.39
C ALA C 314 -14.08 30.27 -26.13
N ARG C 315 -14.20 28.97 -25.85
CA ARG C 315 -14.97 28.50 -24.69
C ARG C 315 -14.35 28.93 -23.34
N LEU C 316 -13.02 28.86 -23.26
CA LEU C 316 -12.28 29.32 -22.09
C LEU C 316 -12.41 30.83 -21.87
N LYS C 317 -12.41 31.58 -22.97
CA LYS C 317 -12.61 33.03 -22.96
C LYS C 317 -13.94 33.37 -22.30
N LYS C 318 -15.02 32.78 -22.84
CA LYS C 318 -16.38 32.96 -22.35
C LYS C 318 -16.51 32.63 -20.86
N SER C 319 -15.87 31.55 -20.44
CA SER C 319 -15.85 31.15 -19.04
C SER C 319 -15.13 32.18 -18.16
N ALA C 320 -13.98 32.65 -18.63
CA ALA C 320 -13.21 33.66 -17.92
C ALA C 320 -13.96 34.99 -17.82
N ASP C 321 -14.62 35.38 -18.90
CA ASP C 321 -15.47 36.57 -18.92
C ASP C 321 -16.60 36.44 -17.90
N THR C 322 -17.29 35.30 -17.94
CA THR C 322 -18.40 35.02 -17.02
C THR C 322 -17.92 35.03 -15.56
N LEU C 323 -16.75 34.44 -15.33
CA LEU C 323 -16.18 34.36 -13.99
C LEU C 323 -15.73 35.72 -13.46
N TRP C 324 -15.07 36.51 -14.30
CA TRP C 324 -14.65 37.86 -13.90
C TRP C 324 -15.84 38.80 -13.71
N GLY C 325 -16.90 38.56 -14.47
CA GLY C 325 -18.15 39.33 -14.35
C GLY C 325 -18.83 39.16 -13.00
N ILE C 326 -18.69 37.96 -12.43
CA ILE C 326 -19.21 37.68 -11.09
C ILE C 326 -18.27 38.25 -10.03
N GLN C 327 -16.97 37.98 -10.19
CA GLN C 327 -15.94 38.35 -9.23
C GLN C 327 -15.83 39.85 -8.94
N LYS C 328 -16.11 40.67 -9.96
CA LYS C 328 -16.05 42.13 -9.83
C LYS C 328 -17.23 42.70 -9.02
N GLU C 329 -18.22 41.85 -8.74
CA GLU C 329 -19.41 42.24 -7.99
C GLU C 329 -19.45 41.63 -6.59
N LEU C 330 -18.27 41.28 -6.08
CA LEU C 330 -18.15 40.62 -4.77
C LEU C 330 -17.64 41.56 -3.69
N GLN C 331 -18.18 41.41 -2.48
CA GLN C 331 -17.83 42.27 -1.35
C GLN C 331 -16.85 41.58 -0.39
N PHE C 332 -15.71 42.25 -0.17
CA PHE C 332 -14.69 41.73 0.75
C PHE C 332 -14.63 42.58 2.03
N ALA D 2 -14.65 -0.75 -38.85
CA ALA D 2 -15.23 0.57 -39.30
C ALA D 2 -15.62 1.45 -38.11
N THR D 3 -15.75 0.84 -36.93
CA THR D 3 -15.99 1.58 -35.69
C THR D 3 -14.67 1.93 -34.99
N LEU D 4 -14.68 2.99 -34.20
CA LEU D 4 -13.47 3.49 -33.55
C LEU D 4 -12.80 2.44 -32.64
N LYS D 5 -13.61 1.72 -31.87
CA LYS D 5 -13.10 0.68 -30.97
C LYS D 5 -12.39 -0.44 -31.75
N ASP D 6 -13.01 -0.89 -32.84
CA ASP D 6 -12.44 -1.94 -33.68
C ASP D 6 -11.19 -1.45 -34.41
N GLN D 7 -11.18 -0.17 -34.77
CA GLN D 7 -10.00 0.47 -35.37
C GLN D 7 -8.85 0.52 -34.36
N LEU D 8 -9.18 0.86 -33.12
CA LEU D 8 -8.17 1.02 -32.07
C LEU D 8 -7.67 -0.31 -31.53
N ILE D 9 -8.60 -1.22 -31.26
CA ILE D 9 -8.30 -2.42 -30.49
C ILE D 9 -8.63 -3.70 -31.26
N TYR D 10 -7.66 -4.60 -31.35
CA TYR D 10 -7.87 -5.93 -31.92
C TYR D 10 -8.11 -6.95 -30.81
N ASN D 11 -9.30 -7.54 -30.82
CA ASN D 11 -9.68 -8.56 -29.86
C ASN D 11 -9.10 -9.93 -30.19
N LEU D 12 -8.58 -10.62 -29.17
CA LEU D 12 -8.06 -11.98 -29.34
C LEU D 12 -9.10 -13.03 -28.94
N LEU D 13 -9.88 -12.71 -27.89
CA LEU D 13 -10.99 -13.57 -27.46
C LEU D 13 -12.06 -12.79 -26.67
N LYS D 14 -13.33 -13.28 -26.73
CA LYS D 14 -14.46 -12.61 -25.99
C LYS D 14 -14.74 -13.77 -24.45
N GLU D 15 -13.82 -14.12 -23.77
CA GLU D 15 -14.15 -15.26 -22.94
C GLU D 15 -14.71 -14.75 -21.61
N GLU D 16 -15.93 -15.17 -21.28
CA GLU D 16 -16.49 -14.89 -19.97
C GLU D 16 -15.72 -15.67 -18.91
N GLN D 17 -15.36 -14.98 -17.83
CA GLN D 17 -14.75 -15.65 -16.68
C GLN D 17 -15.39 -15.12 -15.40
N THR D 18 -15.24 -15.88 -14.32
CA THR D 18 -15.74 -15.46 -13.02
C THR D 18 -14.63 -14.69 -12.30
N PRO D 19 -15.00 -13.64 -11.54
CA PRO D 19 -14.00 -12.94 -10.74
C PRO D 19 -13.37 -13.89 -9.74
N GLN D 20 -12.11 -13.66 -9.39
CA GLN D 20 -11.35 -14.60 -8.56
C GLN D 20 -11.35 -14.21 -7.07
N ASN D 21 -11.74 -12.96 -6.79
CA ASN D 21 -11.72 -12.42 -5.42
C ASN D 21 -12.86 -11.44 -5.18
N LYS D 22 -14.10 -11.89 -5.39
CA LYS D 22 -15.28 -11.03 -5.28
C LYS D 22 -15.71 -10.83 -3.83
N ILE D 23 -16.11 -9.60 -3.51
CA ILE D 23 -16.70 -9.30 -2.20
C ILE D 23 -18.03 -8.57 -2.39
N THR D 24 -19.02 -8.94 -1.58
CA THR D 24 -20.34 -8.32 -1.62
C THR D 24 -20.62 -7.61 -0.29
N VAL D 25 -21.23 -6.43 -0.38
CA VAL D 25 -21.72 -5.72 0.81
C VAL D 25 -23.24 -5.57 0.73
N VAL D 26 -23.92 -6.17 1.70
CA VAL D 26 -25.38 -6.09 1.80
C VAL D 26 -25.73 -5.03 2.84
N GLY D 27 -26.55 -4.06 2.45
CA GLY D 27 -26.85 -2.92 3.31
C GLY D 27 -25.92 -1.79 2.94
N VAL D 28 -26.50 -0.74 2.35
CA VAL D 28 -25.71 0.33 1.77
C VAL D 28 -25.77 1.61 2.63
N GLY D 29 -26.02 1.42 3.92
CA GLY D 29 -26.03 2.53 4.89
C GLY D 29 -24.62 3.03 5.16
N ALA D 30 -24.46 3.76 6.26
CA ALA D 30 -23.15 4.33 6.62
C ALA D 30 -22.12 3.24 6.92
N VAL D 31 -22.55 2.15 7.55
CA VAL D 31 -21.65 1.02 7.86
C VAL D 31 -21.26 0.28 6.58
N GLY D 32 -22.26 -0.09 5.78
CA GLY D 32 -22.01 -0.75 4.51
C GLY D 32 -21.03 0.03 3.66
N MET D 33 -21.32 1.31 3.47
CA MET D 33 -20.49 2.16 2.62
C MET D 33 -19.07 2.38 3.12
N ALA D 34 -18.89 2.44 4.44
CA ALA D 34 -17.58 2.60 5.06
C ALA D 34 -16.72 1.33 4.92
N CYS D 35 -17.37 0.17 5.05
CA CYS D 35 -16.73 -1.12 4.78
C CYS D 35 -16.27 -1.18 3.32
N ALA D 36 -17.16 -0.77 2.42
CA ALA D 36 -16.89 -0.81 0.98
C ALA D 36 -15.66 0.04 0.61
N ILE D 37 -15.64 1.30 1.05
CA ILE D 37 -14.54 2.21 0.70
C ILE D 37 -13.20 1.76 1.29
N SER D 38 -13.22 1.30 2.54
CA SER D 38 -12.04 0.74 3.18
C SER D 38 -11.52 -0.47 2.40
N ILE D 39 -12.42 -1.38 2.04
CA ILE D 39 -12.08 -2.55 1.23
C ILE D 39 -11.49 -2.16 -0.12
N LEU D 40 -12.10 -1.18 -0.77
CA LEU D 40 -11.63 -0.70 -2.07
C LEU D 40 -10.23 -0.11 -1.99
N MET D 41 -9.96 0.67 -0.93
CA MET D 41 -8.66 1.32 -0.77
C MET D 41 -7.58 0.37 -0.26
N LYS D 42 -7.98 -0.81 0.18
CA LYS D 42 -7.02 -1.83 0.62
C LYS D 42 -6.77 -2.90 -0.45
N ASP D 43 -7.35 -2.69 -1.63
CA ASP D 43 -7.13 -3.56 -2.81
C ASP D 43 -7.38 -5.03 -2.50
N LEU D 44 -8.53 -5.33 -1.89
CA LEU D 44 -8.83 -6.68 -1.46
C LEU D 44 -9.63 -7.48 -2.48
N ALA D 45 -10.32 -6.77 -3.37
CA ALA D 45 -11.25 -7.40 -4.30
C ALA D 45 -11.01 -7.01 -5.76
N ASP D 46 -11.28 -7.94 -6.68
CA ASP D 46 -11.32 -7.63 -8.10
C ASP D 46 -12.73 -7.22 -8.55
N GLU D 47 -13.71 -7.50 -7.70
CA GLU D 47 -15.09 -7.07 -7.94
C GLU D 47 -15.82 -6.78 -6.63
N LEU D 48 -16.56 -5.68 -6.63
CA LEU D 48 -17.40 -5.34 -5.48
C LEU D 48 -18.85 -5.24 -5.90
N ALA D 49 -19.71 -5.94 -5.17
CA ALA D 49 -21.15 -5.90 -5.40
C ALA D 49 -21.86 -5.27 -4.21
N LEU D 50 -22.86 -4.46 -4.48
CA LEU D 50 -23.63 -3.79 -3.43
C LEU D 50 -25.12 -4.12 -3.54
N VAL D 51 -25.72 -4.53 -2.42
CA VAL D 51 -27.14 -4.85 -2.36
C VAL D 51 -27.85 -4.03 -1.28
N ASP D 52 -29.04 -3.53 -1.62
CA ASP D 52 -29.94 -2.88 -0.68
C ASP D 52 -31.38 -3.01 -1.20
N VAL D 53 -32.34 -2.66 -0.36
CA VAL D 53 -33.75 -2.60 -0.77
C VAL D 53 -34.11 -1.22 -1.34
N ILE D 54 -33.47 -0.18 -0.82
CA ILE D 54 -33.66 1.19 -1.30
C ILE D 54 -32.88 1.38 -2.60
N GLU D 55 -33.62 1.48 -3.71
CA GLU D 55 -33.00 1.38 -5.04
C GLU D 55 -32.21 2.61 -5.52
N ASP D 56 -32.75 3.81 -5.30
CA ASP D 56 -32.09 5.04 -5.74
CA ASP D 56 -32.09 5.04 -5.74
C ASP D 56 -30.78 5.30 -4.98
N LYS D 57 -30.84 5.17 -3.66
CA LYS D 57 -29.66 5.31 -2.82
C LYS D 57 -28.58 4.33 -3.29
N LEU D 58 -28.99 3.08 -3.53
CA LEU D 58 -28.10 2.02 -4.00
C LEU D 58 -27.35 2.37 -5.29
N LYS D 59 -28.09 2.87 -6.29
CA LYS D 59 -27.48 3.25 -7.56
C LYS D 59 -26.57 4.46 -7.39
N GLY D 60 -26.99 5.40 -6.55
CA GLY D 60 -26.17 6.57 -6.21
C GLY D 60 -24.80 6.20 -5.69
N GLU D 61 -24.77 5.27 -4.73
CA GLU D 61 -23.52 4.83 -4.12
C GLU D 61 -22.62 4.08 -5.11
N MET D 62 -23.21 3.19 -5.90
CA MET D 62 -22.47 2.45 -6.94
C MET D 62 -21.72 3.39 -7.88
N MET D 63 -22.42 4.41 -8.38
CA MET D 63 -21.88 5.35 -9.35
C MET D 63 -20.78 6.22 -8.74
N ASP D 64 -21.02 6.70 -7.52
CA ASP D 64 -20.04 7.51 -6.80
C ASP D 64 -18.74 6.73 -6.68
N LEU D 65 -18.84 5.45 -6.29
CA LEU D 65 -17.67 4.57 -6.23
C LEU D 65 -17.02 4.40 -7.60
N GLN D 66 -17.84 4.07 -8.61
CA GLN D 66 -17.36 3.89 -9.98
C GLN D 66 -16.52 5.07 -10.48
N HIS D 67 -16.95 6.28 -10.14
CA HIS D 67 -16.29 7.50 -10.60
C HIS D 67 -14.88 7.70 -10.04
N GLY D 68 -14.55 7.00 -8.97
CA GLY D 68 -13.20 7.01 -8.40
C GLY D 68 -12.32 5.89 -8.89
N SER D 69 -12.76 5.19 -9.94
CA SER D 69 -12.05 4.00 -10.46
C SER D 69 -10.61 4.29 -10.88
N LEU D 70 -10.37 5.52 -11.31
CA LEU D 70 -9.04 5.97 -11.71
C LEU D 70 -8.05 5.87 -10.56
N PHE D 71 -8.55 5.99 -9.33
CA PHE D 71 -7.68 6.00 -8.15
C PHE D 71 -7.74 4.69 -7.35
N LEU D 72 -8.33 3.66 -7.96
CA LEU D 72 -8.49 2.35 -7.32
C LEU D 72 -7.95 1.21 -8.19
N ARG D 73 -7.87 0.02 -7.62
CA ARG D 73 -7.46 -1.18 -8.34
C ARG D 73 -8.54 -2.26 -8.33
N THR D 74 -9.80 -1.82 -8.28
CA THR D 74 -10.95 -2.71 -8.40
C THR D 74 -11.69 -2.38 -9.71
N PRO D 75 -11.44 -3.17 -10.76
CA PRO D 75 -11.91 -2.90 -12.12
C PRO D 75 -13.43 -2.97 -12.32
N LYS D 76 -14.14 -3.58 -11.38
CA LYS D 76 -15.57 -3.79 -11.56
C LYS D 76 -16.38 -3.63 -10.26
N ILE D 77 -17.29 -2.66 -10.28
CA ILE D 77 -18.22 -2.42 -9.18
C ILE D 77 -19.64 -2.50 -9.72
N VAL D 78 -20.42 -3.42 -9.16
CA VAL D 78 -21.81 -3.64 -9.57
C VAL D 78 -22.76 -3.48 -8.39
N SER D 79 -24.05 -3.32 -8.68
CA SER D 79 -25.07 -3.19 -7.64
C SER D 79 -26.45 -3.50 -8.19
N GLY D 80 -27.35 -3.92 -7.30
CA GLY D 80 -28.73 -4.19 -7.69
C GLY D 80 -29.61 -4.74 -6.57
N LYS D 81 -30.92 -4.71 -6.82
CA LYS D 81 -31.90 -5.30 -5.91
C LYS D 81 -31.82 -6.83 -5.97
N ASP D 82 -31.49 -7.33 -7.16
CA ASP D 82 -31.38 -8.77 -7.42
C ASP D 82 -30.00 -9.30 -7.05
N TYR D 83 -29.98 -10.50 -6.48
CA TYR D 83 -28.74 -11.12 -5.97
C TYR D 83 -27.86 -11.78 -7.03
N ASN D 84 -28.34 -11.80 -8.28
CA ASN D 84 -27.53 -12.29 -9.40
C ASN D 84 -26.21 -11.51 -9.55
N VAL D 85 -26.25 -10.22 -9.18
CA VAL D 85 -25.06 -9.38 -9.20
C VAL D 85 -24.01 -9.81 -8.17
N THR D 86 -24.41 -10.65 -7.21
CA THR D 86 -23.55 -11.04 -6.09
C THR D 86 -22.93 -12.43 -6.28
N ALA D 87 -23.21 -13.05 -7.43
CA ALA D 87 -22.79 -14.42 -7.71
C ALA D 87 -21.28 -14.63 -7.63
N ASN D 88 -20.88 -15.81 -7.17
CA ASN D 88 -19.46 -16.20 -7.04
C ASN D 88 -18.63 -15.36 -6.07
N SER D 89 -19.26 -14.89 -4.98
CA SER D 89 -18.53 -14.14 -3.97
C SER D 89 -17.68 -15.05 -3.08
N LYS D 90 -16.46 -14.60 -2.79
CA LYS D 90 -15.60 -15.28 -1.83
C LYS D 90 -15.99 -14.90 -0.40
N LEU D 91 -16.53 -13.69 -0.27
CA LEU D 91 -16.88 -13.11 1.05
C LEU D 91 -18.09 -12.19 0.93
N VAL D 92 -19.05 -12.38 1.82
CA VAL D 92 -20.27 -11.55 1.84
C VAL D 92 -20.42 -10.85 3.19
N ILE D 93 -20.46 -9.53 3.16
CA ILE D 93 -20.57 -8.73 4.37
C ILE D 93 -21.99 -8.15 4.51
N ILE D 94 -22.66 -8.54 5.60
CA ILE D 94 -24.04 -8.10 5.82
C ILE D 94 -24.13 -7.03 6.91
N THR D 95 -24.55 -5.85 6.48
CA THR D 95 -24.64 -4.67 7.33
C THR D 95 -26.05 -4.08 7.24
N ALA D 96 -26.99 -4.91 6.79
CA ALA D 96 -28.39 -4.51 6.65
C ALA D 96 -29.09 -4.52 8.00
N GLY D 97 -30.06 -3.63 8.16
CA GLY D 97 -30.81 -3.52 9.40
C GLY D 97 -32.01 -2.62 9.25
N ALA D 98 -33.06 -2.91 10.00
CA ALA D 98 -34.28 -2.12 9.97
C ALA D 98 -34.08 -0.80 10.71
N ARG D 99 -34.80 0.23 10.24
CA ARG D 99 -34.89 1.52 10.95
C ARG D 99 -35.16 1.32 12.44
N GLN D 100 -34.34 1.96 13.28
CA GLN D 100 -34.45 1.84 14.73
C GLN D 100 -35.65 2.63 15.26
N GLN D 101 -36.84 2.19 14.86
CA GLN D 101 -38.09 2.93 15.13
C GLN D 101 -39.24 1.98 15.44
N GLU D 102 -39.52 1.81 16.73
CA GLU D 102 -40.62 0.96 17.19
C GLU D 102 -41.98 1.66 16.98
N GLY D 103 -42.98 0.87 16.58
CA GLY D 103 -44.31 1.41 16.22
C GLY D 103 -44.57 1.24 14.69
N GLU D 104 -43.47 1.07 13.94
CA GLU D 104 -43.54 0.75 12.51
C GLU D 104 -44.01 -0.71 12.31
N SER D 105 -43.75 -1.54 13.32
CA SER D 105 -44.22 -2.94 13.36
C SER D 105 -44.33 -3.42 14.81
N ARG D 106 -45.13 -4.47 15.02
CA ARG D 106 -45.29 -5.07 16.35
C ARG D 106 -44.07 -5.86 16.79
N LEU D 107 -43.38 -6.46 15.81
CA LEU D 107 -42.12 -7.18 16.05
C LEU D 107 -41.04 -6.22 16.53
N ASN D 108 -40.24 -6.67 17.51
CA ASN D 108 -39.15 -5.84 18.04
C ASN D 108 -37.94 -5.78 17.12
N LEU D 109 -36.94 -4.99 17.50
CA LEU D 109 -35.73 -4.78 16.68
C LEU D 109 -35.05 -6.09 16.29
N VAL D 110 -34.84 -6.96 17.27
CA VAL D 110 -34.27 -8.28 17.03
C VAL D 110 -35.10 -9.03 15.99
N GLN D 111 -36.40 -9.14 16.27
CA GLN D 111 -37.35 -9.84 15.40
C GLN D 111 -37.40 -9.26 13.98
N ARG D 112 -37.38 -7.93 13.88
CA ARG D 112 -37.34 -7.24 12.58
C ARG D 112 -36.08 -7.55 11.77
N ASN D 113 -34.93 -7.55 12.43
CA ASN D 113 -33.68 -7.88 11.75
C ASN D 113 -33.56 -9.37 11.41
N VAL D 114 -34.21 -10.21 12.20
CA VAL D 114 -34.28 -11.65 11.92
C VAL D 114 -35.06 -11.90 10.62
N ASN D 115 -36.19 -11.22 10.48
CA ASN D 115 -37.00 -11.29 9.26
C ASN D 115 -36.27 -10.78 8.03
N ILE D 116 -35.48 -9.72 8.21
CA ILE D 116 -34.63 -9.21 7.15
C ILE D 116 -33.63 -10.29 6.73
N PHE D 117 -33.02 -10.95 7.72
CA PHE D 117 -32.09 -12.06 7.45
C PHE D 117 -32.79 -13.25 6.77
N LYS D 118 -34.07 -13.45 7.09
CA LYS D 118 -34.86 -14.57 6.56
C LYS D 118 -34.84 -14.66 5.03
N PHE D 119 -34.88 -13.52 4.35
CA PHE D 119 -34.85 -13.54 2.88
C PHE D 119 -33.53 -13.07 2.28
N ILE D 120 -32.65 -12.50 3.10
CA ILE D 120 -31.30 -12.17 2.67
C ILE D 120 -30.46 -13.43 2.53
N ILE D 121 -30.27 -14.14 3.66
CA ILE D 121 -29.33 -15.27 3.70
C ILE D 121 -29.57 -16.33 2.62
N PRO D 122 -30.82 -16.84 2.48
CA PRO D 122 -31.05 -17.79 1.39
C PRO D 122 -30.63 -17.26 0.01
N ASN D 123 -30.90 -15.98 -0.25
CA ASN D 123 -30.53 -15.37 -1.53
C ASN D 123 -29.02 -15.30 -1.81
N VAL D 124 -28.22 -15.05 -0.77
CA VAL D 124 -26.76 -14.98 -0.97
C VAL D 124 -26.13 -16.37 -1.04
N VAL D 125 -26.65 -17.33 -0.26
CA VAL D 125 -26.12 -18.70 -0.30
C VAL D 125 -26.44 -19.37 -1.64
N LYS D 126 -27.53 -18.93 -2.28
CA LYS D 126 -27.92 -19.42 -3.59
C LYS D 126 -26.88 -19.07 -4.65
N TYR D 127 -26.46 -17.81 -4.67
CA TYR D 127 -25.51 -17.33 -5.67
C TYR D 127 -24.05 -17.53 -5.28
N SER D 128 -23.79 -17.61 -3.98
CA SER D 128 -22.44 -17.86 -3.47
C SER D 128 -22.45 -18.95 -2.39
N PRO D 129 -22.64 -20.22 -2.81
CA PRO D 129 -22.74 -21.34 -1.86
C PRO D 129 -21.45 -21.62 -1.08
N ASN D 130 -20.32 -21.09 -1.55
CA ASN D 130 -19.03 -21.39 -0.92
C ASN D 130 -18.34 -20.19 -0.27
N CYS D 131 -19.08 -19.09 -0.08
CA CYS D 131 -18.52 -17.88 0.51
C CYS D 131 -18.43 -17.97 2.03
N LYS D 132 -17.64 -17.07 2.62
CA LYS D 132 -17.68 -16.84 4.07
C LYS D 132 -18.66 -15.72 4.34
N LEU D 133 -19.47 -15.87 5.38
CA LEU D 133 -20.41 -14.83 5.80
C LEU D 133 -19.83 -14.02 6.94
N LEU D 134 -19.79 -12.70 6.78
CA LEU D 134 -19.34 -11.80 7.83
C LEU D 134 -20.52 -10.93 8.25
N ILE D 135 -20.99 -11.14 9.48
CA ILE D 135 -22.17 -10.45 10.01
C ILE D 135 -21.77 -9.27 10.87
N VAL D 136 -22.31 -8.10 10.55
CA VAL D 136 -22.03 -6.87 11.28
C VAL D 136 -23.31 -6.37 11.98
N SER D 137 -24.44 -6.51 11.29
CA SER D 137 -25.75 -6.08 11.77
C SER D 137 -26.02 -6.49 13.22
N ASN D 138 -26.70 -5.62 13.97
CA ASN D 138 -26.99 -5.85 15.39
C ASN D 138 -28.40 -6.41 15.68
N PRO D 139 -28.54 -7.24 16.73
CA PRO D 139 -27.50 -7.73 17.65
C PRO D 139 -26.61 -8.76 16.98
N VAL D 140 -25.33 -8.41 16.83
CA VAL D 140 -24.39 -9.19 16.02
C VAL D 140 -24.33 -10.67 16.44
N ASP D 141 -24.25 -10.91 17.76
CA ASP D 141 -24.13 -12.27 18.28
C ASP D 141 -25.35 -13.14 17.93
N ILE D 142 -26.55 -12.59 18.15
CA ILE D 142 -27.79 -13.30 17.81
C ILE D 142 -27.91 -13.50 16.31
N LEU D 143 -27.61 -12.47 15.54
CA LEU D 143 -27.73 -12.52 14.08
C LEU D 143 -26.70 -13.45 13.43
N THR D 144 -25.49 -13.51 14.01
CA THR D 144 -24.51 -14.49 13.54
C THR D 144 -25.08 -15.91 13.66
N TYR D 145 -25.66 -16.22 14.83
CA TYR D 145 -26.37 -17.49 15.04
C TYR D 145 -27.49 -17.68 14.02
N VAL D 146 -28.28 -16.63 13.80
CA VAL D 146 -29.37 -16.63 12.84
C VAL D 146 -28.88 -16.94 11.43
N ALA D 147 -27.82 -16.24 11.00
CA ALA D 147 -27.22 -16.47 9.70
C ALA D 147 -26.69 -17.89 9.56
N TRP D 148 -26.17 -18.43 10.67
CA TRP D 148 -25.66 -19.80 10.70
C TRP D 148 -26.80 -20.81 10.61
N LYS D 149 -27.89 -20.53 11.33
CA LYS D 149 -29.06 -21.40 11.34
C LYS D 149 -29.73 -21.48 9.97
N ILE D 150 -29.88 -20.32 9.33
CA ILE D 150 -30.55 -20.24 8.02
C ILE D 150 -29.68 -20.79 6.88
N SER D 151 -28.42 -20.34 6.80
CA SER D 151 -27.53 -20.69 5.70
C SER D 151 -27.27 -22.18 5.56
N GLY D 152 -27.13 -22.87 6.70
CA GLY D 152 -26.76 -24.28 6.70
C GLY D 152 -25.26 -24.46 6.60
N PHE D 153 -24.54 -23.34 6.48
CA PHE D 153 -23.07 -23.31 6.40
C PHE D 153 -22.41 -23.99 7.60
N PRO D 154 -21.18 -24.50 7.43
CA PRO D 154 -20.44 -24.98 8.59
C PRO D 154 -19.95 -23.81 9.45
N LYS D 155 -19.60 -24.10 10.71
CA LYS D 155 -19.24 -23.06 11.68
C LYS D 155 -18.14 -22.13 11.19
N ASN D 156 -17.08 -22.71 10.61
CA ASN D 156 -15.92 -21.96 10.12
C ASN D 156 -16.23 -20.89 9.07
N ARG D 157 -17.40 -20.98 8.42
CA ARG D 157 -17.75 -20.05 7.36
C ARG D 157 -18.77 -18.97 7.76
N VAL D 158 -19.16 -18.94 9.03
CA VAL D 158 -20.03 -17.88 9.53
C VAL D 158 -19.35 -17.10 10.66
N ILE D 159 -18.93 -15.88 10.33
CA ILE D 159 -18.18 -15.03 11.27
C ILE D 159 -19.01 -13.80 11.62
N GLY D 160 -19.01 -13.46 12.91
CA GLY D 160 -19.62 -12.21 13.36
C GLY D 160 -18.54 -11.21 13.70
N SER D 161 -18.84 -9.92 13.46
CA SER D 161 -17.91 -8.84 13.76
C SER D 161 -17.56 -8.82 15.25
N GLY D 162 -18.52 -9.25 16.07
CA GLY D 162 -18.31 -9.43 17.50
C GLY D 162 -17.60 -8.27 18.18
N CYS D 163 -16.57 -8.60 18.95
CA CYS D 163 -15.86 -7.59 19.73
C CYS D 163 -14.64 -6.98 19.03
N ASN D 164 -14.60 -7.08 17.71
CA ASN D 164 -13.52 -6.49 16.92
C ASN D 164 -13.43 -4.98 17.12
N LEU D 165 -14.58 -4.30 17.03
CA LEU D 165 -14.64 -2.87 17.27
C LEU D 165 -14.36 -2.53 18.73
N ASP D 166 -14.97 -3.32 19.63
CA ASP D 166 -14.78 -3.16 21.07
C ASP D 166 -13.30 -3.10 21.44
N SER D 167 -12.54 -4.10 20.96
CA SER D 167 -11.09 -4.17 21.20
C SER D 167 -10.34 -3.03 20.54
N ALA D 168 -10.67 -2.74 19.29
CA ALA D 168 -10.04 -1.65 18.53
C ALA D 168 -10.13 -0.33 19.29
N ARG D 169 -11.30 -0.06 19.86
CA ARG D 169 -11.54 1.13 20.68
C ARG D 169 -10.80 1.06 22.02
N PHE D 170 -10.73 -0.14 22.58
CA PHE D 170 -10.03 -0.36 23.84
C PHE D 170 -8.53 -0.14 23.66
N ARG D 171 -7.99 -0.61 22.53
CA ARG D 171 -6.56 -0.47 22.27
C ARG D 171 -6.18 0.98 21.98
N TYR D 172 -7.05 1.72 21.31
CA TYR D 172 -6.85 3.16 21.09
C TYR D 172 -6.68 3.89 22.42
N LEU D 173 -7.57 3.61 23.37
CA LEU D 173 -7.54 4.28 24.68
C LEU D 173 -6.35 3.86 25.54
N MET D 174 -6.02 2.56 25.51
CA MET D 174 -4.83 2.06 26.18
C MET D 174 -3.61 2.81 25.65
N GLY D 175 -3.45 2.80 24.32
CA GLY D 175 -2.39 3.54 23.64
C GLY D 175 -2.26 5.00 24.06
N GLU D 176 -3.39 5.65 24.31
CA GLU D 176 -3.40 7.06 24.72
C GLU D 176 -2.90 7.27 26.15
N ARG D 177 -3.23 6.34 27.05
CA ARG D 177 -2.75 6.37 28.44
C ARG D 177 -1.25 6.12 28.51
N LEU D 178 -0.72 5.33 27.58
CA LEU D 178 0.67 4.89 27.64
C LEU D 178 1.60 5.62 26.67
N GLY D 179 1.02 6.46 25.82
CA GLY D 179 1.78 7.15 24.78
C GLY D 179 2.47 6.18 23.84
N VAL D 180 1.72 5.15 23.43
CA VAL D 180 2.21 4.13 22.50
C VAL D 180 1.13 3.88 21.45
N HIS D 181 1.54 3.62 20.21
CA HIS D 181 0.62 3.27 19.13
C HIS D 181 -0.19 2.02 19.50
N PRO D 182 -1.52 2.05 19.27
CA PRO D 182 -2.40 0.93 19.60
C PRO D 182 -1.93 -0.45 19.10
N LEU D 183 -1.15 -0.46 18.02
CA LEU D 183 -0.59 -1.71 17.47
C LEU D 183 0.40 -2.39 18.41
N SER D 184 1.00 -1.61 19.31
CA SER D 184 1.93 -2.16 20.30
C SER D 184 1.24 -2.32 21.65
N CYS D 185 0.00 -1.86 21.74
CA CYS D 185 -0.81 -2.01 22.94
C CYS D 185 -1.78 -3.17 22.77
N HIS D 186 -1.41 -4.33 23.29
CA HIS D 186 -2.21 -5.53 23.14
C HIS D 186 -3.17 -5.69 24.30
N GLY D 187 -4.40 -6.08 23.97
CA GLY D 187 -5.49 -6.15 24.94
C GLY D 187 -6.71 -6.70 24.26
N TRP D 188 -7.49 -7.50 24.99
CA TRP D 188 -8.59 -8.25 24.39
C TRP D 188 -9.89 -8.05 25.14
N VAL D 189 -10.90 -7.58 24.41
CA VAL D 189 -12.27 -7.50 24.93
C VAL D 189 -13.04 -8.64 24.27
N LEU D 190 -13.66 -9.49 25.09
CA LEU D 190 -14.34 -10.69 24.60
C LEU D 190 -15.80 -10.79 25.07
N GLY D 191 -16.41 -11.93 24.81
CA GLY D 191 -17.79 -12.18 25.23
C GLY D 191 -18.82 -11.61 24.26
N GLU D 192 -19.86 -11.01 24.83
CA GLU D 192 -20.95 -10.42 24.05
C GLU D 192 -20.62 -8.99 23.62
N HIS D 193 -20.78 -8.72 22.33
CA HIS D 193 -20.49 -7.40 21.77
C HIS D 193 -21.34 -6.30 22.39
N GLY D 194 -20.68 -5.21 22.78
CA GLY D 194 -21.37 -4.02 23.24
C GLY D 194 -21.28 -3.78 24.74
N ASP D 195 -22.45 -3.57 25.35
CA ASP D 195 -22.54 -3.16 26.75
C ASP D 195 -22.00 -4.20 27.74
N SER D 196 -22.21 -5.47 27.43
CA SER D 196 -21.89 -6.58 28.33
C SER D 196 -20.53 -7.20 28.06
N SER D 197 -19.71 -6.53 27.25
CA SER D 197 -18.40 -7.06 26.86
C SER D 197 -17.44 -7.21 28.04
N VAL D 198 -16.46 -8.09 27.87
CA VAL D 198 -15.53 -8.44 28.95
C VAL D 198 -14.09 -8.10 28.56
N PRO D 199 -13.48 -7.14 29.27
CA PRO D 199 -12.04 -6.89 29.11
C PRO D 199 -11.22 -7.93 29.87
N VAL D 200 -10.24 -8.54 29.20
CA VAL D 200 -9.38 -9.55 29.82
C VAL D 200 -8.09 -8.91 30.30
N TRP D 201 -8.07 -8.51 31.57
CA TRP D 201 -6.95 -7.76 32.14
C TRP D 201 -5.62 -8.50 32.12
N SER D 202 -5.67 -9.83 32.28
CA SER D 202 -4.47 -10.67 32.30
C SER D 202 -3.70 -10.67 30.96
N GLY D 203 -4.41 -10.36 29.88
CA GLY D 203 -3.82 -10.35 28.55
C GLY D 203 -3.15 -9.04 28.18
N MET D 204 -3.58 -7.95 28.80
CA MET D 204 -3.08 -6.61 28.48
C MET D 204 -1.59 -6.51 28.76
N ASN D 205 -0.84 -6.09 27.73
CA ASN D 205 0.61 -6.05 27.81
C ASN D 205 1.22 -5.19 26.71
N VAL D 206 2.36 -4.56 27.03
CA VAL D 206 3.23 -3.98 26.01
C VAL D 206 4.53 -4.78 25.99
N ALA D 207 4.93 -5.24 24.81
CA ALA D 207 6.17 -6.01 24.63
C ALA D 207 6.23 -7.29 25.46
N GLY D 208 5.06 -7.90 25.71
CA GLY D 208 4.98 -9.11 26.51
C GLY D 208 5.17 -8.87 28.00
N VAL D 209 5.11 -7.61 28.42
CA VAL D 209 5.14 -7.25 29.84
C VAL D 209 3.71 -7.03 30.30
N SER D 210 3.20 -7.97 31.10
CA SER D 210 1.83 -7.89 31.61
C SER D 210 1.64 -6.70 32.53
N LEU D 211 0.60 -5.93 32.26
CA LEU D 211 0.24 -4.77 33.07
C LEU D 211 -0.26 -5.19 34.45
N LYS D 212 -1.04 -6.28 34.50
CA LYS D 212 -1.59 -6.80 35.76
C LYS D 212 -0.50 -7.35 36.69
N THR D 213 0.55 -7.95 36.11
CA THR D 213 1.70 -8.41 36.89
C THR D 213 2.42 -7.23 37.52
N LEU D 214 2.64 -6.18 36.74
CA LEU D 214 3.23 -4.92 37.23
C LEU D 214 2.33 -4.23 38.24
N HIS D 215 1.02 -4.38 38.06
CA HIS D 215 0.02 -3.63 38.81
C HIS D 215 -1.18 -4.51 39.11
N PRO D 216 -1.15 -5.24 40.25
CA PRO D 216 -2.18 -6.23 40.62
C PRO D 216 -3.61 -5.68 40.78
N ASP D 217 -3.74 -4.42 41.17
CA ASP D 217 -5.06 -3.80 41.35
C ASP D 217 -5.73 -3.40 40.01
N LEU D 218 -5.02 -3.61 38.91
CA LEU D 218 -5.54 -3.32 37.57
C LEU D 218 -6.91 -3.96 37.32
N GLY D 219 -7.90 -3.12 37.05
CA GLY D 219 -9.25 -3.61 36.72
C GLY D 219 -10.13 -3.91 37.92
N THR D 220 -9.58 -3.75 39.12
CA THR D 220 -10.34 -3.94 40.36
C THR D 220 -11.00 -2.63 40.76
N ASP D 221 -11.64 -2.62 41.93
CA ASP D 221 -12.26 -1.41 42.46
C ASP D 221 -11.28 -0.53 43.24
N LYS D 222 -10.20 -1.15 43.73
CA LYS D 222 -9.21 -0.43 44.53
C LYS D 222 -8.02 0.12 43.71
N ASP D 223 -8.15 0.10 42.39
CA ASP D 223 -7.16 0.71 41.51
C ASP D 223 -7.22 2.24 41.64
N LYS D 224 -6.09 2.84 41.99
CA LYS D 224 -6.00 4.29 42.19
C LYS D 224 -5.93 5.04 40.88
N GLU D 225 -5.47 4.35 39.83
CA GLU D 225 -5.43 4.91 38.48
C GLU D 225 -6.70 4.55 37.70
N GLN D 226 -7.62 3.84 38.37
CA GLN D 226 -8.94 3.49 37.83
C GLN D 226 -8.90 3.01 36.37
N TRP D 227 -8.08 1.99 36.10
CA TRP D 227 -7.92 1.44 34.76
C TRP D 227 -9.19 0.74 34.25
N LYS D 228 -10.09 0.41 35.17
CA LYS D 228 -11.40 -0.14 34.84
C LYS D 228 -12.20 0.85 33.99
N GLU D 229 -11.87 2.13 34.12
CA GLU D 229 -12.54 3.21 33.41
C GLU D 229 -12.34 3.15 31.89
N VAL D 230 -11.22 2.55 31.48
CA VAL D 230 -10.88 2.40 30.07
C VAL D 230 -11.94 1.58 29.32
N HIS D 231 -12.41 0.49 29.93
CA HIS D 231 -13.50 -0.29 29.35
C HIS D 231 -14.84 0.45 29.44
N LYS D 232 -15.03 1.19 30.53
CA LYS D 232 -16.23 2.01 30.69
C LYS D 232 -16.32 3.06 29.57
N GLN D 233 -15.17 3.67 29.25
CA GLN D 233 -15.08 4.67 28.19
C GLN D 233 -15.38 4.08 26.81
N VAL D 234 -14.95 2.84 26.59
CA VAL D 234 -15.29 2.12 25.36
C VAL D 234 -16.80 2.16 25.13
N VAL D 235 -17.56 1.76 26.15
CA VAL D 235 -19.02 1.78 26.10
C VAL D 235 -19.56 3.21 25.93
N GLU D 236 -19.09 4.12 26.79
CA GLU D 236 -19.53 5.51 26.76
C GLU D 236 -19.32 6.18 25.41
N SER D 237 -18.13 5.98 24.84
CA SER D 237 -17.77 6.60 23.55
C SER D 237 -18.65 6.10 22.40
N ALA D 238 -19.12 4.85 22.50
CA ALA D 238 -20.04 4.30 21.51
C ALA D 238 -21.33 5.12 21.47
N TYR D 239 -21.88 5.40 22.64
CA TYR D 239 -23.10 6.20 22.76
C TYR D 239 -22.87 7.65 22.41
N GLU D 240 -21.69 8.16 22.73
CA GLU D 240 -21.34 9.56 22.46
C GLU D 240 -21.20 9.85 20.97
N VAL D 241 -20.66 8.89 20.21
CA VAL D 241 -20.59 9.04 18.74
C VAL D 241 -21.99 9.17 18.16
N ILE D 242 -22.89 8.28 18.57
CA ILE D 242 -24.29 8.30 18.13
C ILE D 242 -24.96 9.62 18.52
N LYS D 243 -24.70 10.09 19.73
CA LYS D 243 -25.20 11.38 20.20
C LYS D 243 -24.75 12.53 19.30
N LEU D 244 -23.45 12.53 18.96
CA LEU D 244 -22.83 13.66 18.28
C LEU D 244 -23.07 13.76 16.77
N LYS D 245 -22.96 12.63 16.06
CA LYS D 245 -23.09 12.64 14.60
C LYS D 245 -24.23 11.74 14.07
N GLY D 246 -24.88 11.01 14.96
CA GLY D 246 -26.06 10.21 14.58
C GLY D 246 -25.80 8.76 14.21
N TYR D 247 -24.54 8.42 13.96
CA TYR D 247 -24.16 7.06 13.54
C TYR D 247 -22.65 6.83 13.69
N THR D 248 -22.22 5.59 13.60
CA THR D 248 -20.80 5.25 13.51
C THR D 248 -20.50 4.71 12.11
N SER D 249 -19.32 5.01 11.59
CA SER D 249 -18.98 4.60 10.23
C SER D 249 -17.52 4.19 10.05
N TRP D 250 -16.61 5.13 10.29
CA TRP D 250 -15.21 4.94 9.90
C TRP D 250 -14.51 3.81 10.65
N ALA D 251 -14.55 3.86 11.99
CA ALA D 251 -13.97 2.81 12.84
C ALA D 251 -14.48 1.41 12.53
N ILE D 252 -15.80 1.24 12.43
CA ILE D 252 -16.37 -0.07 12.13
C ILE D 252 -16.00 -0.52 10.71
N GLY D 253 -16.11 0.40 9.75
CA GLY D 253 -15.67 0.16 8.38
C GLY D 253 -14.23 -0.32 8.30
N LEU D 254 -13.35 0.34 9.06
CA LEU D 254 -11.92 0.01 9.07
C LEU D 254 -11.62 -1.35 9.69
N SER D 255 -12.33 -1.69 10.76
CA SER D 255 -12.16 -2.97 11.43
C SER D 255 -12.67 -4.13 10.56
N VAL D 256 -13.77 -3.89 9.85
CA VAL D 256 -14.31 -4.89 8.93
C VAL D 256 -13.32 -5.19 7.80
N ALA D 257 -12.71 -4.15 7.25
CA ALA D 257 -11.68 -4.29 6.21
C ALA D 257 -10.48 -5.12 6.68
N ASP D 258 -10.14 -4.98 7.96
CA ASP D 258 -9.03 -5.72 8.56
C ASP D 258 -9.30 -7.23 8.62
N LEU D 259 -10.56 -7.59 8.92
CA LEU D 259 -10.98 -8.98 8.92
C LEU D 259 -10.97 -9.52 7.50
N ALA D 260 -11.58 -8.76 6.60
CA ALA D 260 -11.59 -9.07 5.17
C ALA D 260 -10.17 -9.28 4.63
N GLU D 261 -9.21 -8.50 5.13
CA GLU D 261 -7.82 -8.69 4.71
C GLU D 261 -7.35 -10.09 5.10
N SER D 262 -7.46 -10.42 6.38
CA SER D 262 -7.09 -11.73 6.90
C SER D 262 -7.71 -12.88 6.09
N ILE D 263 -9.01 -12.77 5.84
CA ILE D 263 -9.78 -13.79 5.13
C ILE D 263 -9.34 -13.94 3.67
N MET D 264 -9.32 -12.82 2.94
CA MET D 264 -9.03 -12.82 1.51
C MET D 264 -7.58 -13.20 1.18
N LYS D 265 -6.68 -12.90 2.10
CA LYS D 265 -5.26 -13.18 1.89
C LYS D 265 -4.78 -14.45 2.61
N ASN D 266 -5.71 -15.12 3.29
CA ASN D 266 -5.42 -16.34 4.06
C ASN D 266 -4.27 -16.14 5.06
N LEU D 267 -4.33 -15.06 5.82
CA LEU D 267 -3.23 -14.68 6.70
C LEU D 267 -3.08 -15.55 7.94
N ARG D 268 -4.21 -16.01 8.49
CA ARG D 268 -4.22 -16.74 9.76
C ARG D 268 -3.77 -15.84 10.92
N ARG D 269 -4.23 -14.58 10.90
CA ARG D 269 -4.04 -13.66 12.03
C ARG D 269 -5.13 -13.94 13.06
N VAL D 270 -4.90 -13.52 14.29
CA VAL D 270 -5.88 -13.72 15.37
C VAL D 270 -6.74 -12.47 15.58
N HIS D 271 -8.06 -12.66 15.59
CA HIS D 271 -9.01 -11.54 15.73
C HIS D 271 -10.13 -11.86 16.72
N PRO D 272 -10.56 -10.85 17.49
CA PRO D 272 -11.72 -11.05 18.36
C PRO D 272 -13.00 -10.98 17.53
N VAL D 273 -13.53 -12.15 17.18
CA VAL D 273 -14.75 -12.25 16.40
C VAL D 273 -15.68 -13.29 17.01
N SER D 274 -16.98 -13.12 16.76
CA SER D 274 -17.99 -14.01 17.30
C SER D 274 -18.03 -15.34 16.55
N THR D 275 -17.94 -16.43 17.30
CA THR D 275 -18.06 -17.79 16.76
C THR D 275 -18.82 -18.64 17.79
N MET D 276 -19.23 -19.85 17.42
CA MET D 276 -19.94 -20.70 18.37
C MET D 276 -19.02 -21.20 19.49
N ILE D 277 -19.37 -20.84 20.72
CA ILE D 277 -18.54 -21.14 21.90
C ILE D 277 -19.06 -22.36 22.68
N LYS D 278 -19.94 -23.14 22.05
CA LYS D 278 -20.45 -24.37 22.65
C LYS D 278 -19.32 -25.37 22.85
N GLY D 279 -19.06 -25.71 24.12
CA GLY D 279 -17.97 -26.60 24.49
C GLY D 279 -16.88 -25.88 25.28
N LEU D 280 -17.04 -24.57 25.45
CA LEU D 280 -16.09 -23.75 26.19
C LEU D 280 -16.76 -23.06 27.36
N TYR D 281 -16.00 -22.85 28.44
CA TYR D 281 -16.45 -22.12 29.63
C TYR D 281 -17.80 -22.61 30.19
N GLY D 282 -17.98 -23.93 30.19
CA GLY D 282 -19.19 -24.56 30.71
C GLY D 282 -20.45 -24.22 29.94
N ILE D 283 -20.30 -23.77 28.69
CA ILE D 283 -21.43 -23.44 27.84
C ILE D 283 -21.79 -24.63 26.95
N LYS D 284 -23.06 -25.02 26.98
CA LYS D 284 -23.54 -26.20 26.26
C LYS D 284 -24.56 -25.88 25.17
N ASP D 285 -25.03 -24.63 25.13
CA ASP D 285 -26.03 -24.19 24.14
C ASP D 285 -25.40 -23.65 22.86
N ASP D 286 -26.22 -23.49 21.82
CA ASP D 286 -25.75 -23.00 20.51
C ASP D 286 -25.69 -21.47 20.45
N VAL D 287 -24.62 -20.92 21.03
CA VAL D 287 -24.45 -19.46 21.09
C VAL D 287 -23.11 -19.00 20.51
N PHE D 288 -23.13 -17.79 19.95
CA PHE D 288 -21.95 -17.18 19.37
C PHE D 288 -21.45 -16.03 20.25
N LEU D 289 -20.20 -16.14 20.70
CA LEU D 289 -19.56 -15.08 21.47
C LEU D 289 -18.15 -14.85 20.93
N SER D 290 -17.59 -13.68 21.20
CA SER D 290 -16.25 -13.37 20.72
C SER D 290 -15.15 -14.04 21.52
N VAL D 291 -14.26 -14.72 20.80
CA VAL D 291 -12.99 -15.22 21.34
C VAL D 291 -11.92 -14.95 20.28
N PRO D 292 -10.64 -15.02 20.65
CA PRO D 292 -9.62 -14.83 19.63
C PRO D 292 -9.62 -15.99 18.64
N CYS D 293 -9.87 -15.66 17.37
CA CYS D 293 -9.99 -16.65 16.31
C CYS D 293 -8.90 -16.47 15.25
N ILE D 294 -8.40 -17.58 14.72
CA ILE D 294 -7.46 -17.58 13.60
C ILE D 294 -8.26 -17.46 12.30
N LEU D 295 -8.02 -16.38 11.54
CA LEU D 295 -8.80 -16.07 10.33
C LEU D 295 -8.05 -16.28 9.01
N GLY D 296 -8.64 -17.08 8.13
CA GLY D 296 -8.05 -17.34 6.80
C GLY D 296 -9.07 -17.66 5.73
N GLN D 297 -8.59 -18.23 4.61
CA GLN D 297 -9.44 -18.51 3.45
C GLN D 297 -10.58 -19.50 3.72
N ASN D 298 -10.52 -20.19 4.85
CA ASN D 298 -11.58 -21.11 5.27
C ASN D 298 -12.54 -20.45 6.24
N GLY D 299 -12.22 -19.22 6.64
CA GLY D 299 -12.97 -18.49 7.66
C GLY D 299 -12.27 -18.60 9.00
N ILE D 300 -13.00 -19.09 10.00
CA ILE D 300 -12.43 -19.36 11.32
C ILE D 300 -11.97 -20.80 11.37
N SER D 301 -10.70 -21.04 11.05
CA SER D 301 -10.14 -22.39 11.04
C SER D 301 -9.81 -22.90 12.44
N ASP D 302 -9.54 -21.96 13.36
CA ASP D 302 -9.06 -22.31 14.70
C ASP D 302 -9.46 -21.22 15.68
N LEU D 303 -9.52 -21.55 16.96
CA LEU D 303 -9.79 -20.54 17.99
C LEU D 303 -8.89 -20.72 19.23
N VAL D 304 -8.48 -19.59 19.78
CA VAL D 304 -7.60 -19.57 20.95
C VAL D 304 -8.40 -19.75 22.24
N LYS D 305 -7.99 -20.73 23.03
CA LYS D 305 -8.62 -21.01 24.33
C LYS D 305 -7.98 -20.15 25.41
N VAL D 306 -8.66 -19.05 25.75
CA VAL D 306 -8.18 -18.10 26.73
C VAL D 306 -8.53 -18.55 28.14
N THR D 307 -7.54 -18.55 29.03
CA THR D 307 -7.79 -18.80 30.44
C THR D 307 -8.44 -17.55 31.02
N LEU D 308 -9.59 -17.74 31.66
CA LEU D 308 -10.34 -16.63 32.25
C LEU D 308 -10.48 -16.79 33.76
N THR D 309 -10.52 -15.66 34.46
CA THR D 309 -10.79 -15.66 35.90
C THR D 309 -12.24 -16.07 36.14
N SER D 310 -12.57 -16.39 37.39
CA SER D 310 -13.93 -16.80 37.75
C SER D 310 -14.99 -15.76 37.40
N GLU D 311 -14.67 -14.49 37.65
CA GLU D 311 -15.58 -13.37 37.35
C GLU D 311 -15.85 -13.21 35.85
N GLU D 312 -14.79 -13.36 35.04
CA GLU D 312 -14.87 -13.20 33.58
C GLU D 312 -15.68 -14.35 32.96
N GLU D 313 -15.44 -15.55 33.47
CA GLU D 313 -16.17 -16.74 33.05
C GLU D 313 -17.66 -16.63 33.35
N ALA D 314 -17.99 -16.09 34.53
CA ALA D 314 -19.39 -15.90 34.93
C ALA D 314 -20.13 -14.91 34.03
N ARG D 315 -19.41 -13.90 33.55
CA ARG D 315 -19.99 -12.87 32.69
C ARG D 315 -20.31 -13.40 31.29
N LEU D 316 -19.45 -14.28 30.76
CA LEU D 316 -19.70 -14.93 29.47
C LEU D 316 -20.86 -15.91 29.57
N LYS D 317 -20.88 -16.69 30.65
CA LYS D 317 -21.95 -17.64 30.92
C LYS D 317 -23.28 -16.90 31.06
N LYS D 318 -23.28 -15.83 31.85
CA LYS D 318 -24.41 -14.92 31.97
C LYS D 318 -24.93 -14.49 30.59
N SER D 319 -24.00 -14.01 29.75
CA SER D 319 -24.33 -13.58 28.39
C SER D 319 -24.91 -14.73 27.57
N ALA D 320 -24.28 -15.91 27.66
CA ALA D 320 -24.71 -17.10 26.93
C ALA D 320 -26.13 -17.52 27.30
N ASP D 321 -26.44 -17.48 28.60
CA ASP D 321 -27.78 -17.81 29.10
C ASP D 321 -28.86 -16.90 28.52
N THR D 322 -28.60 -15.59 28.55
CA THR D 322 -29.57 -14.60 28.09
C THR D 322 -29.74 -14.61 26.57
N LEU D 323 -28.66 -14.92 25.85
CA LEU D 323 -28.72 -15.03 24.39
C LEU D 323 -29.53 -16.26 23.98
N TRP D 324 -29.21 -17.40 24.58
CA TRP D 324 -29.93 -18.64 24.31
C TRP D 324 -31.42 -18.51 24.65
N GLY D 325 -31.72 -17.80 25.74
CA GLY D 325 -33.09 -17.53 26.16
C GLY D 325 -33.93 -16.84 25.10
N ILE D 326 -33.28 -15.95 24.33
CA ILE D 326 -33.94 -15.26 23.23
C ILE D 326 -34.05 -16.17 22.00
N GLN D 327 -32.97 -16.89 21.71
CA GLN D 327 -32.87 -17.70 20.48
C GLN D 327 -33.73 -18.96 20.48
N LYS D 328 -33.93 -19.56 21.65
CA LYS D 328 -34.76 -20.77 21.75
C LYS D 328 -36.23 -20.48 21.43
N GLU D 329 -36.59 -19.20 21.47
CA GLU D 329 -37.95 -18.76 21.15
C GLU D 329 -38.07 -18.15 19.74
N LEU D 330 -37.07 -18.38 18.91
CA LEU D 330 -37.08 -17.89 17.53
C LEU D 330 -37.71 -18.91 16.59
N GLN D 331 -38.75 -18.48 15.88
CA GLN D 331 -39.36 -19.30 14.83
C GLN D 331 -38.79 -18.93 13.47
N PHE D 332 -38.54 -19.93 12.64
CA PHE D 332 -38.04 -19.72 11.28
C PHE D 332 -39.11 -20.11 10.25
PA NAD E . 21.56 -15.78 -13.77
O1A NAD E . 22.19 -15.21 -12.52
O2A NAD E . 22.34 -16.64 -14.75
O5B NAD E . 20.21 -16.57 -13.30
C5B NAD E . 19.78 -17.67 -14.09
C4B NAD E . 19.23 -18.73 -13.15
O4B NAD E . 18.54 -19.71 -13.92
C3B NAD E . 20.35 -19.44 -12.44
O3B NAD E . 20.15 -19.30 -11.03
C2B NAD E . 20.20 -20.87 -12.84
O2B NAD E . 20.40 -21.77 -11.74
C1B NAD E . 18.76 -20.94 -13.26
N9A NAD E . 18.55 -22.07 -14.13
C8A NAD E . 19.33 -22.47 -15.18
N7A NAD E . 18.85 -23.56 -15.74
C5A NAD E . 17.73 -23.88 -15.01
C6A NAD E . 16.81 -24.91 -15.13
N6A NAD E . 16.93 -25.88 -16.13
N1A NAD E . 15.80 -24.94 -14.26
C2A NAD E . 15.73 -23.99 -13.32
N3A NAD E . 16.54 -22.95 -13.11
C4A NAD E . 17.53 -22.96 -14.00
O3 NAD E . 20.86 -14.59 -14.63
PN NAD E . 19.85 -13.39 -14.15
O1N NAD E . 18.89 -13.92 -13.11
O2N NAD E . 20.66 -12.15 -13.92
O5D NAD E . 19.07 -13.20 -15.57
C5D NAD E . 18.15 -14.23 -15.93
C4D NAD E . 17.63 -13.97 -17.32
O4D NAD E . 16.83 -12.77 -17.32
C3D NAD E . 18.77 -13.74 -18.27
O3D NAD E . 18.55 -14.61 -19.38
C2D NAD E . 18.64 -12.31 -18.70
O2D NAD E . 19.00 -12.16 -20.06
C1D NAD E . 17.16 -12.08 -18.51
N1N NAD E . 16.83 -10.65 -18.42
C2N NAD E . 15.79 -10.22 -19.13
C3N NAD E . 15.43 -8.89 -19.07
C7N NAD E . 14.29 -8.40 -19.85
O7N NAD E . 14.01 -7.21 -19.85
N7N NAD E . 13.62 -9.38 -20.53
C4N NAD E . 16.15 -8.01 -18.28
C5N NAD E . 17.22 -8.50 -17.56
C6N NAD E . 17.54 -9.84 -17.64
S SO4 F . -2.02 10.53 -16.58
O1 SO4 F . -1.42 9.24 -16.26
O2 SO4 F . -2.99 10.89 -15.55
O3 SO4 F . -2.69 10.45 -17.88
O4 SO4 F . -0.97 11.55 -16.63
S SO4 G . 0.48 4.61 -19.19
O1 SO4 G . 1.31 3.42 -19.06
O2 SO4 G . -0.93 4.23 -19.30
O3 SO4 G . 0.87 5.36 -20.39
O4 SO4 G . 0.66 5.45 -18.00
S SO4 H . -2.95 -20.17 -30.97
O1 SO4 H . -3.20 -21.59 -30.67
O2 SO4 H . -1.98 -19.65 -30.01
O3 SO4 H . -4.20 -19.41 -30.87
O4 SO4 H . -2.41 -20.05 -32.32
C4 GN0 I . 22.84 -8.91 -19.81
C5 GN0 I . 21.62 -8.47 -19.35
C6 GN0 I . 21.12 -8.99 -18.16
C8 GN0 I . 20.80 -7.45 -20.06
C9 GN0 I . 21.58 -6.84 -21.15
C10 GN0 I . 21.58 -7.25 -22.47
C12 GN0 I . 23.07 -5.33 -22.16
C13 GN0 I . 22.45 -5.72 -21.00
C3 GN0 I . 23.55 -9.84 -19.11
C1 GN0 I . 21.83 -9.93 -17.47
C2 GN0 I . 23.06 -10.36 -17.92
N7 GN0 I . 23.77 -11.34 -17.20
S11 GN0 I . 22.60 -6.33 -23.47
N14 GN0 I . 20.42 -6.37 -19.20
C15 GN0 I . 19.30 -5.59 -19.43
C16 GN0 I . 18.48 -5.98 -20.60
C17 GN0 I . 18.59 -7.20 -21.13
C18 GN0 I . 19.57 -8.17 -20.59
O19 GN0 I . 17.98 -7.72 -22.09
O20 GN0 I . 18.95 -4.65 -18.74
S21 GN0 I . 17.35 -4.82 -21.15
C22 GN0 I . 18.08 -4.06 -22.57
C23 GN0 I . 19.23 -4.54 -23.17
C24 GN0 I . 19.76 -3.90 -24.27
C25 GN0 I . 19.14 -2.77 -24.78
C26 GN0 I . 18.00 -2.28 -24.19
C27 GN0 I . 17.47 -2.93 -23.08
CL GN0 I . 16.04 -2.32 -22.33
C29 GN0 I . 23.43 -11.59 -15.80
C30 GN0 I . 24.72 -11.86 -14.93
O31 GN0 I . 25.51 -12.82 -15.73
C32 GN0 I . 26.03 -12.14 -16.90
C33 GN0 I . 24.83 -12.07 -17.85
PA NAD J . 29.15 -6.54 2.07
O1A NAD J . 28.24 -6.35 0.88
O2A NAD J . 30.35 -7.46 1.98
O5B NAD J . 29.75 -5.10 2.56
C5B NAD J . 28.87 -4.00 2.64
C4B NAD J . 29.42 -2.80 1.88
O4B NAD J . 30.17 -1.94 2.75
C3B NAD J . 30.36 -3.18 0.75
O3B NAD J . 29.72 -2.86 -0.47
C2B NAD J . 31.54 -2.28 0.93
O2B NAD J . 31.92 -1.70 -0.30
C1B NAD J . 30.97 -1.22 1.83
N9A NAD J . 31.99 -0.42 2.51
C8A NAD J . 33.17 -0.87 3.05
N7A NAD J . 33.85 0.11 3.58
C5A NAD J . 33.10 1.24 3.36
C6A NAD J . 33.33 2.56 3.70
N6A NAD J . 34.49 2.95 4.37
N1A NAD J . 32.40 3.45 3.35
C2A NAD J . 31.31 3.01 2.70
N3A NAD J . 30.98 1.77 2.33
C4A NAD J . 31.94 0.93 2.69
O3 NAD J . 28.27 -6.95 3.37
PN NAD J . 26.67 -7.26 3.53
O1N NAD J . 25.90 -6.12 2.92
O2N NAD J . 26.38 -8.69 3.16
O5D NAD J . 26.60 -7.14 5.17
C5D NAD J . 26.94 -5.88 5.74
C4D NAD J . 26.97 -5.97 7.26
O4D NAD J . 25.65 -6.15 7.77
C3D NAD J . 27.80 -7.16 7.71
O3D NAD J . 28.74 -6.65 8.66
C2D NAD J . 26.82 -8.05 8.42
O2D NAD J . 27.44 -8.66 9.55
C1D NAD J . 25.74 -7.08 8.86
N1N NAD J . 24.48 -7.76 9.08
C2N NAD J . 23.82 -7.49 10.20
C3N NAD J . 22.62 -8.11 10.46
C7N NAD J . 21.88 -7.83 11.69
O7N NAD J . 20.82 -8.40 11.93
N7N NAD J . 22.49 -6.91 12.50
C4N NAD J . 22.10 -9.01 9.55
C5N NAD J . 22.80 -9.27 8.39
C6N NAD J . 24.00 -8.62 8.17
S SO4 K . 4.10 -6.65 18.13
O1 SO4 K . 3.66 -7.36 16.94
O2 SO4 K . 4.14 -7.57 19.28
O3 SO4 K . 5.44 -6.10 17.91
O4 SO4 K . 3.18 -5.56 18.42
S SO4 L . 23.97 10.80 26.13
O1 SO4 L . 23.89 9.82 25.04
O2 SO4 L . 24.28 10.12 27.38
O3 SO4 L . 25.02 11.77 25.83
O4 SO4 L . 22.68 11.49 26.26
C4 GN0 M . 27.63 -13.23 8.44
C5 GN0 M . 26.34 -12.71 8.44
C6 GN0 M . 25.92 -11.96 7.37
C8 GN0 M . 25.38 -12.94 9.57
C9 GN0 M . 25.83 -14.08 10.40
C10 GN0 M . 26.62 -13.99 11.54
C12 GN0 M . 26.01 -16.32 11.04
C13 GN0 M . 25.49 -15.44 10.13
C3 GN0 M . 28.46 -12.98 7.37
C1 GN0 M . 26.76 -11.72 6.31
C2 GN0 M . 28.04 -12.23 6.30
N7 GN0 M . 28.88 -11.96 5.19
S11 GN0 M . 26.93 -15.52 12.25
N14 GN0 M . 24.08 -13.31 9.07
C15 GN0 M . 22.93 -13.10 9.78
C16 GN0 M . 23.07 -12.40 11.07
C17 GN0 M . 24.18 -11.71 11.35
C18 GN0 M . 25.31 -11.66 10.37
O19 GN0 M . 24.50 -11.06 12.35
O20 GN0 M . 21.81 -13.43 9.39
S21 GN0 M . 21.71 -12.49 12.13
C22 GN0 M . 22.17 -13.67 13.36
C23 GN0 M . 23.46 -14.15 13.45
C24 GN0 M . 23.80 -15.07 14.42
C25 GN0 M . 22.84 -15.51 15.31
C26 GN0 M . 21.56 -15.03 15.24
C27 GN0 M . 21.22 -14.11 14.26
CL GN0 M . 19.59 -13.52 14.20
C29 GN0 M . 28.54 -10.89 4.28
C30 GN0 M . 28.85 -11.32 2.85
O31 GN0 M . 30.22 -11.73 2.82
C32 GN0 M . 30.29 -12.99 3.49
C33 GN0 M . 30.08 -12.76 4.98
PA NAD N . -22.19 20.17 3.23
O1A NAD N . -22.59 18.81 3.77
O2A NAD N . -23.13 21.35 3.29
O5B NAD N . -20.76 20.55 3.94
C5B NAD N . -20.47 21.91 4.20
C4B NAD N . -19.73 21.98 5.53
O4B NAD N . -19.06 23.23 5.64
C3B NAD N . -20.73 21.89 6.66
O3B NAD N . -20.34 20.83 7.53
C2B NAD N . -20.59 23.22 7.36
O2B NAD N . -20.72 23.06 8.77
C1B NAD N . -19.18 23.61 7.01
N9A NAD N . -18.98 25.04 7.20
C8A NAD N . -19.83 26.04 6.88
N7A NAD N . -19.34 27.22 7.20
C5A NAD N . -18.12 26.95 7.77
C6A NAD N . -17.16 27.79 8.30
N6A NAD N . -17.34 29.18 8.33
N1A NAD N . -16.05 27.22 8.80
C2A NAD N . -15.94 25.90 8.74
N3A NAD N . -16.79 24.99 8.25
C4A NAD N . -17.87 25.60 7.78
O3 NAD N . -21.65 19.98 1.70
PN NAD N . -20.74 18.73 1.15
O1N NAD N . -21.23 17.98 -0.08
O2N NAD N . -19.43 18.57 1.99
O5D NAD N . -20.16 19.90 0.15
C5D NAD N . -18.80 20.33 0.27
C4D NAD N . -18.50 21.41 -0.78
O4D NAD N . -17.66 20.83 -1.77
C3D NAD N . -19.75 21.93 -1.48
O3D NAD N . -19.59 23.34 -1.64
C2D NAD N . -19.69 21.32 -2.84
O2D NAD N . -20.22 22.21 -3.81
C1D NAD N . -18.21 21.17 -3.05
N1N NAD N . -17.94 20.12 -4.01
C2N NAD N . -16.98 20.40 -4.89
C3N NAD N . -16.66 19.45 -5.84
C7N NAD N . -15.60 19.77 -6.80
O7N NAD N . -15.43 19.06 -7.78
N7N NAD N . -14.90 20.89 -6.47
C4N NAD N . -17.31 18.23 -5.88
C5N NAD N . -18.30 18.00 -4.94
C6N NAD N . -18.59 18.97 -4.01
S SO4 O . 1.06 36.37 -7.55
O1 SO4 O . 2.35 35.90 -8.05
O2 SO4 O . 0.27 35.23 -7.10
O3 SO4 O . 0.34 37.04 -8.63
O4 SO4 O . 1.26 37.30 -6.43
C4 GN0 P . -24.21 19.59 -5.82
C5 GN0 P . -22.96 19.02 -5.87
C6 GN0 P . -22.39 18.57 -4.70
C8 GN0 P . -22.18 18.84 -7.16
C9 GN0 P . -23.06 19.19 -8.30
C10 GN0 P . -23.25 20.45 -8.83
C12 GN0 P . -24.55 18.75 -10.05
C13 GN0 P . -23.81 18.22 -9.03
C3 GN0 P . -24.88 19.72 -4.62
C1 GN0 P . -23.06 18.70 -3.50
C2 GN0 P . -24.32 19.27 -3.44
N7 GN0 P . -24.97 19.39 -2.19
S11 GN0 P . -24.33 20.45 -10.16
N14 GN0 P . -21.81 17.47 -7.37
C15 GN0 P . -20.73 17.08 -8.15
C16 GN0 P . -19.91 18.17 -8.72
C17 GN0 P . -20.00 19.40 -8.22
C18 GN0 P . -20.93 19.71 -7.10
O19 GN0 P . -19.41 20.46 -8.53
O20 GN0 P . -20.44 15.91 -8.36
S21 GN0 P . -18.85 17.69 -10.00
C22 GN0 P . -19.74 18.20 -11.44
C23 GN0 P . -20.90 18.94 -11.33
C24 GN0 P . -21.59 19.33 -12.45
C25 GN0 P . -21.13 18.98 -13.70
C26 GN0 P . -19.98 18.24 -13.82
C27 GN0 P . -19.28 17.86 -12.70
CL GN0 P . -17.84 16.93 -12.89
C29 GN0 P . -24.27 18.95 -1.00
C30 GN0 P . -25.22 18.42 0.05
O31 GN0 P . -26.22 19.43 0.24
C32 GN0 P . -27.08 19.41 -0.90
C33 GN0 P . -26.31 19.97 -2.11
PA NAD Q . -28.57 2.00 8.45
O1A NAD Q . -28.03 3.34 8.02
O2A NAD Q . -29.98 1.82 8.94
O5B NAD Q . -28.27 0.95 7.23
C5B NAD Q . -29.12 -0.19 7.11
C4B NAD Q . -29.28 -0.52 5.65
O4B NAD Q . -29.83 -1.83 5.50
C3B NAD Q . -30.23 0.45 4.99
O3B NAD Q . -29.58 1.01 3.85
C2B NAD Q . -31.38 -0.42 4.53
O2B NAD Q . -31.91 0.00 3.30
C1B NAD Q . -30.71 -1.76 4.38
N9A NAD Q . -31.66 -2.85 4.37
C8A NAD Q . -32.81 -2.94 5.09
N7A NAD Q . -33.47 -4.06 4.83
C5A NAD Q . -32.69 -4.70 3.88
C6A NAD Q . -32.88 -5.90 3.24
N6A NAD Q . -33.99 -6.68 3.51
N1A NAD Q . -31.94 -6.27 2.35
C2A NAD Q . -30.90 -5.47 2.15
N3A NAD Q . -30.61 -4.29 2.71
C4A NAD Q . -31.57 -3.96 3.58
O3 NAD Q . -27.56 1.39 9.55
PN NAD Q . -25.94 1.54 9.57
O1N NAD Q . -25.47 1.35 8.15
O2N NAD Q . -25.56 2.75 10.40
O5D NAD Q . -25.57 0.22 10.47
C5D NAD Q . -26.01 -1.05 10.03
C4D NAD Q . -25.97 -2.07 11.15
O4D NAD Q . -24.63 -2.25 11.63
C3D NAD Q . -26.82 -1.64 12.34
O3D NAD Q . -27.58 -2.78 12.71
C2D NAD Q . -25.82 -1.35 13.42
O2D NAD Q . -26.36 -1.66 14.70
C1D NAD Q . -24.71 -2.32 13.06
N1N NAD Q . -23.45 -1.94 13.67
C2N NAD Q . -22.67 -2.94 14.10
C3N NAD Q . -21.46 -2.64 14.68
C7N NAD Q . -20.61 -3.74 15.15
O7N NAD Q . -19.74 -3.56 15.99
N7N NAD Q . -20.88 -4.94 14.53
C4N NAD Q . -21.05 -1.34 14.83
C5N NAD Q . -21.88 -0.33 14.38
C6N NAD Q . -23.09 -0.66 13.79
S SO4 R . -2.36 -8.27 17.77
O1 SO4 R . -2.55 -8.22 19.22
O2 SO4 R . -3.04 -9.45 17.22
O3 SO4 R . -0.94 -8.35 17.46
O4 SO4 R . -2.89 -7.05 17.15
C4 GN0 S . -26.32 2.57 17.46
C5 GN0 S . -25.12 2.04 16.98
C6 GN0 S . -24.87 2.09 15.63
C8 GN0 S . -24.09 1.41 17.87
C9 GN0 S . -24.48 1.61 19.28
C10 GN0 S . -25.40 0.83 19.98
C12 GN0 S . -24.45 2.59 21.41
C13 GN0 S . -23.95 2.62 20.13
C3 GN0 S . -27.23 3.14 16.59
C1 GN0 S . -25.78 2.65 14.77
C2 GN0 S . -26.97 3.18 15.23
N7 GN0 S . -27.89 3.75 14.33
S11 GN0 S . -25.60 1.33 21.60
N14 GN0 S . -22.84 2.09 17.71
C15 GN0 S . -21.62 1.49 17.93
C16 GN0 S . -21.66 0.07 18.30
C17 GN0 S . -22.76 -0.66 18.10
C18 GN0 S . -23.97 -0.05 17.50
O19 GN0 S . -22.99 -1.86 18.34
O20 GN0 S . -20.54 2.07 17.81
S21 GN0 S . -20.20 -0.56 18.98
C22 GN0 S . -20.62 -0.56 20.70
C23 GN0 S . -21.91 -0.25 21.10
C24 GN0 S . -22.24 -0.23 22.43
C25 GN0 S . -21.29 -0.53 23.39
C26 GN0 S . -20.00 -0.84 23.00
C27 GN0 S . -19.67 -0.86 21.67
CL GN0 S . -18.04 -1.25 21.23
C29 GN0 S . -27.80 3.42 12.92
C30 GN0 S . -28.10 4.64 12.07
O31 GN0 S . -29.40 5.10 12.49
C32 GN0 S . -29.25 5.77 13.75
C33 GN0 S . -28.92 4.67 14.81
#